data_7X4N
#
_entry.id   7X4N
#
_cell.length_a   82.330
_cell.length_b   80.980
_cell.length_c   117.750
_cell.angle_alpha   90.00
_cell.angle_beta   93.51
_cell.angle_gamma   90.00
#
_symmetry.space_group_name_H-M   'P 1 21 1'
#
loop_
_entity.id
_entity.type
_entity.pdbx_description
1 polymer 'Tubulin alpha-1A chain'
2 polymer 'Tubulin beta chain'
3 polymer DARPin
4 polymer 'Kinesin-like protein'
5 non-polymer "GUANOSINE-5'-TRIPHOSPHATE"
6 non-polymer 'MAGNESIUM ION'
7 non-polymer "GUANOSINE-5'-DIPHOSPHATE"
8 non-polymer 'PHOSPHOAMINOPHOSPHONIC ACID-ADENYLATE ESTER'
#
loop_
_entity_poly.entity_id
_entity_poly.type
_entity_poly.pdbx_seq_one_letter_code
_entity_poly.pdbx_strand_id
1 'polypeptide(L)'
;MRECISIHVGQAGVQIGNACWELYCLEHGIQPDGQMPSDKTIGGGDDSFNTFFSETGAGKHVPRAVFVDLEPTVIDEVRT
GTYRQLFHPEQLITGKEDAANNYARGHYTIGKEIIDLVLDRIRKLADQCTGLQGFSVFHSFGGGTGSGFTSLLMERLSVD
YGKKSKLEFSIYPAPQVSTAVVEPYNSILTTHTTLEHSDCAFMVDNEAIYDICRRNLDIERPTYTNLNRLIGQIVSSITA
SLRFDGALNVDLTEFQTNLVPYPRAHFPLATYAPVISAEKAYHEQLSVAEITNACFEPANQMVKCDPRHGKYMACCLLYR
GDVVPKDVNAAIATIKTKRTIQFVDWCPTGFKVGINYEPPTVVPGGDLAKVQRAVCMLSNTTAIAEAWARLDHKFDLMYA
KRAFVHWYVGEGMEEGEFSEAREDMAALEKDYEEVGVDSVEGEGEEEGEEY
;
A
2 'polypeptide(L)'
;MREIVHIQAGQCGNQIGAKFWEVISDEHGIDPTGSYHGDSDLQLERINVYYNEAAGNKYVPRAILVDLEPGTMDSVRSGP
FGQIFRPDNFVFGQSGAGNNWAKGHYTEGAELVDSVLDVVRKESESCDCLQGFQLTHSLGGGTGSGMGTLLISKIREEYP
DRIMNTFSVVPSPKVSDTVVEPYNATLSVHQLVENTDETYCIDNEALYDICFRTLKLTTPTYGDLNHLVSATMSGVTTCL
RFPGQLNADLRKLAVNMVPFPRLHFFMPGFAPLTSRGSQQYRALTVPELTQQMFDAKNMMAACDPRHGRYLTVAAVFRGR
MSMKEVDEQMLNVQNKNSSYFVEWIPNNVKTAVCDIPPRGLKMSATFIGNSTAIQELFKRISEQFTAMFRRKAFLHWYTG
EGMDEMEFTEAESNMNDLVSEYQQYQDATADEQGEFEEEGEEDEA
;
B
3 'polypeptide(L)'
;DLGKKLLEAARAGQDDEVRVLMANGADVNATDASGLTPLHLAATYGHLEIVEVLLKHGADVSASDLMGSTPLHLAALIGH
LEIVEVLLKHGADVNAVDTWGDTPLRLAAVMGHLKIVEALLKHGADVNAQDKFGKTAYDTSIDNGSEDLAEILQKLNLE
;
C
4 'polypeptide(L)'
;MADTCVQVALRIRPQGNREKLEGSRVCTSVLPNDPQVTIGGDRSFTYDHVFDMPTLQYVVYESCVEKLVDGLFDGYNATV
LAYGQTGSGKTHTMGTAFDAAVTQKEEDLGVIPRAIQHTFRKIAECKAQAIEQGLLEPAFEVSVQFVELYNDDVLDLLSD
DRSMSSSIRIHEDSRGEIVLHGVEQRSVFDMHGTMDILKNGALNRTVAATNMNEQSSRSHAIFTLHLKQQRVAANPLDES
GEQKTGELEMEMLCAKFHFVDLAGSERMKRTGATGDRAKEGISINVGLLALGNVIAALGGANGKVSHVPYRDSKLTRLLQ
DSLGGNSRTLMIACCSPSDSDFVETLNTMKYANRAKEIKNKVVAN
;
E
#
loop_
_chem_comp.id
_chem_comp.type
_chem_comp.name
_chem_comp.formula
ANP non-polymer 'PHOSPHOAMINOPHOSPHONIC ACID-ADENYLATE ESTER' 'C10 H17 N6 O12 P3'
GDP RNA linking GUANOSINE-5'-DIPHOSPHATE 'C10 H15 N5 O11 P2'
GTP non-polymer GUANOSINE-5'-TRIPHOSPHATE 'C10 H16 N5 O14 P3'
MG non-polymer 'MAGNESIUM ION' 'Mg 2'
#
# COMPACT_ATOMS: atom_id res chain seq x y z
N MET A 1 14.92 -46.34 13.53
CA MET A 1 15.27 -44.96 13.78
C MET A 1 15.77 -44.36 12.44
N ARG A 2 15.19 -43.23 12.00
CA ARG A 2 15.82 -42.33 11.03
C ARG A 2 15.14 -40.99 11.35
N GLU A 3 15.92 -39.91 11.46
CA GLU A 3 15.45 -38.74 12.21
C GLU A 3 14.47 -37.86 11.42
N CYS A 4 13.72 -37.02 12.17
CA CYS A 4 12.93 -35.94 11.56
C CYS A 4 13.23 -34.62 12.26
N ILE A 5 13.29 -33.53 11.47
CA ILE A 5 13.49 -32.17 12.01
C ILE A 5 12.29 -31.29 11.72
N SER A 6 11.82 -30.60 12.75
CA SER A 6 10.67 -29.71 12.66
C SER A 6 11.09 -28.23 12.54
N ILE A 7 10.69 -27.57 11.47
CA ILE A 7 10.86 -26.10 11.36
C ILE A 7 9.49 -25.46 11.49
N HIS A 8 9.35 -24.55 12.46
CA HIS A 8 8.11 -23.77 12.61
C HIS A 8 8.31 -22.30 12.22
N VAL A 9 7.59 -21.85 11.20
CA VAL A 9 7.77 -20.55 10.55
C VAL A 9 6.59 -19.63 10.84
N GLY A 10 6.88 -18.44 11.35
CA GLY A 10 5.84 -17.43 11.43
C GLY A 10 4.85 -17.71 12.54
N GLN A 11 4.07 -16.71 12.91
CA GLN A 11 3.32 -16.73 14.17
C GLN A 11 2.54 -18.03 14.34
N ALA A 12 1.69 -18.37 13.37
CA ALA A 12 0.93 -19.60 13.47
C ALA A 12 1.87 -20.78 13.62
N GLY A 13 2.90 -20.85 12.77
CA GLY A 13 3.84 -21.95 12.86
C GLY A 13 4.39 -22.11 14.25
N VAL A 14 4.75 -21.00 14.90
CA VAL A 14 5.43 -21.13 16.17
C VAL A 14 4.46 -21.55 17.26
N GLN A 15 3.27 -20.96 17.27
CA GLN A 15 2.36 -21.28 18.37
C GLN A 15 1.70 -22.64 18.21
N ILE A 16 1.68 -23.17 17.00
CA ILE A 16 1.15 -24.50 16.80
C ILE A 16 2.21 -25.53 17.12
N GLY A 17 3.45 -25.28 16.71
CA GLY A 17 4.54 -26.13 17.12
C GLY A 17 4.75 -26.12 18.62
N ASN A 18 4.49 -25.00 19.27
CA ASN A 18 4.57 -25.01 20.72
C ASN A 18 3.53 -25.93 21.31
N ALA A 19 2.31 -25.92 20.74
CA ALA A 19 1.28 -26.80 21.25
C ALA A 19 1.60 -28.24 20.89
N CYS A 20 2.28 -28.43 19.78
CA CYS A 20 2.61 -29.77 19.35
C CYS A 20 3.65 -30.39 20.27
N TRP A 21 4.72 -29.66 20.56
CA TRP A 21 5.74 -30.27 21.39
C TRP A 21 5.24 -30.45 22.82
N GLU A 22 4.38 -29.55 23.31
CA GLU A 22 3.68 -29.78 24.59
C GLU A 22 3.03 -31.16 24.63
N LEU A 23 2.23 -31.47 23.60
CA LEU A 23 1.53 -32.74 23.55
C LEU A 23 2.50 -33.89 23.30
N TYR A 24 3.54 -33.67 22.49
CA TYR A 24 4.57 -34.69 22.30
C TYR A 24 5.19 -35.06 23.63
N CYS A 25 5.56 -34.05 24.42
CA CYS A 25 6.26 -34.32 25.68
C CYS A 25 5.39 -35.15 26.61
N LEU A 26 4.11 -34.78 26.76
CA LEU A 26 3.17 -35.56 27.55
C LEU A 26 3.07 -37.00 27.07
N GLU A 27 3.12 -37.19 25.74
CA GLU A 27 2.87 -38.50 25.17
C GLU A 27 4.00 -39.48 25.49
N HIS A 28 5.21 -38.99 25.70
CA HIS A 28 6.32 -39.82 26.14
C HIS A 28 6.78 -39.43 27.53
N GLY A 29 5.87 -38.92 28.36
CA GLY A 29 6.15 -38.67 29.76
C GLY A 29 7.42 -37.90 30.01
N ILE A 30 7.80 -37.03 29.06
CA ILE A 30 8.92 -36.10 29.21
C ILE A 30 8.40 -34.79 29.80
N GLN A 31 9.21 -34.18 30.69
CA GLN A 31 8.87 -33.00 31.47
C GLN A 31 9.32 -31.72 30.77
N PRO A 32 8.75 -30.57 31.15
CA PRO A 32 9.08 -29.32 30.44
C PRO A 32 10.53 -28.88 30.61
N ASP A 33 11.36 -29.71 31.23
CA ASP A 33 12.78 -29.39 31.37
C ASP A 33 13.69 -30.36 30.64
N GLY A 34 13.14 -31.23 29.79
CA GLY A 34 13.90 -32.26 29.10
C GLY A 34 13.97 -33.62 29.79
N GLN A 35 13.89 -33.68 31.12
CA GLN A 35 14.18 -34.90 31.86
C GLN A 35 13.02 -35.87 31.79
N MET A 36 13.34 -37.15 31.91
CA MET A 36 12.35 -38.21 31.84
C MET A 36 12.47 -39.11 33.06
N PRO A 37 11.35 -39.56 33.62
CA PRO A 37 11.41 -40.60 34.66
C PRO A 37 11.92 -41.92 34.08
N SER A 38 12.92 -42.51 34.75
CA SER A 38 13.47 -43.79 34.31
C SER A 38 12.42 -44.88 34.21
N ASP A 39 11.28 -44.71 34.90
CA ASP A 39 10.14 -45.61 34.73
C ASP A 39 9.77 -45.82 33.27
N LYS A 40 10.07 -44.86 32.39
CA LYS A 40 9.63 -44.90 31.00
C LYS A 40 10.80 -44.93 30.00
N THR A 41 11.95 -45.49 30.39
CA THR A 41 13.08 -45.77 29.51
C THR A 41 13.12 -47.26 29.14
N ILE A 42 13.73 -47.58 27.99
CA ILE A 42 13.77 -48.98 27.56
C ILE A 42 15.19 -49.49 27.33
N GLY A 43 15.29 -50.80 27.26
CA GLY A 43 16.48 -51.41 26.66
C GLY A 43 16.48 -51.15 25.17
N GLY A 44 17.64 -50.76 24.67
CA GLY A 44 17.72 -50.27 23.30
C GLY A 44 17.56 -51.36 22.27
N GLY A 45 16.93 -50.99 21.16
CA GLY A 45 16.59 -51.94 20.10
C GLY A 45 16.09 -51.25 18.86
N SER A 48 12.30 -45.57 23.89
CA SER A 48 13.02 -44.49 23.21
C SER A 48 13.06 -44.70 21.70
N PHE A 49 11.90 -44.61 21.05
CA PHE A 49 11.81 -44.44 19.60
C PHE A 49 11.39 -43.03 19.24
N ASN A 50 11.80 -42.07 20.07
CA ASN A 50 11.76 -40.65 19.80
C ASN A 50 12.90 -40.31 18.85
N THR A 51 12.57 -40.20 17.56
CA THR A 51 13.43 -39.64 16.53
C THR A 51 13.24 -38.13 16.36
N PHE A 52 12.10 -37.61 16.85
CA PHE A 52 11.81 -36.18 17.02
C PHE A 52 12.52 -35.61 18.22
N PHE A 53 13.16 -36.43 19.03
CA PHE A 53 13.85 -35.96 20.22
C PHE A 53 15.28 -36.48 20.15
N SER A 54 16.20 -35.68 20.68
CA SER A 54 17.61 -36.02 20.71
C SER A 54 18.03 -36.20 22.15
N GLU A 55 18.77 -37.26 22.42
CA GLU A 55 19.22 -37.51 23.77
C GLU A 55 20.59 -36.86 23.94
N THR A 56 20.81 -36.30 25.11
CA THR A 56 22.11 -35.77 25.47
C THR A 56 22.53 -36.38 26.81
N GLY A 57 23.79 -36.17 27.17
CA GLY A 57 24.24 -36.55 28.50
C GLY A 57 23.46 -35.81 29.57
N ALA A 58 23.31 -36.47 30.72
CA ALA A 58 22.42 -36.05 31.81
C ALA A 58 20.95 -36.24 31.48
N GLY A 59 20.66 -37.03 30.45
CA GLY A 59 19.29 -37.41 30.14
C GLY A 59 18.32 -36.26 29.92
N LYS A 60 18.76 -35.18 29.28
CA LYS A 60 17.85 -34.17 28.77
C LYS A 60 17.47 -34.56 27.34
N HIS A 61 16.18 -34.45 27.02
CA HIS A 61 15.65 -34.71 25.68
C HIS A 61 15.25 -33.37 25.05
N VAL A 62 15.86 -33.07 23.90
CA VAL A 62 15.79 -31.75 23.30
C VAL A 62 15.15 -31.89 21.92
N PRO A 63 14.00 -31.25 21.67
CA PRO A 63 13.29 -31.51 20.42
C PRO A 63 14.15 -31.15 19.22
N ARG A 64 14.03 -31.95 18.15
CA ARG A 64 14.69 -31.64 16.88
C ARG A 64 13.82 -30.61 16.13
N ALA A 65 13.87 -29.37 16.61
CA ALA A 65 12.97 -28.36 16.09
C ALA A 65 13.66 -27.00 16.00
N VAL A 66 13.32 -26.25 14.96
CA VAL A 66 13.75 -24.87 14.80
C VAL A 66 12.50 -24.00 14.68
N PHE A 67 12.44 -22.95 15.50
CA PHE A 67 11.31 -22.03 15.55
C PHE A 67 11.79 -20.70 14.99
N VAL A 68 11.15 -20.22 13.93
CA VAL A 68 11.68 -19.03 13.26
C VAL A 68 10.58 -17.97 13.08
N ASP A 69 10.82 -16.77 13.58
CA ASP A 69 9.94 -15.63 13.36
C ASP A 69 10.75 -14.37 13.02
N LEU A 70 10.24 -13.58 12.08
CA LEU A 70 10.94 -12.36 11.71
C LEU A 70 10.82 -11.26 12.77
N GLU A 71 9.80 -11.32 13.64
CA GLU A 71 9.62 -10.47 14.82
C GLU A 71 9.96 -11.26 16.07
N PRO A 72 10.19 -10.61 17.19
CA PRO A 72 10.66 -11.36 18.36
C PRO A 72 9.60 -11.72 19.39
N THR A 73 8.40 -11.15 19.29
CA THR A 73 7.45 -11.25 20.38
C THR A 73 6.97 -12.70 20.63
N VAL A 74 6.67 -13.46 19.58
CA VAL A 74 6.06 -14.76 19.83
C VAL A 74 7.09 -15.75 20.36
N ILE A 75 8.28 -15.79 19.74
CA ILE A 75 9.28 -16.71 20.26
C ILE A 75 9.84 -16.21 21.58
N ASP A 76 9.74 -14.92 21.86
CA ASP A 76 10.05 -14.45 23.21
C ASP A 76 9.16 -15.14 24.24
N GLU A 77 7.92 -15.48 23.88
CA GLU A 77 6.99 -16.10 24.81
C GLU A 77 7.18 -17.63 24.89
N VAL A 78 8.02 -18.17 24.00
CA VAL A 78 8.55 -19.54 24.13
C VAL A 78 9.82 -19.55 24.98
N ARG A 79 10.60 -18.47 24.93
CA ARG A 79 11.89 -18.42 25.60
C ARG A 79 11.77 -18.20 27.10
N THR A 80 10.61 -17.74 27.59
CA THR A 80 10.45 -17.49 29.01
C THR A 80 9.25 -18.21 29.60
N GLY A 81 8.60 -19.09 28.85
CA GLY A 81 7.48 -19.85 29.36
C GLY A 81 7.91 -21.14 30.04
N THR A 82 6.92 -21.99 30.30
CA THR A 82 7.15 -23.30 30.90
C THR A 82 8.28 -24.07 30.23
N TYR A 83 8.56 -23.77 28.97
CA TYR A 83 9.41 -24.61 28.15
C TYR A 83 10.73 -23.94 27.79
N ARG A 84 11.16 -22.94 28.57
CA ARG A 84 12.48 -22.37 28.34
C ARG A 84 13.57 -23.42 28.45
N GLN A 85 13.26 -24.52 29.13
CA GLN A 85 14.16 -25.61 29.45
C GLN A 85 14.24 -26.64 28.32
N LEU A 86 13.11 -26.92 27.69
CA LEU A 86 13.07 -27.98 26.68
C LEU A 86 14.00 -27.67 25.52
N PHE A 87 13.85 -26.48 24.92
CA PHE A 87 14.52 -26.09 23.69
C PHE A 87 15.86 -25.42 23.96
N HIS A 88 16.87 -25.77 23.15
CA HIS A 88 18.12 -25.04 23.15
C HIS A 88 17.90 -23.68 22.48
N PRO A 89 18.48 -22.61 23.04
CA PRO A 89 18.25 -21.26 22.45
C PRO A 89 18.66 -21.13 20.98
N GLU A 90 19.79 -21.74 20.56
CA GLU A 90 20.18 -21.70 19.16
C GLU A 90 19.03 -22.07 18.24
N GLN A 91 18.11 -22.91 18.70
CA GLN A 91 17.02 -23.37 17.86
C GLN A 91 15.95 -22.30 17.66
N LEU A 92 15.99 -21.23 18.45
CA LEU A 92 14.95 -20.20 18.50
C LEU A 92 15.54 -18.93 17.89
N ILE A 93 15.29 -18.72 16.60
CA ILE A 93 15.86 -17.61 15.86
C ILE A 93 14.78 -16.54 15.65
N THR A 94 15.13 -15.28 15.92
CA THR A 94 14.25 -14.16 15.64
C THR A 94 15.00 -13.06 14.89
N GLY A 95 14.22 -12.22 14.21
CA GLY A 95 14.64 -10.92 13.79
C GLY A 95 13.92 -9.82 14.56
N LYS A 96 14.04 -8.59 14.06
CA LYS A 96 13.38 -7.46 14.70
C LYS A 96 12.20 -6.94 13.90
N GLU A 97 12.34 -6.68 12.61
CA GLU A 97 11.22 -6.20 11.81
C GLU A 97 10.55 -7.40 11.18
N ASP A 98 9.25 -7.52 11.38
CA ASP A 98 8.47 -8.58 10.76
C ASP A 98 8.32 -8.34 9.26
N ALA A 99 7.50 -9.16 8.61
CA ALA A 99 7.04 -8.95 7.25
C ALA A 99 5.62 -8.41 7.36
N ALA A 100 5.43 -7.13 7.11
CA ALA A 100 4.17 -6.53 7.55
C ALA A 100 3.05 -7.11 6.70
N ASN A 101 2.60 -8.31 7.09
CA ASN A 101 1.68 -9.16 6.33
C ASN A 101 1.95 -9.16 4.84
N ASN A 102 3.22 -9.04 4.44
CA ASN A 102 3.64 -8.91 3.05
C ASN A 102 4.46 -10.15 2.64
N TYR A 103 3.92 -10.95 1.71
CA TYR A 103 4.65 -12.12 1.21
C TYR A 103 6.04 -11.73 0.71
N ALA A 104 6.13 -10.58 0.04
CA ALA A 104 7.39 -10.20 -0.58
C ALA A 104 8.42 -9.79 0.47
N ARG A 105 7.99 -9.24 1.62
CA ARG A 105 8.97 -9.00 2.67
C ARG A 105 9.64 -10.30 3.06
N GLY A 106 8.85 -11.38 3.21
CA GLY A 106 9.39 -12.64 3.70
C GLY A 106 10.24 -13.36 2.67
N HIS A 107 9.75 -13.47 1.43
CA HIS A 107 10.48 -14.15 0.38
C HIS A 107 11.65 -13.33 -0.17
N TYR A 108 11.51 -12.01 -0.26
CA TYR A 108 12.40 -11.20 -1.12
C TYR A 108 13.28 -10.19 -0.39
N THR A 109 12.81 -9.53 0.68
CA THR A 109 13.63 -8.49 1.30
C THR A 109 13.99 -8.83 2.74
N ILE A 110 13.04 -8.81 3.67
CA ILE A 110 13.38 -9.03 5.08
C ILE A 110 13.75 -10.48 5.31
N GLY A 111 13.22 -11.38 4.48
CA GLY A 111 13.59 -12.78 4.60
C GLY A 111 15.02 -13.06 4.20
N LYS A 112 15.45 -12.52 3.04
CA LYS A 112 16.80 -12.82 2.54
C LYS A 112 17.88 -12.41 3.55
N GLU A 113 17.52 -11.64 4.57
CA GLU A 113 18.49 -11.14 5.53
C GLU A 113 18.64 -12.06 6.74
N ILE A 114 17.80 -13.09 6.85
CA ILE A 114 17.83 -14.00 7.99
C ILE A 114 17.83 -15.45 7.53
N ILE A 115 17.81 -15.70 6.21
CA ILE A 115 17.68 -17.03 5.64
C ILE A 115 18.98 -17.83 5.77
N ASP A 116 20.13 -17.16 5.80
CA ASP A 116 21.37 -17.92 5.92
C ASP A 116 21.54 -18.46 7.33
N LEU A 117 21.38 -17.60 8.33
CA LEU A 117 21.46 -18.05 9.72
C LEU A 117 20.48 -19.18 10.02
N VAL A 118 19.27 -19.14 9.47
CA VAL A 118 18.35 -20.25 9.70
C VAL A 118 18.93 -21.54 9.12
N LEU A 119 19.34 -21.47 7.85
CA LEU A 119 19.98 -22.61 7.20
C LEU A 119 21.09 -23.18 8.04
N ASP A 120 21.93 -22.33 8.58
CA ASP A 120 23.09 -22.88 9.25
C ASP A 120 22.83 -23.30 10.68
N ARG A 121 21.76 -22.86 11.28
CA ARG A 121 21.34 -23.47 12.52
C ARG A 121 20.65 -24.79 12.22
N ILE A 122 19.77 -24.79 11.21
CA ILE A 122 19.10 -26.04 10.91
C ILE A 122 20.13 -27.05 10.47
N ARG A 123 21.29 -26.56 9.98
CA ARG A 123 22.45 -27.41 9.77
C ARG A 123 22.89 -28.11 11.06
N LYS A 124 22.80 -27.44 12.22
CA LYS A 124 23.34 -28.09 13.42
C LYS A 124 22.44 -29.21 13.91
N LEU A 125 21.12 -29.11 13.68
CA LEU A 125 20.28 -30.24 14.03
C LEU A 125 20.54 -31.42 13.10
N ALA A 126 20.94 -31.14 11.84
CA ALA A 126 21.07 -32.20 10.83
C ALA A 126 22.40 -32.93 10.96
N ASP A 127 23.48 -32.19 11.19
CA ASP A 127 24.82 -32.75 11.39
C ASP A 127 24.92 -33.62 12.64
N GLN A 128 23.81 -33.77 13.37
CA GLN A 128 23.76 -34.57 14.59
C GLN A 128 22.81 -35.76 14.42
N CYS A 129 22.39 -36.04 13.18
CA CYS A 129 21.54 -37.17 12.84
C CYS A 129 22.33 -38.21 12.06
N THR A 130 22.16 -39.51 12.42
CA THR A 130 22.92 -40.61 11.81
C THR A 130 22.31 -41.04 10.47
N GLY A 131 21.02 -41.32 10.44
CA GLY A 131 20.22 -41.21 9.23
C GLY A 131 19.49 -39.88 9.25
N LEU A 132 18.61 -39.68 8.25
CA LEU A 132 17.76 -38.49 8.23
C LEU A 132 16.77 -38.58 7.09
N GLN A 133 15.52 -38.24 7.38
CA GLN A 133 14.44 -38.37 6.42
C GLN A 133 14.05 -37.06 5.77
N GLY A 134 14.27 -35.95 6.46
CA GLY A 134 13.79 -34.65 6.04
C GLY A 134 13.09 -33.93 7.18
N PHE A 135 12.17 -33.05 6.79
CA PHE A 135 11.70 -31.95 7.63
C PHE A 135 10.18 -31.85 7.65
N SER A 136 9.64 -31.59 8.83
CA SER A 136 8.22 -31.30 9.03
C SER A 136 8.12 -29.78 9.28
N VAL A 137 7.48 -29.04 8.36
CA VAL A 137 7.55 -27.55 8.35
C VAL A 137 6.18 -26.92 8.60
N PHE A 138 6.07 -26.13 9.66
CA PHE A 138 4.79 -25.56 10.12
C PHE A 138 4.74 -24.05 9.82
N HIS A 139 3.71 -23.62 9.07
CA HIS A 139 3.62 -22.26 8.55
C HIS A 139 2.16 -21.86 8.28
N SER A 140 1.96 -20.57 7.97
CA SER A 140 0.64 -20.00 7.68
C SER A 140 0.57 -19.45 6.26
N PHE A 141 -0.61 -19.59 5.65
CA PHE A 141 -0.81 -19.11 4.29
C PHE A 141 -0.99 -17.59 4.21
N GLY A 142 -1.48 -16.96 5.28
CA GLY A 142 -1.89 -15.57 5.24
C GLY A 142 -0.89 -14.64 5.88
N GLY A 143 -0.06 -15.17 6.77
CA GLY A 143 1.01 -14.38 7.35
C GLY A 143 2.05 -13.98 6.32
N GLY A 144 2.78 -12.91 6.63
CA GLY A 144 3.82 -12.49 5.72
C GLY A 144 5.01 -13.43 5.75
N THR A 145 5.51 -13.71 6.95
CA THR A 145 6.61 -14.67 7.11
C THR A 145 6.14 -16.09 6.80
N GLY A 146 5.01 -16.49 7.40
CA GLY A 146 4.41 -17.77 7.08
C GLY A 146 4.38 -18.05 5.60
N SER A 147 3.81 -17.16 4.82
CA SER A 147 3.73 -17.43 3.38
C SER A 147 5.08 -17.26 2.71
N GLY A 148 5.76 -16.14 2.97
CA GLY A 148 6.86 -15.66 2.17
C GLY A 148 8.21 -16.22 2.53
N PHE A 149 8.56 -16.23 3.82
CA PHE A 149 9.83 -16.82 4.21
C PHE A 149 9.82 -18.34 4.02
N THR A 150 8.73 -19.01 4.42
CA THR A 150 8.58 -20.44 4.20
C THR A 150 8.93 -20.83 2.77
N SER A 151 8.37 -20.14 1.78
CA SER A 151 8.73 -20.50 0.41
C SER A 151 10.22 -20.30 0.14
N LEU A 152 10.84 -19.34 0.83
CA LEU A 152 12.27 -19.14 0.61
C LEU A 152 13.08 -20.28 1.23
N LEU A 153 12.63 -20.76 2.38
CA LEU A 153 13.28 -21.89 3.05
C LEU A 153 13.14 -23.18 2.26
N MET A 154 11.95 -23.42 1.70
CA MET A 154 11.73 -24.61 0.90
C MET A 154 12.61 -24.62 -0.34
N GLU A 155 12.72 -23.50 -1.04
CA GLU A 155 13.64 -23.44 -2.19
C GLU A 155 15.05 -23.85 -1.78
N ARG A 156 15.50 -23.39 -0.62
CA ARG A 156 16.86 -23.65 -0.19
C ARG A 156 17.06 -24.93 0.61
N LEU A 157 16.08 -25.38 1.40
CA LEU A 157 16.16 -26.74 1.94
C LEU A 157 16.06 -27.79 0.85
N SER A 158 15.81 -27.37 -0.38
CA SER A 158 15.64 -28.27 -1.51
C SER A 158 16.88 -28.32 -2.41
N VAL A 159 17.85 -27.44 -2.19
CA VAL A 159 19.12 -27.49 -2.90
C VAL A 159 20.24 -28.01 -2.01
N ASP A 160 20.32 -27.51 -0.77
CA ASP A 160 20.80 -28.36 0.32
C ASP A 160 19.72 -29.41 0.55
N TYR A 161 20.12 -30.59 1.06
CA TYR A 161 19.17 -31.67 1.40
C TYR A 161 18.18 -31.94 0.26
N GLY A 162 18.66 -31.89 -0.99
CA GLY A 162 17.78 -32.16 -2.13
C GLY A 162 17.21 -33.57 -2.12
N LYS A 163 17.85 -34.45 -1.38
CA LYS A 163 17.50 -35.86 -1.36
C LYS A 163 16.34 -36.13 -0.40
N LYS A 164 16.20 -35.28 0.62
CA LYS A 164 15.36 -35.34 1.81
C LYS A 164 13.89 -34.97 1.48
N SER A 165 12.98 -35.53 2.29
CA SER A 165 11.53 -35.38 2.13
C SER A 165 11.02 -34.17 2.90
N LYS A 166 10.01 -33.50 2.36
CA LYS A 166 9.53 -32.24 2.94
C LYS A 166 8.04 -32.32 3.15
N LEU A 167 7.63 -32.39 4.42
CA LEU A 167 6.23 -32.38 4.83
C LEU A 167 5.87 -31.04 5.48
N GLU A 168 4.80 -30.41 5.01
CA GLU A 168 4.35 -29.15 5.59
C GLU A 168 2.94 -29.29 6.16
N PHE A 169 2.72 -28.72 7.34
CA PHE A 169 1.39 -28.48 7.89
C PHE A 169 1.08 -26.99 7.73
N SER A 170 0.04 -26.68 6.96
CA SER A 170 -0.21 -25.34 6.44
C SER A 170 -1.54 -24.79 6.94
N ILE A 171 -1.57 -23.53 7.41
CA ILE A 171 -2.85 -22.91 7.83
C ILE A 171 -3.57 -22.35 6.63
N TYR A 172 -4.88 -22.49 6.62
CA TYR A 172 -5.68 -21.91 5.56
C TYR A 172 -6.60 -20.87 6.18
N PRO A 173 -6.57 -19.62 5.71
CA PRO A 173 -7.11 -18.52 6.51
C PRO A 173 -8.62 -18.50 6.50
N ALA A 174 -9.18 -18.10 7.63
CA ALA A 174 -10.59 -17.81 7.74
C ALA A 174 -10.78 -16.35 8.16
N PRO A 175 -11.82 -15.69 7.65
CA PRO A 175 -12.13 -14.30 8.10
C PRO A 175 -12.41 -14.16 9.60
N GLN A 176 -12.96 -15.17 10.27
CA GLN A 176 -13.22 -15.07 11.71
C GLN A 176 -11.95 -14.84 12.53
N VAL A 177 -10.77 -15.08 11.97
CA VAL A 177 -9.52 -14.78 12.66
C VAL A 177 -8.50 -14.21 11.67
N SER A 178 -8.97 -13.67 10.53
CA SER A 178 -8.07 -12.94 9.63
C SER A 178 -7.47 -11.74 10.34
N THR A 179 -6.15 -11.62 10.25
CA THR A 179 -5.42 -10.45 10.72
C THR A 179 -5.13 -9.46 9.59
N ALA A 180 -5.62 -9.72 8.38
CA ALA A 180 -5.15 -8.98 7.21
C ALA A 180 -5.99 -9.32 6.00
N VAL A 181 -5.91 -8.44 4.99
CA VAL A 181 -6.78 -8.45 3.82
C VAL A 181 -6.10 -9.05 2.60
N VAL A 182 -4.79 -9.19 2.63
CA VAL A 182 -4.06 -9.68 1.48
C VAL A 182 -3.80 -11.18 1.61
N GLU A 183 -4.35 -11.81 2.65
CA GLU A 183 -4.08 -13.23 2.85
C GLU A 183 -4.38 -14.06 1.61
N PRO A 184 -5.42 -13.78 0.81
CA PRO A 184 -5.55 -14.49 -0.48
C PRO A 184 -4.37 -14.26 -1.41
N TYR A 185 -3.84 -13.04 -1.46
CA TYR A 185 -2.61 -12.83 -2.21
C TYR A 185 -1.51 -13.72 -1.67
N ASN A 186 -1.30 -13.66 -0.35
CA ASN A 186 -0.23 -14.42 0.30
C ASN A 186 -0.38 -15.94 0.12
N SER A 187 -1.62 -16.45 0.07
CA SER A 187 -1.84 -17.87 0.03
C SER A 187 -1.55 -18.44 -1.35
N ILE A 188 -2.02 -17.76 -2.40
CA ILE A 188 -1.71 -18.17 -3.76
C ILE A 188 -0.23 -17.95 -4.10
N LEU A 189 0.42 -17.06 -3.37
CA LEU A 189 1.82 -16.80 -3.66
C LEU A 189 2.70 -17.89 -3.06
N THR A 190 2.45 -18.23 -1.81
CA THR A 190 3.28 -19.24 -1.18
C THR A 190 3.00 -20.62 -1.76
N THR A 191 1.77 -20.85 -2.23
CA THR A 191 1.44 -22.14 -2.83
C THR A 191 2.16 -22.33 -4.16
N HIS A 192 2.18 -21.31 -5.01
CA HIS A 192 2.82 -21.47 -6.31
C HIS A 192 4.31 -21.74 -6.15
N THR A 193 4.99 -20.94 -5.31
CA THR A 193 6.44 -21.09 -5.18
C THR A 193 6.84 -22.31 -4.36
N THR A 194 5.97 -22.85 -3.49
CA THR A 194 6.34 -24.02 -2.69
C THR A 194 5.94 -25.33 -3.35
N LEU A 195 4.89 -25.31 -4.17
CA LEU A 195 4.35 -26.52 -4.78
C LEU A 195 5.44 -27.49 -5.19
N GLU A 196 6.37 -27.01 -6.00
CA GLU A 196 7.36 -27.91 -6.54
C GLU A 196 8.34 -28.44 -5.47
N HIS A 197 8.20 -28.04 -4.21
CA HIS A 197 9.18 -28.39 -3.17
C HIS A 197 8.54 -29.09 -1.97
N SER A 198 7.28 -29.48 -2.05
CA SER A 198 6.66 -30.21 -0.96
C SER A 198 6.23 -31.57 -1.47
N ASP A 199 6.30 -32.59 -0.62
CA ASP A 199 5.81 -33.89 -1.05
C ASP A 199 4.43 -34.21 -0.54
N CYS A 200 4.05 -33.64 0.60
CA CYS A 200 2.70 -33.77 1.12
C CYS A 200 2.42 -32.55 1.99
N ALA A 201 1.16 -32.11 1.98
CA ALA A 201 0.77 -30.87 2.66
C ALA A 201 -0.64 -31.01 3.20
N PHE A 202 -0.76 -31.15 4.52
CA PHE A 202 -2.05 -31.21 5.17
C PHE A 202 -2.45 -29.79 5.57
N MET A 203 -3.45 -29.25 4.89
CA MET A 203 -3.92 -27.90 5.18
C MET A 203 -4.94 -27.90 6.31
N VAL A 204 -4.87 -26.87 7.15
CA VAL A 204 -5.79 -26.74 8.29
C VAL A 204 -6.61 -25.47 8.11
N ASP A 205 -7.89 -25.62 7.77
CA ASP A 205 -8.80 -24.49 7.63
C ASP A 205 -9.15 -23.94 9.01
N ASN A 206 -8.71 -22.71 9.30
CA ASN A 206 -9.00 -22.11 10.59
C ASN A 206 -10.50 -22.02 10.85
N GLU A 207 -11.33 -22.06 9.82
CA GLU A 207 -12.77 -22.02 10.02
C GLU A 207 -13.31 -23.40 10.41
N ALA A 208 -12.85 -24.44 9.71
CA ALA A 208 -13.20 -25.81 10.06
C ALA A 208 -12.93 -26.07 11.54
N ILE A 209 -11.70 -25.77 11.97
CA ILE A 209 -11.35 -25.93 13.38
C ILE A 209 -12.23 -25.04 14.26
N TYR A 210 -12.39 -23.76 13.85
CA TYR A 210 -13.16 -22.78 14.63
C TYR A 210 -14.58 -23.25 14.88
N ASP A 211 -15.24 -23.80 13.85
CA ASP A 211 -16.58 -24.34 14.04
C ASP A 211 -16.57 -25.61 14.92
N ILE A 212 -15.64 -26.55 14.70
CA ILE A 212 -15.56 -27.75 15.55
C ILE A 212 -15.44 -27.35 17.01
N CYS A 213 -14.53 -26.42 17.31
CA CYS A 213 -14.46 -25.83 18.64
C CYS A 213 -15.77 -25.19 19.08
N ARG A 214 -16.66 -24.83 18.14
CA ARG A 214 -17.83 -24.07 18.60
C ARG A 214 -18.98 -24.96 19.04
N ARG A 215 -19.19 -26.11 18.41
CA ARG A 215 -20.28 -26.97 18.84
C ARG A 215 -19.84 -28.25 19.54
N ASN A 216 -18.69 -28.82 19.18
CA ASN A 216 -18.24 -30.03 19.87
C ASN A 216 -17.66 -29.70 21.24
N LEU A 217 -16.93 -28.61 21.36
CA LEU A 217 -16.47 -28.17 22.67
C LEU A 217 -17.29 -27.01 23.22
N ASP A 218 -18.17 -26.43 22.41
CA ASP A 218 -19.13 -25.41 22.84
C ASP A 218 -18.44 -24.12 23.28
N ILE A 219 -17.24 -23.88 22.76
CA ILE A 219 -16.55 -22.59 22.94
C ILE A 219 -17.18 -21.58 22.00
N GLU A 220 -17.63 -20.44 22.54
CA GLU A 220 -18.39 -19.52 21.71
C GLU A 220 -17.50 -18.64 20.85
N ARG A 221 -16.47 -18.05 21.45
CA ARG A 221 -15.53 -17.19 20.72
C ARG A 221 -14.18 -17.83 20.97
N PRO A 222 -13.77 -18.79 20.11
CA PRO A 222 -12.49 -19.50 20.32
C PRO A 222 -11.26 -18.63 20.10
N THR A 223 -10.25 -18.84 20.95
CA THR A 223 -8.92 -18.26 20.83
C THR A 223 -7.96 -19.19 20.09
N TYR A 224 -6.82 -18.63 19.69
CA TYR A 224 -5.76 -19.45 19.11
C TYR A 224 -5.38 -20.59 20.07
N THR A 225 -5.53 -20.36 21.38
CA THR A 225 -5.20 -21.42 22.32
C THR A 225 -6.23 -22.55 22.29
N ASN A 226 -7.46 -22.30 21.83
CA ASN A 226 -8.37 -23.42 21.64
C ASN A 226 -8.02 -24.16 20.36
N LEU A 227 -7.83 -23.43 19.27
CA LEU A 227 -7.58 -24.09 17.98
C LEU A 227 -6.29 -24.89 18.03
N ASN A 228 -5.29 -24.40 18.76
CA ASN A 228 -3.99 -25.06 18.77
C ASN A 228 -4.05 -26.36 19.58
N ARG A 229 -4.71 -26.33 20.74
CA ARG A 229 -5.01 -27.56 21.48
C ARG A 229 -5.58 -28.59 20.52
N LEU A 230 -6.70 -28.25 19.86
CA LEU A 230 -7.33 -29.18 18.92
C LEU A 230 -6.42 -29.46 17.73
N ILE A 231 -5.73 -28.46 17.20
CA ILE A 231 -4.86 -28.69 16.06
C ILE A 231 -3.65 -29.53 16.48
N GLY A 232 -3.14 -29.28 17.68
CA GLY A 232 -2.05 -30.08 18.21
C GLY A 232 -2.42 -31.55 18.29
N GLN A 233 -3.69 -31.84 18.57
CA GLN A 233 -4.16 -33.20 18.44
C GLN A 233 -3.84 -33.71 17.04
N ILE A 234 -4.53 -33.19 16.01
CA ILE A 234 -4.49 -33.91 14.73
C ILE A 234 -3.07 -34.02 14.20
N VAL A 235 -2.18 -33.10 14.57
CA VAL A 235 -0.78 -33.25 14.16
C VAL A 235 -0.17 -34.48 14.80
N SER A 236 -0.57 -34.78 16.05
CA SER A 236 0.02 -35.90 16.77
C SER A 236 -0.43 -37.24 16.18
N SER A 237 -1.69 -37.30 15.75
CA SER A 237 -2.15 -38.47 15.03
C SER A 237 -1.34 -38.69 13.76
N ILE A 238 -0.98 -37.61 13.06
CA ILE A 238 -0.14 -37.72 11.87
C ILE A 238 1.25 -38.24 12.23
N THR A 239 1.87 -37.64 13.25
CA THR A 239 3.22 -38.00 13.62
C THR A 239 3.27 -39.09 14.68
N ALA A 240 2.15 -39.79 14.90
CA ALA A 240 2.15 -40.97 15.79
C ALA A 240 3.15 -42.00 15.29
N SER A 241 2.96 -42.48 14.06
CA SER A 241 3.86 -43.50 13.51
C SER A 241 5.33 -43.09 13.59
N LEU A 242 5.66 -41.88 13.15
CA LEU A 242 7.06 -41.47 13.13
C LEU A 242 7.71 -41.47 14.52
N ARG A 243 6.93 -41.68 15.60
CA ARG A 243 7.46 -41.69 16.95
C ARG A 243 7.27 -43.00 17.68
N PHE A 244 6.42 -43.88 17.19
CA PHE A 244 6.00 -45.06 17.92
C PHE A 244 6.21 -46.35 17.11
N ASP A 245 7.23 -46.39 16.25
CA ASP A 245 7.61 -47.58 15.47
C ASP A 245 6.38 -48.34 14.97
N GLY A 246 5.56 -47.65 14.16
CA GLY A 246 4.28 -48.19 13.75
C GLY A 246 4.33 -48.86 12.38
N ALA A 247 3.18 -49.46 12.01
CA ALA A 247 3.07 -50.22 10.76
C ALA A 247 3.03 -49.31 9.54
N LEU A 248 2.18 -48.27 9.56
CA LEU A 248 1.89 -47.44 8.40
C LEU A 248 2.59 -46.09 8.53
N ASN A 249 3.19 -45.65 7.42
CA ASN A 249 3.89 -44.36 7.35
C ASN A 249 5.11 -44.40 8.27
N VAL A 250 5.96 -45.38 8.00
CA VAL A 250 7.09 -45.67 8.88
C VAL A 250 8.20 -44.68 8.55
N ASP A 251 8.28 -44.35 7.27
CA ASP A 251 9.15 -43.35 6.67
C ASP A 251 8.32 -42.14 6.21
N LEU A 252 9.00 -40.98 6.08
CA LEU A 252 8.38 -39.82 5.46
C LEU A 252 8.00 -40.07 4.00
N THR A 253 8.77 -40.93 3.33
CA THR A 253 8.49 -41.25 1.93
C THR A 253 7.14 -41.97 1.78
N GLU A 254 6.75 -42.77 2.80
CA GLU A 254 5.54 -43.56 2.66
C GLU A 254 4.27 -42.72 2.72
N PHE A 255 4.33 -41.53 3.34
CA PHE A 255 3.26 -40.55 3.19
C PHE A 255 3.03 -40.22 1.73
N GLN A 256 4.12 -39.92 1.01
CA GLN A 256 4.01 -39.69 -0.43
C GLN A 256 3.59 -40.96 -1.15
N THR A 257 4.07 -42.12 -0.68
CA THR A 257 3.73 -43.40 -1.31
C THR A 257 2.24 -43.68 -1.21
N ASN A 258 1.69 -43.65 0.00
CA ASN A 258 0.28 -44.01 0.18
C ASN A 258 -0.66 -42.88 -0.26
N LEU A 259 -0.43 -41.65 0.22
CA LEU A 259 -1.45 -40.62 0.06
C LEU A 259 -1.42 -39.98 -1.31
N VAL A 260 -0.23 -39.73 -1.86
CA VAL A 260 -0.13 -38.87 -3.05
C VAL A 260 0.46 -39.62 -4.26
N PRO A 261 -0.43 -40.23 -5.07
CA PRO A 261 -0.03 -40.80 -6.38
C PRO A 261 0.53 -39.78 -7.35
N TYR A 262 -0.23 -38.73 -7.64
CA TYR A 262 0.22 -37.73 -8.59
C TYR A 262 0.94 -36.60 -7.87
N PRO A 263 2.04 -36.12 -8.45
CA PRO A 263 2.94 -35.20 -7.72
C PRO A 263 2.32 -33.86 -7.32
N ARG A 264 1.52 -33.23 -8.19
CA ARG A 264 1.02 -31.91 -7.83
C ARG A 264 -0.18 -31.99 -6.88
N ALA A 265 -1.01 -33.02 -7.01
CA ALA A 265 -2.21 -33.15 -6.19
C ALA A 265 -1.88 -33.77 -4.82
N HIS A 266 -0.96 -33.13 -4.09
CA HIS A 266 -0.47 -33.63 -2.80
C HIS A 266 -1.07 -32.93 -1.59
N PHE A 267 -2.37 -32.63 -1.56
CA PHE A 267 -3.01 -31.94 -0.44
C PHE A 267 -4.14 -32.78 0.12
N PRO A 268 -3.85 -33.74 1.00
CA PRO A 268 -4.90 -34.62 1.53
C PRO A 268 -5.89 -33.87 2.41
N LEU A 269 -6.94 -34.58 2.78
CA LEU A 269 -8.00 -34.10 3.65
C LEU A 269 -8.00 -34.92 4.95
N ALA A 270 -7.51 -34.34 6.04
CA ALA A 270 -7.58 -34.96 7.35
C ALA A 270 -8.96 -34.79 7.97
N THR A 271 -9.52 -35.89 8.47
CA THR A 271 -10.76 -35.92 9.21
C THR A 271 -10.48 -36.57 10.57
N TYR A 272 -11.13 -36.08 11.62
CA TYR A 272 -10.79 -36.50 12.99
C TYR A 272 -12.05 -36.67 13.83
N ALA A 273 -11.99 -37.66 14.73
CA ALA A 273 -13.07 -38.07 15.64
C ALA A 273 -12.46 -38.95 16.73
N PRO A 274 -12.99 -38.91 17.98
CA PRO A 274 -14.09 -38.05 18.41
C PRO A 274 -13.62 -36.71 18.97
N VAL A 275 -14.30 -35.63 18.65
CA VAL A 275 -14.03 -34.35 19.31
C VAL A 275 -15.07 -34.27 20.42
N ILE A 276 -14.65 -34.56 21.66
CA ILE A 276 -15.54 -34.65 22.82
C ILE A 276 -15.09 -33.65 23.86
N SER A 277 -16.04 -32.88 24.39
CA SER A 277 -15.72 -31.82 25.34
C SER A 277 -15.45 -32.36 26.74
N ALA A 278 -14.47 -31.77 27.43
CA ALA A 278 -14.23 -32.04 28.84
C ALA A 278 -15.39 -31.58 29.72
N GLU A 279 -16.37 -30.89 29.15
CA GLU A 279 -17.51 -30.45 29.95
C GLU A 279 -18.44 -31.61 30.28
N LYS A 280 -18.67 -32.50 29.32
CA LYS A 280 -19.69 -33.53 29.44
C LYS A 280 -19.44 -34.41 30.66
N ALA A 281 -20.45 -34.51 31.54
CA ALA A 281 -20.31 -35.19 32.82
C ALA A 281 -20.11 -36.70 32.64
N TYR A 282 -21.07 -37.36 32.01
CA TYR A 282 -20.88 -38.76 31.65
C TYR A 282 -21.11 -38.96 30.17
N HIS A 283 -20.26 -39.78 29.59
CA HIS A 283 -20.17 -39.94 28.14
C HIS A 283 -19.82 -41.39 27.87
N GLU A 284 -20.70 -42.10 27.17
CA GLU A 284 -20.43 -43.47 26.78
C GLU A 284 -19.41 -43.47 25.66
N GLN A 285 -18.21 -43.98 25.92
CA GLN A 285 -17.14 -43.93 24.94
C GLN A 285 -17.63 -44.55 23.63
N LEU A 286 -17.00 -44.14 22.53
CA LEU A 286 -17.54 -44.40 21.20
C LEU A 286 -16.79 -45.56 20.55
N SER A 287 -17.54 -46.53 20.03
CA SER A 287 -16.95 -47.74 19.46
C SER A 287 -16.15 -47.41 18.21
N VAL A 288 -15.30 -48.37 17.80
CA VAL A 288 -14.57 -48.23 16.54
C VAL A 288 -15.54 -47.92 15.41
N ALA A 289 -16.64 -48.66 15.34
CA ALA A 289 -17.61 -48.44 14.26
C ALA A 289 -18.18 -47.01 14.29
N GLU A 290 -18.39 -46.46 15.49
CA GLU A 290 -18.93 -45.10 15.61
C GLU A 290 -17.90 -44.05 15.14
N ILE A 291 -16.70 -44.08 15.72
CA ILE A 291 -15.66 -43.16 15.31
C ILE A 291 -15.14 -43.42 13.90
N THR A 292 -15.52 -44.52 13.27
CA THR A 292 -15.13 -44.59 11.87
C THR A 292 -16.19 -43.98 10.96
N ASN A 293 -17.47 -44.06 11.33
CA ASN A 293 -18.49 -43.39 10.52
C ASN A 293 -18.45 -41.86 10.64
N ALA A 294 -17.90 -41.34 11.76
CA ALA A 294 -17.71 -39.90 11.95
C ALA A 294 -16.59 -39.36 11.08
N CYS A 295 -15.63 -40.20 10.69
CA CYS A 295 -14.59 -39.87 9.70
C CYS A 295 -15.14 -39.60 8.31
N PHE A 296 -16.42 -39.84 8.07
CA PHE A 296 -17.06 -39.55 6.79
C PHE A 296 -18.15 -38.49 6.95
N GLU A 297 -18.21 -37.85 8.12
CA GLU A 297 -19.13 -36.74 8.35
C GLU A 297 -18.41 -35.42 8.12
N PRO A 298 -18.86 -34.59 7.16
CA PRO A 298 -18.04 -33.44 6.76
C PRO A 298 -17.86 -32.43 7.88
N ALA A 299 -18.66 -32.52 8.94
CA ALA A 299 -18.49 -31.62 10.09
C ALA A 299 -17.20 -31.89 10.89
N ASN A 300 -16.47 -32.98 10.61
CA ASN A 300 -15.31 -33.32 11.40
C ASN A 300 -14.01 -33.18 10.65
N GLN A 301 -14.06 -33.03 9.33
CA GLN A 301 -12.85 -32.77 8.57
C GLN A 301 -12.28 -31.39 8.89
N MET A 302 -11.00 -31.22 8.51
CA MET A 302 -10.24 -30.03 8.85
C MET A 302 -10.02 -29.09 7.69
N VAL A 303 -10.86 -29.20 6.66
CA VAL A 303 -10.88 -28.35 5.49
C VAL A 303 -12.30 -28.45 4.96
N LYS A 304 -12.95 -27.32 4.69
CA LYS A 304 -14.35 -27.37 4.29
C LYS A 304 -14.44 -27.72 2.81
N CYS A 305 -15.18 -28.79 2.51
CA CYS A 305 -15.46 -29.24 1.16
C CYS A 305 -16.41 -30.41 1.26
N ASP A 306 -16.96 -30.80 0.11
CA ASP A 306 -17.96 -31.86 0.02
C ASP A 306 -17.34 -33.11 -0.58
N PRO A 307 -16.71 -33.98 0.23
CA PRO A 307 -16.02 -35.16 -0.36
C PRO A 307 -16.93 -36.02 -1.20
N ARG A 308 -18.25 -35.84 -1.07
CA ARG A 308 -19.19 -36.66 -1.81
C ARG A 308 -19.20 -36.25 -3.27
N HIS A 309 -19.09 -34.95 -3.54
CA HIS A 309 -18.90 -34.34 -4.85
C HIS A 309 -17.53 -34.65 -5.48
N GLY A 310 -16.66 -35.41 -4.81
CA GLY A 310 -15.33 -35.65 -5.32
C GLY A 310 -14.91 -37.11 -5.21
N LYS A 311 -13.88 -37.46 -5.96
CA LYS A 311 -13.40 -38.82 -6.06
C LYS A 311 -12.16 -39.02 -5.17
N TYR A 312 -12.20 -40.07 -4.35
CA TYR A 312 -11.03 -40.45 -3.56
C TYR A 312 -9.96 -41.10 -4.42
N MET A 313 -8.70 -40.92 -4.02
CA MET A 313 -7.56 -41.51 -4.69
C MET A 313 -6.55 -42.09 -3.71
N ALA A 314 -6.81 -42.02 -2.41
CA ALA A 314 -6.01 -42.62 -1.36
C ALA A 314 -6.62 -42.36 0.00
N CYS A 315 -6.74 -43.42 0.83
CA CYS A 315 -7.23 -43.31 2.19
C CYS A 315 -6.24 -43.98 3.13
N CYS A 316 -6.05 -43.39 4.30
CA CYS A 316 -5.39 -44.04 5.43
C CYS A 316 -6.17 -43.67 6.67
N LEU A 317 -6.33 -44.63 7.55
CA LEU A 317 -7.00 -44.38 8.83
C LEU A 317 -6.03 -44.74 9.93
N LEU A 318 -5.97 -43.90 10.96
CA LEU A 318 -4.97 -44.04 12.00
C LEU A 318 -5.73 -44.07 13.31
N TYR A 319 -5.78 -45.24 13.96
CA TYR A 319 -6.51 -45.35 15.22
C TYR A 319 -5.54 -45.30 16.38
N ARG A 320 -6.05 -44.93 17.56
CA ARG A 320 -5.20 -44.73 18.71
C ARG A 320 -5.95 -45.18 19.95
N GLY A 321 -5.28 -45.95 20.82
CA GLY A 321 -5.87 -46.40 22.06
C GLY A 321 -6.32 -47.87 22.12
N ASP A 322 -7.55 -48.07 22.61
CA ASP A 322 -8.11 -49.41 22.84
C ASP A 322 -8.89 -49.85 21.60
N VAL A 323 -8.14 -50.13 20.53
CA VAL A 323 -8.69 -50.48 19.23
C VAL A 323 -8.28 -51.91 18.89
N VAL A 324 -9.26 -52.80 18.80
CA VAL A 324 -8.95 -54.19 18.46
C VAL A 324 -9.03 -54.39 16.95
N PRO A 325 -7.99 -54.96 16.34
CA PRO A 325 -7.88 -54.99 14.88
C PRO A 325 -9.01 -55.69 14.14
N LYS A 326 -9.74 -56.59 14.78
CA LYS A 326 -10.82 -57.25 14.05
C LYS A 326 -11.92 -56.25 13.75
N ASP A 327 -12.30 -55.45 14.74
CA ASP A 327 -13.41 -54.51 14.59
C ASP A 327 -13.11 -53.37 13.64
N VAL A 328 -11.81 -53.09 13.37
CA VAL A 328 -11.45 -52.12 12.35
C VAL A 328 -11.96 -52.56 10.99
N ASN A 329 -11.77 -53.84 10.66
CA ASN A 329 -12.13 -54.34 9.33
C ASN A 329 -13.63 -54.55 9.19
N ALA A 330 -14.36 -54.71 10.28
CA ALA A 330 -15.82 -54.70 10.19
C ALA A 330 -16.34 -53.32 9.83
N ALA A 331 -15.76 -52.28 10.44
CA ALA A 331 -16.15 -50.93 10.10
C ALA A 331 -15.73 -50.57 8.67
N ILE A 332 -14.55 -51.01 8.24
CA ILE A 332 -14.05 -50.66 6.92
C ILE A 332 -14.88 -51.34 5.83
N ALA A 333 -15.21 -52.61 6.02
CA ALA A 333 -16.02 -53.31 5.02
C ALA A 333 -17.41 -52.74 4.89
N THR A 334 -17.87 -51.96 5.88
CA THR A 334 -19.24 -51.44 5.85
C THR A 334 -19.34 -49.99 5.40
N ILE A 335 -18.24 -49.23 5.41
CA ILE A 335 -18.21 -48.04 4.55
C ILE A 335 -18.34 -48.45 3.09
N LYS A 336 -17.85 -49.63 2.72
CA LYS A 336 -17.93 -50.06 1.33
C LYS A 336 -19.33 -50.49 0.91
N THR A 337 -20.31 -50.51 1.84
CA THR A 337 -21.70 -50.90 1.54
C THR A 337 -22.75 -49.92 2.07
N LYS A 338 -22.62 -49.44 3.32
CA LYS A 338 -23.52 -48.41 3.86
C LYS A 338 -23.28 -47.03 3.24
N ARG A 339 -22.19 -46.86 2.49
CA ARG A 339 -21.77 -45.59 1.92
C ARG A 339 -21.19 -45.82 0.52
N THR A 340 -21.39 -44.83 -0.35
CA THR A 340 -20.86 -44.87 -1.72
C THR A 340 -19.69 -43.89 -1.83
N ILE A 341 -18.50 -44.46 -2.01
CA ILE A 341 -17.23 -43.75 -1.96
C ILE A 341 -16.48 -44.09 -3.24
N GLN A 342 -16.57 -43.21 -4.24
CA GLN A 342 -15.97 -43.49 -5.54
C GLN A 342 -14.49 -43.14 -5.54
N PHE A 343 -13.72 -43.93 -6.29
CA PHE A 343 -12.30 -43.77 -6.47
C PHE A 343 -12.01 -43.33 -7.90
N VAL A 344 -10.80 -42.81 -8.11
CA VAL A 344 -10.31 -42.39 -9.42
C VAL A 344 -10.54 -43.52 -10.43
N ASP A 345 -10.89 -43.14 -11.67
CA ASP A 345 -11.10 -44.10 -12.75
C ASP A 345 -9.94 -45.09 -12.87
N TRP A 346 -8.72 -44.68 -12.50
CA TRP A 346 -7.51 -45.50 -12.64
C TRP A 346 -6.73 -45.55 -11.32
N CYS A 347 -7.26 -46.23 -10.29
CA CYS A 347 -6.46 -46.25 -9.07
C CYS A 347 -6.90 -47.39 -8.15
N PRO A 348 -5.97 -48.05 -7.46
CA PRO A 348 -6.35 -49.14 -6.53
C PRO A 348 -7.30 -48.67 -5.44
N THR A 349 -8.35 -49.46 -5.22
CA THR A 349 -9.23 -49.25 -4.07
C THR A 349 -8.68 -49.99 -2.87
N GLY A 350 -8.60 -49.31 -1.74
CA GLY A 350 -8.09 -49.90 -0.53
C GLY A 350 -8.19 -48.87 0.57
N PHE A 351 -7.95 -49.32 1.79
CA PHE A 351 -7.93 -48.42 2.95
C PHE A 351 -6.82 -48.94 3.85
N LYS A 352 -5.63 -48.36 3.73
CA LYS A 352 -4.58 -48.68 4.68
C LYS A 352 -5.07 -48.44 6.10
N VAL A 353 -4.48 -49.14 7.07
CA VAL A 353 -4.85 -49.00 8.47
C VAL A 353 -3.59 -48.99 9.32
N GLY A 354 -3.58 -48.13 10.32
CA GLY A 354 -2.63 -48.21 11.39
C GLY A 354 -3.36 -48.12 12.71
N ILE A 355 -2.75 -48.71 13.74
CA ILE A 355 -3.27 -48.62 15.10
C ILE A 355 -2.10 -48.40 16.04
N ASN A 356 -2.37 -47.69 17.14
CA ASN A 356 -1.32 -47.18 18.00
C ASN A 356 -1.42 -47.63 19.44
N TYR A 357 -2.56 -48.15 19.87
CA TYR A 357 -2.63 -48.84 21.16
C TYR A 357 -2.29 -47.92 22.35
N GLU A 358 -1.77 -46.72 22.06
CA GLU A 358 -1.55 -45.87 23.22
C GLU A 358 -2.75 -44.96 23.46
N PRO A 359 -3.16 -44.85 24.72
CA PRO A 359 -4.36 -44.05 25.04
C PRO A 359 -4.18 -42.62 24.59
N PRO A 360 -5.14 -42.06 23.85
CA PRO A 360 -5.03 -40.67 23.38
C PRO A 360 -4.78 -39.75 24.56
N THR A 361 -3.78 -38.89 24.42
CA THR A 361 -3.46 -37.95 25.46
C THR A 361 -4.12 -36.64 25.10
N VAL A 362 -4.63 -35.93 26.09
CA VAL A 362 -5.10 -34.59 25.87
C VAL A 362 -4.41 -33.70 26.87
N VAL A 363 -4.57 -32.40 26.67
CA VAL A 363 -3.98 -31.47 27.63
C VAL A 363 -4.77 -31.52 28.94
N PRO A 364 -4.09 -31.74 30.07
CA PRO A 364 -4.77 -31.75 31.37
C PRO A 364 -5.33 -30.39 31.74
N GLY A 365 -6.62 -30.35 32.06
CA GLY A 365 -7.26 -29.08 32.35
C GLY A 365 -7.55 -28.25 31.12
N GLY A 366 -7.52 -28.87 29.95
CA GLY A 366 -7.97 -28.25 28.72
C GLY A 366 -9.37 -28.71 28.36
N ASP A 367 -9.79 -28.32 27.16
CA ASP A 367 -11.19 -28.51 26.82
C ASP A 367 -11.47 -29.83 26.14
N LEU A 368 -10.46 -30.45 25.54
CA LEU A 368 -10.64 -31.79 24.99
C LEU A 368 -10.69 -32.83 26.10
N ALA A 369 -11.63 -33.75 25.99
CA ALA A 369 -11.85 -34.80 26.98
C ALA A 369 -11.10 -36.05 26.57
N LYS A 370 -10.38 -36.66 27.52
CA LYS A 370 -9.62 -37.87 27.26
C LYS A 370 -10.54 -38.96 26.74
N VAL A 371 -10.42 -39.31 25.46
CA VAL A 371 -11.23 -40.36 24.85
C VAL A 371 -10.50 -41.70 24.89
N GLN A 372 -11.21 -42.78 24.56
CA GLN A 372 -10.63 -44.11 24.75
C GLN A 372 -10.13 -44.72 23.46
N ARG A 373 -10.82 -44.46 22.36
CA ARG A 373 -10.33 -44.85 21.04
C ARG A 373 -10.65 -43.72 20.06
N ALA A 374 -9.63 -42.96 19.66
CA ALA A 374 -9.75 -41.96 18.61
C ALA A 374 -9.25 -42.52 17.29
N VAL A 375 -9.41 -41.72 16.24
CA VAL A 375 -9.02 -42.10 14.88
C VAL A 375 -8.72 -40.83 14.13
N CYS A 376 -7.93 -40.95 13.06
CA CYS A 376 -7.69 -39.83 12.16
C CYS A 376 -7.48 -40.40 10.76
N MET A 377 -8.49 -40.24 9.89
CA MET A 377 -8.40 -40.62 8.48
C MET A 377 -7.79 -39.49 7.64
N LEU A 378 -6.98 -39.87 6.65
CA LEU A 378 -6.32 -38.94 5.75
C LEU A 378 -6.74 -39.24 4.31
N SER A 379 -8.00 -39.00 3.99
CA SER A 379 -8.42 -39.02 2.60
C SER A 379 -7.65 -37.98 1.78
N ASN A 380 -7.41 -38.29 0.49
CA ASN A 380 -6.92 -37.33 -0.50
C ASN A 380 -8.02 -37.21 -1.58
N THR A 381 -8.90 -36.21 -1.44
CA THR A 381 -10.06 -36.10 -2.31
C THR A 381 -9.79 -35.07 -3.39
N THR A 382 -10.47 -35.25 -4.53
CA THR A 382 -10.56 -34.18 -5.50
C THR A 382 -11.47 -33.06 -5.01
N ALA A 383 -12.24 -33.32 -3.96
CA ALA A 383 -13.18 -32.32 -3.49
C ALA A 383 -12.50 -31.22 -2.68
N ILE A 384 -11.24 -31.39 -2.29
CA ILE A 384 -10.50 -30.32 -1.66
C ILE A 384 -10.25 -29.18 -2.67
N ALA A 385 -10.34 -29.45 -3.97
CA ALA A 385 -10.26 -28.42 -4.98
C ALA A 385 -11.28 -27.30 -4.75
N GLU A 386 -12.37 -27.63 -4.07
CA GLU A 386 -13.38 -26.66 -3.70
C GLU A 386 -12.78 -25.53 -2.89
N ALA A 387 -11.86 -25.85 -1.98
CA ALA A 387 -11.26 -24.82 -1.13
C ALA A 387 -10.28 -23.94 -1.91
N TRP A 388 -9.45 -24.56 -2.74
CA TRP A 388 -8.61 -23.78 -3.66
C TRP A 388 -9.44 -22.81 -4.50
N ALA A 389 -10.71 -23.13 -4.75
CA ALA A 389 -11.53 -22.24 -5.57
C ALA A 389 -11.95 -21.03 -4.77
N ARG A 390 -12.47 -21.24 -3.56
CA ARG A 390 -12.73 -20.16 -2.62
C ARG A 390 -11.56 -19.18 -2.63
N LEU A 391 -10.37 -19.70 -2.35
CA LEU A 391 -9.19 -18.86 -2.24
C LEU A 391 -8.90 -18.17 -3.56
N ASP A 392 -8.97 -18.90 -4.66
CA ASP A 392 -8.66 -18.33 -5.96
C ASP A 392 -9.60 -17.19 -6.30
N HIS A 393 -10.88 -17.34 -5.96
CA HIS A 393 -11.86 -16.30 -6.31
C HIS A 393 -11.60 -15.01 -5.54
N LYS A 394 -11.39 -15.10 -4.22
CA LYS A 394 -10.99 -13.93 -3.45
C LYS A 394 -9.76 -13.27 -4.07
N PHE A 395 -8.74 -14.06 -4.38
CA PHE A 395 -7.58 -13.51 -5.08
C PHE A 395 -8.00 -12.77 -6.35
N ASP A 396 -8.81 -13.43 -7.19
CA ASP A 396 -9.21 -12.85 -8.46
C ASP A 396 -9.89 -11.50 -8.28
N LEU A 397 -10.74 -11.37 -7.26
CA LEU A 397 -11.50 -10.14 -7.04
C LEU A 397 -10.58 -8.94 -6.88
N MET A 398 -9.48 -9.13 -6.14
CA MET A 398 -8.58 -8.01 -5.90
C MET A 398 -7.62 -7.82 -7.07
N TYR A 399 -7.07 -8.92 -7.60
CA TYR A 399 -6.12 -8.77 -8.69
C TYR A 399 -6.74 -8.09 -9.91
N ALA A 400 -8.06 -8.23 -10.10
CA ALA A 400 -8.73 -7.47 -11.16
C ALA A 400 -8.42 -5.98 -11.05
N LYS A 401 -8.38 -5.47 -9.84
CA LYS A 401 -8.20 -4.05 -9.58
C LYS A 401 -6.74 -3.67 -9.32
N ARG A 402 -5.84 -4.64 -9.37
CA ARG A 402 -4.48 -4.51 -8.82
C ARG A 402 -4.45 -3.92 -7.42
N ALA A 403 -5.56 -4.04 -6.67
CA ALA A 403 -5.57 -3.67 -5.26
C ALA A 403 -4.42 -4.31 -4.50
N PHE A 404 -3.64 -3.47 -3.80
CA PHE A 404 -2.57 -3.79 -2.86
C PHE A 404 -1.27 -4.28 -3.50
N VAL A 405 -1.33 -4.72 -4.77
CA VAL A 405 -0.13 -5.20 -5.47
C VAL A 405 1.08 -4.29 -5.23
N HIS A 406 0.89 -2.98 -5.26
CA HIS A 406 2.01 -2.06 -5.12
C HIS A 406 2.78 -2.23 -3.80
N TRP A 407 2.22 -2.95 -2.82
CA TRP A 407 3.01 -3.28 -1.64
C TRP A 407 3.98 -4.41 -1.93
N TYR A 408 3.63 -5.29 -2.86
CA TYR A 408 4.45 -6.45 -3.15
C TYR A 408 5.54 -6.10 -4.13
N VAL A 409 5.22 -5.23 -5.09
CA VAL A 409 6.21 -4.89 -6.11
C VAL A 409 7.26 -3.98 -5.51
N GLY A 410 6.86 -3.20 -4.52
CA GLY A 410 7.78 -2.38 -3.77
C GLY A 410 8.62 -3.14 -2.78
N GLU A 411 8.35 -4.43 -2.65
CA GLU A 411 9.04 -5.25 -1.68
C GLU A 411 9.79 -6.41 -2.33
N GLY A 412 10.13 -6.28 -3.60
CA GLY A 412 10.98 -7.24 -4.28
C GLY A 412 10.36 -7.91 -5.48
N MET A 413 9.07 -7.72 -5.72
CA MET A 413 8.36 -8.53 -6.69
C MET A 413 8.19 -7.81 -8.02
N GLU A 414 8.01 -8.60 -9.06
CA GLU A 414 7.68 -8.12 -10.39
C GLU A 414 6.19 -8.37 -10.60
N GLU A 415 5.54 -7.49 -11.36
CA GLU A 415 4.08 -7.61 -11.42
C GLU A 415 3.65 -8.96 -12.00
N GLY A 416 4.37 -9.45 -13.00
CA GLY A 416 4.00 -10.69 -13.66
C GLY A 416 3.98 -11.91 -12.75
N GLU A 417 4.75 -11.87 -11.65
CA GLU A 417 4.70 -12.95 -10.67
C GLU A 417 3.28 -13.18 -10.19
N PHE A 418 2.54 -12.10 -9.93
CA PHE A 418 1.15 -12.24 -9.55
C PHE A 418 0.37 -13.01 -10.62
N SER A 419 0.44 -12.55 -11.88
CA SER A 419 -0.32 -13.23 -12.92
C SER A 419 0.19 -14.63 -13.17
N GLU A 420 1.44 -14.90 -12.81
CA GLU A 420 2.03 -16.23 -12.98
C GLU A 420 1.52 -17.18 -11.89
N ALA A 421 1.81 -16.86 -10.63
CA ALA A 421 1.29 -17.62 -9.51
C ALA A 421 -0.21 -17.88 -9.64
N ARG A 422 -0.95 -16.92 -10.17
CA ARG A 422 -2.37 -17.16 -10.31
C ARG A 422 -2.64 -18.20 -11.39
N GLU A 423 -1.73 -18.35 -12.35
CA GLU A 423 -2.00 -19.30 -13.44
C GLU A 423 -1.48 -20.70 -13.18
N ASP A 424 -0.47 -20.85 -12.33
CA ASP A 424 -0.24 -22.15 -11.73
C ASP A 424 -1.54 -22.70 -11.15
N MET A 425 -2.28 -21.87 -10.41
CA MET A 425 -3.52 -22.32 -9.78
C MET A 425 -4.55 -22.71 -10.81
N ALA A 426 -4.73 -21.87 -11.84
CA ALA A 426 -5.68 -22.22 -12.87
C ALA A 426 -5.34 -23.58 -13.46
N ALA A 427 -4.05 -23.91 -13.57
CA ALA A 427 -3.65 -25.23 -14.04
C ALA A 427 -3.97 -26.30 -13.00
N LEU A 428 -3.85 -25.97 -11.71
CA LEU A 428 -4.05 -26.98 -10.65
C LEU A 428 -5.53 -27.31 -10.48
N GLU A 429 -6.41 -26.30 -10.45
CA GLU A 429 -7.83 -26.59 -10.45
C GLU A 429 -8.22 -27.44 -11.65
N LYS A 430 -7.44 -27.37 -12.75
CA LYS A 430 -7.62 -28.28 -13.87
C LYS A 430 -7.02 -29.66 -13.61
N ASP A 431 -5.98 -29.71 -12.77
CA ASP A 431 -5.42 -30.99 -12.36
C ASP A 431 -6.43 -31.80 -11.56
N TYR A 432 -7.13 -31.16 -10.61
CA TYR A 432 -8.16 -31.85 -9.86
C TYR A 432 -9.38 -32.14 -10.70
N GLU A 433 -9.52 -31.49 -11.86
CA GLU A 433 -10.68 -31.73 -12.72
C GLU A 433 -10.53 -32.97 -13.60
N GLU A 434 -9.30 -33.44 -13.82
CA GLU A 434 -9.02 -34.45 -14.83
C GLU A 434 -8.76 -35.84 -14.26
N VAL A 435 -8.22 -35.93 -13.03
CA VAL A 435 -8.05 -37.24 -12.41
C VAL A 435 -9.42 -37.81 -12.05
N GLY A 436 -10.26 -37.02 -11.42
CA GLY A 436 -11.64 -37.41 -11.22
C GLY A 436 -12.51 -37.03 -12.41
N VAL A 437 -13.69 -37.63 -12.45
CA VAL A 437 -14.70 -37.42 -13.49
C VAL A 437 -14.07 -37.29 -14.88
N MET B 1 8.00 -3.95 14.63
CA MET B 1 8.85 -2.72 14.62
C MET B 1 8.42 -2.10 15.90
N ARG B 2 9.24 -1.39 16.68
CA ARG B 2 8.84 -1.05 18.06
C ARG B 2 8.39 0.39 18.28
N GLU B 3 9.20 1.36 17.86
CA GLU B 3 9.18 2.71 18.42
C GLU B 3 8.97 3.79 17.36
N ILE B 4 8.10 4.73 17.75
CA ILE B 4 7.53 5.76 16.91
C ILE B 4 8.04 7.10 17.40
N VAL B 5 8.54 7.92 16.48
CA VAL B 5 8.95 9.29 16.78
C VAL B 5 7.84 10.24 16.34
N HIS B 6 7.38 11.08 17.26
CA HIS B 6 6.24 11.97 17.07
C HIS B 6 6.76 13.41 16.94
N ILE B 7 6.29 14.15 15.94
CA ILE B 7 6.68 15.56 15.85
C ILE B 7 5.42 16.39 15.70
N GLN B 8 5.42 17.58 16.33
CA GLN B 8 4.28 18.48 16.34
C GLN B 8 4.74 19.86 15.89
N ALA B 9 4.08 20.40 14.85
CA ALA B 9 4.48 21.67 14.25
C ALA B 9 3.29 22.62 14.09
N GLY B 10 3.54 23.88 14.31
CA GLY B 10 2.49 24.87 14.17
C GLY B 10 1.80 25.14 15.49
N GLN B 11 0.87 26.11 15.47
CA GLN B 11 0.07 26.34 16.66
C GLN B 11 -0.90 25.19 16.88
N CYS B 12 -1.71 24.89 15.87
CA CYS B 12 -2.68 23.80 16.01
C CYS B 12 -1.98 22.52 16.40
N GLY B 13 -0.97 22.13 15.60
CA GLY B 13 -0.29 20.86 15.85
C GLY B 13 0.22 20.76 17.26
N ASN B 14 0.96 21.78 17.70
CA ASN B 14 1.48 21.76 19.06
C ASN B 14 0.36 21.67 20.09
N GLN B 15 -0.85 22.18 19.78
CA GLN B 15 -1.93 22.11 20.75
C GLN B 15 -2.59 20.73 20.79
N ILE B 16 -2.99 20.18 19.63
CA ILE B 16 -3.55 18.84 19.65
C ILE B 16 -2.49 17.84 20.10
N GLY B 17 -1.29 17.94 19.55
CA GLY B 17 -0.22 17.03 19.90
C GLY B 17 0.11 16.99 21.37
N ALA B 18 -0.19 18.05 22.12
CA ALA B 18 0.06 18.05 23.56
C ALA B 18 -1.10 17.47 24.34
N LYS B 19 -2.29 17.58 23.78
CA LYS B 19 -3.46 16.91 24.31
C LYS B 19 -3.33 15.42 24.06
N PHE B 20 -2.86 15.06 22.88
CA PHE B 20 -2.46 13.68 22.63
C PHE B 20 -1.57 13.17 23.75
N TRP B 21 -0.39 13.77 23.91
CA TRP B 21 0.52 13.36 24.95
C TRP B 21 -0.14 13.37 26.32
N GLU B 22 -1.07 14.30 26.53
CA GLU B 22 -1.70 14.37 27.84
C GLU B 22 -2.62 13.18 28.07
N VAL B 23 -3.45 12.85 27.08
CA VAL B 23 -4.49 11.83 27.25
C VAL B 23 -3.86 10.46 27.37
N ILE B 24 -3.00 10.08 26.42
CA ILE B 24 -2.42 8.75 26.45
C ILE B 24 -1.50 8.58 27.65
N SER B 25 -0.98 9.66 28.24
CA SER B 25 -0.23 9.52 29.47
C SER B 25 -1.15 9.08 30.62
N ASP B 26 -2.39 9.57 30.62
CA ASP B 26 -3.39 9.09 31.58
C ASP B 26 -3.65 7.60 31.36
N GLU B 27 -3.97 7.21 30.12
CA GLU B 27 -4.22 5.80 29.82
C GLU B 27 -3.05 4.91 30.22
N HIS B 28 -1.83 5.43 30.19
CA HIS B 28 -0.68 4.60 30.47
C HIS B 28 -0.19 4.72 31.90
N GLY B 29 -0.66 5.71 32.65
CA GLY B 29 -0.24 5.84 34.03
C GLY B 29 1.05 6.59 34.25
N ILE B 30 1.54 7.32 33.28
CA ILE B 30 2.65 8.25 33.49
C ILE B 30 2.04 9.58 33.93
N ASP B 31 2.50 10.09 35.08
CA ASP B 31 2.05 11.40 35.58
C ASP B 31 3.01 12.49 35.10
N PRO B 32 2.62 13.78 35.26
CA PRO B 32 3.47 14.87 34.73
C PRO B 32 4.95 14.76 35.07
N THR B 33 5.30 14.12 36.18
CA THR B 33 6.70 13.95 36.53
C THR B 33 7.39 12.81 35.79
N GLY B 34 6.67 11.97 35.07
CA GLY B 34 7.30 10.86 34.38
C GLY B 34 7.41 9.56 35.16
N SER B 35 6.99 9.52 36.42
CA SER B 35 6.97 8.29 37.19
C SER B 35 5.71 7.51 36.88
N TYR B 36 5.85 6.19 36.89
CA TYR B 36 4.70 5.33 36.71
C TYR B 36 3.96 5.14 38.02
N HIS B 37 2.64 5.31 37.97
CA HIS B 37 1.75 5.11 39.11
C HIS B 37 0.45 4.43 38.68
N GLY B 38 0.48 3.68 37.57
CA GLY B 38 -0.73 3.07 37.05
C GLY B 38 -1.05 1.74 37.71
N ASP B 39 -2.26 1.26 37.43
CA ASP B 39 -2.82 0.09 38.08
C ASP B 39 -2.84 -1.14 37.18
N SER B 40 -1.89 -1.23 36.25
CA SER B 40 -1.84 -2.38 35.37
C SER B 40 -0.40 -2.68 35.00
N ASP B 41 -0.15 -3.95 34.67
CA ASP B 41 1.01 -4.29 33.87
C ASP B 41 0.71 -4.16 32.39
N LEU B 42 -0.57 -4.21 32.02
CA LEU B 42 -1.00 -4.03 30.63
C LEU B 42 -0.64 -2.65 30.08
N GLN B 43 -0.45 -1.66 30.96
CA GLN B 43 -0.15 -0.31 30.49
C GLN B 43 1.32 -0.17 30.13
N LEU B 44 2.21 -0.74 30.96
CA LEU B 44 3.65 -0.71 30.76
C LEU B 44 4.16 -1.65 29.67
N GLU B 45 3.31 -2.51 29.11
CA GLU B 45 3.83 -3.60 28.29
C GLU B 45 4.40 -3.09 26.98
N ARG B 46 3.73 -2.16 26.35
CA ARG B 46 4.25 -1.68 25.09
C ARG B 46 4.50 -0.17 25.16
N ILE B 47 4.93 0.29 26.35
CA ILE B 47 5.10 1.70 26.67
C ILE B 47 6.16 2.36 25.75
N ASN B 48 7.17 1.57 25.33
CA ASN B 48 8.29 2.01 24.53
C ASN B 48 7.91 2.48 23.12
N VAL B 49 6.65 2.32 22.70
CA VAL B 49 6.24 2.76 21.37
C VAL B 49 6.21 4.29 21.29
N TYR B 50 5.72 4.95 22.33
CA TYR B 50 5.65 6.40 22.33
C TYR B 50 6.56 7.04 23.38
N TYR B 51 7.19 6.27 24.27
CA TYR B 51 8.02 6.82 25.34
C TYR B 51 9.38 6.14 25.34
N ASN B 52 10.40 6.89 25.77
CA ASN B 52 11.72 6.36 26.08
C ASN B 52 11.83 6.16 27.60
N GLU B 53 12.70 5.25 28.01
CA GLU B 53 13.04 5.08 29.42
C GLU B 53 14.29 5.89 29.74
N ALA B 54 14.59 6.03 31.03
CA ALA B 54 15.64 6.98 31.42
C ALA B 54 16.28 6.52 32.72
N ALA B 55 17.03 7.42 33.36
CA ALA B 55 17.56 7.18 34.71
C ALA B 55 16.46 7.46 35.73
N GLY B 56 16.17 6.48 36.57
CA GLY B 56 15.12 6.61 37.56
C GLY B 56 13.77 6.09 37.14
N ASN B 57 13.71 5.23 36.12
CA ASN B 57 12.45 4.72 35.58
C ASN B 57 11.50 5.87 35.20
N LYS B 58 12.06 6.90 34.57
CA LYS B 58 11.28 8.02 34.04
C LYS B 58 10.94 7.76 32.58
N TYR B 59 9.83 8.33 32.14
CA TYR B 59 9.31 8.11 30.79
C TYR B 59 9.09 9.47 30.14
N VAL B 60 9.92 9.82 29.17
CA VAL B 60 9.81 11.11 28.47
C VAL B 60 9.38 10.82 27.03
N PRO B 61 8.32 11.45 26.53
CA PRO B 61 7.80 11.07 25.20
C PRO B 61 8.86 11.19 24.10
N ARG B 62 8.55 10.60 22.94
CA ARG B 62 9.30 10.88 21.72
C ARG B 62 8.52 11.88 20.89
N ALA B 63 8.54 13.14 21.32
CA ALA B 63 8.07 14.26 20.53
C ALA B 63 9.20 15.24 20.25
N ILE B 64 9.29 15.72 18.98
CA ILE B 64 9.92 17.01 18.70
C ILE B 64 8.85 18.08 18.70
N LEU B 65 9.15 19.22 19.32
CA LEU B 65 8.23 20.35 19.36
C LEU B 65 8.75 21.46 18.46
N VAL B 66 7.96 21.80 17.43
CA VAL B 66 8.44 22.68 16.35
C VAL B 66 7.46 23.81 16.12
N ASP B 67 7.97 25.03 16.06
CA ASP B 67 7.19 26.23 15.79
C ASP B 67 8.13 27.36 15.36
N LEU B 68 7.68 28.14 14.39
CA LEU B 68 8.44 29.30 13.95
C LEU B 68 8.24 30.51 14.88
N GLU B 69 7.17 30.54 15.69
CA GLU B 69 6.82 31.46 16.77
C GLU B 69 6.99 30.78 18.12
N PRO B 70 7.46 31.47 19.16
CA PRO B 70 7.61 30.81 20.46
C PRO B 70 6.30 30.70 21.24
N GLY B 71 5.32 31.56 20.94
CA GLY B 71 4.17 31.74 21.81
C GLY B 71 3.36 30.49 22.05
N THR B 72 3.55 29.47 21.24
CA THR B 72 2.86 28.22 21.48
C THR B 72 3.76 27.21 22.19
N MET B 73 5.04 27.51 22.41
CA MET B 73 5.78 26.49 23.10
C MET B 73 6.19 26.92 24.49
N ASP B 74 6.01 28.20 24.78
CA ASP B 74 6.08 28.78 26.11
C ASP B 74 4.82 28.45 26.93
N SER B 75 3.68 28.30 26.25
CA SER B 75 2.45 27.96 26.95
C SER B 75 2.28 26.46 27.17
N VAL B 76 2.94 25.63 26.35
CA VAL B 76 2.88 24.19 26.58
C VAL B 76 3.83 23.78 27.68
N ARG B 77 5.02 24.42 27.78
CA ARG B 77 5.83 24.27 28.98
C ARG B 77 5.02 24.63 30.22
N SER B 78 4.04 25.54 30.08
CA SER B 78 3.17 26.00 31.16
C SER B 78 1.86 25.23 31.23
N GLY B 79 1.79 24.06 30.60
CA GLY B 79 0.65 23.19 30.72
C GLY B 79 0.94 22.06 31.67
N PRO B 80 -0.04 21.14 31.80
CA PRO B 80 0.13 20.03 32.78
C PRO B 80 1.35 19.17 32.54
N PHE B 81 1.63 18.82 31.29
CA PHE B 81 2.70 17.88 30.97
C PHE B 81 3.85 18.53 30.21
N GLY B 82 3.95 19.86 30.18
CA GLY B 82 5.12 20.48 29.55
C GLY B 82 6.41 20.23 30.31
N GLN B 83 6.30 19.79 31.56
CA GLN B 83 7.46 19.40 32.35
C GLN B 83 8.14 18.16 31.79
N ILE B 84 7.37 17.17 31.36
CA ILE B 84 7.95 15.86 31.05
C ILE B 84 8.73 15.90 29.74
N PHE B 85 8.23 16.60 28.72
CA PHE B 85 8.93 16.72 27.45
C PHE B 85 10.39 17.06 27.66
N ARG B 86 11.27 16.43 26.90
CA ARG B 86 12.68 16.82 26.99
C ARG B 86 12.87 18.28 26.54
N PRO B 87 13.76 19.03 27.19
CA PRO B 87 13.93 20.44 26.81
C PRO B 87 14.66 20.66 25.50
N ASP B 88 15.68 19.85 25.20
CA ASP B 88 16.42 19.97 23.93
C ASP B 88 15.57 19.65 22.70
N ASN B 89 14.41 19.03 22.87
CA ASN B 89 13.53 18.70 21.77
C ASN B 89 12.43 19.77 21.56
N PHE B 90 12.61 20.95 22.15
CA PHE B 90 11.82 22.15 21.85
C PHE B 90 12.56 22.93 20.78
N VAL B 91 12.07 22.89 19.54
CA VAL B 91 12.79 23.59 18.47
C VAL B 91 11.87 24.69 17.91
N PHE B 92 11.76 25.80 18.65
CA PHE B 92 11.29 27.09 18.15
C PHE B 92 12.34 28.01 17.54
N GLY B 93 11.84 28.84 16.61
CA GLY B 93 12.45 30.05 16.13
C GLY B 93 11.61 31.24 16.54
N GLN B 94 11.83 32.40 15.90
CA GLN B 94 11.09 33.62 16.24
C GLN B 94 10.33 34.25 15.08
N SER B 95 10.79 34.06 13.84
CA SER B 95 10.24 34.69 12.65
C SER B 95 8.70 34.73 12.57
N GLY B 96 8.05 33.59 12.78
CA GLY B 96 6.66 33.45 12.42
C GLY B 96 6.52 33.11 10.94
N ALA B 97 5.28 32.78 10.56
CA ALA B 97 5.02 32.38 9.17
C ALA B 97 3.79 33.05 8.60
N GLY B 98 3.22 34.04 9.31
CA GLY B 98 2.14 34.87 8.82
C GLY B 98 0.98 34.13 8.20
N ASN B 99 0.79 32.88 8.66
CA ASN B 99 -0.21 31.96 8.11
C ASN B 99 -0.03 31.79 6.60
N ASN B 100 1.25 31.64 6.18
CA ASN B 100 1.63 31.44 4.79
C ASN B 100 2.37 30.11 4.59
N TRP B 101 1.91 29.30 3.63
CA TRP B 101 2.62 28.06 3.32
C TRP B 101 4.03 28.36 2.84
N ALA B 102 4.16 29.25 1.85
CA ALA B 102 5.47 29.57 1.29
C ALA B 102 6.44 30.04 2.37
N LYS B 103 5.94 30.80 3.33
CA LYS B 103 6.84 31.33 4.34
C LYS B 103 7.39 30.21 5.23
N GLY B 104 6.57 29.20 5.55
CA GLY B 104 7.06 28.04 6.28
C GLY B 104 7.88 27.07 5.42
N HIS B 105 7.43 26.86 4.18
CA HIS B 105 8.07 25.88 3.30
C HIS B 105 9.42 26.37 2.75
N TYR B 106 9.52 27.64 2.32
CA TYR B 106 10.73 28.09 1.63
C TYR B 106 11.48 29.21 2.33
N THR B 107 10.79 30.19 2.90
CA THR B 107 11.49 31.36 3.43
C THR B 107 11.90 31.07 4.87
N GLU B 108 11.09 31.50 5.83
CA GLU B 108 11.38 31.18 7.22
C GLU B 108 11.22 29.69 7.46
N GLY B 109 11.95 29.16 8.43
CA GLY B 109 11.69 27.76 8.71
C GLY B 109 12.50 26.80 7.86
N ALA B 110 12.68 27.11 6.58
CA ALA B 110 13.72 26.42 5.81
C ALA B 110 15.09 26.62 6.46
N GLU B 111 15.21 27.64 7.31
CA GLU B 111 16.40 27.87 8.11
C GLU B 111 16.32 27.24 9.49
N LEU B 112 15.11 26.97 10.00
CA LEU B 112 14.96 26.29 11.28
C LEU B 112 15.00 24.78 11.11
N VAL B 113 14.58 24.26 9.97
CA VAL B 113 14.75 22.83 9.67
C VAL B 113 16.26 22.67 9.54
N ASP B 114 16.75 21.43 9.44
CA ASP B 114 18.18 21.17 9.65
C ASP B 114 18.61 21.59 11.04
N SER B 115 17.64 21.78 11.94
CA SER B 115 17.88 21.91 13.36
C SER B 115 16.88 20.97 14.01
N VAL B 116 15.63 21.08 13.55
CA VAL B 116 14.65 20.04 13.82
C VAL B 116 15.23 18.69 13.40
N LEU B 117 15.77 18.61 12.18
CA LEU B 117 16.29 17.33 11.70
C LEU B 117 17.39 16.81 12.61
N ASP B 118 18.17 17.69 13.22
CA ASP B 118 19.29 17.18 13.98
C ASP B 118 18.88 16.52 15.30
N VAL B 119 17.72 16.88 15.86
CA VAL B 119 17.19 16.14 17.01
C VAL B 119 16.35 14.96 16.56
N VAL B 120 15.66 15.07 15.42
CA VAL B 120 15.05 13.90 14.78
C VAL B 120 16.08 12.79 14.62
N ARG B 121 17.23 13.11 14.01
CA ARG B 121 18.34 12.17 13.96
C ARG B 121 18.68 11.67 15.35
N LYS B 122 18.66 12.57 16.36
CA LYS B 122 19.11 12.22 17.70
C LYS B 122 18.25 11.12 18.31
N GLU B 123 16.95 11.41 18.48
CA GLU B 123 16.08 10.43 19.13
C GLU B 123 15.98 9.13 18.34
N SER B 124 16.32 9.15 17.04
CA SER B 124 16.18 7.96 16.22
C SER B 124 17.43 7.08 16.17
N GLU B 125 18.59 7.59 16.55
CA GLU B 125 19.69 6.65 16.68
C GLU B 125 19.57 5.81 17.94
N SER B 126 18.70 6.20 18.88
CA SER B 126 18.40 5.41 20.07
C SER B 126 17.43 4.28 19.81
N CYS B 127 16.97 4.10 18.57
CA CYS B 127 15.88 3.17 18.32
C CYS B 127 16.39 1.78 17.91
N ASP B 128 16.01 0.75 18.68
CA ASP B 128 16.20 -0.63 18.24
C ASP B 128 15.52 -0.86 16.89
N CYS B 129 14.28 -0.39 16.76
CA CYS B 129 13.44 -0.74 15.63
C CYS B 129 12.43 0.40 15.43
N LEU B 130 12.64 1.21 14.38
CA LEU B 130 11.84 2.40 14.14
C LEU B 130 10.64 2.06 13.25
N GLN B 131 9.44 2.43 13.73
CA GLN B 131 8.24 2.23 12.91
C GLN B 131 8.16 3.29 11.82
N GLY B 132 8.52 4.51 12.17
CA GLY B 132 8.25 5.71 11.42
C GLY B 132 7.86 6.83 12.34
N PHE B 133 7.07 7.76 11.82
CA PHE B 133 6.87 9.05 12.46
C PHE B 133 5.43 9.45 12.35
N GLN B 134 4.95 10.17 13.36
CA GLN B 134 3.67 10.82 13.23
C GLN B 134 3.85 12.32 13.46
N LEU B 135 3.24 13.10 12.59
CA LEU B 135 3.23 14.56 12.70
C LEU B 135 1.83 15.01 13.05
N THR B 136 1.72 15.89 14.05
CA THR B 136 0.50 16.68 14.27
C THR B 136 0.72 18.06 13.65
N HIS B 137 -0.10 18.39 12.66
CA HIS B 137 0.04 19.67 11.98
C HIS B 137 -1.33 20.13 11.49
N SER B 138 -1.39 21.40 11.10
CA SER B 138 -2.60 21.94 10.50
C SER B 138 -2.39 22.17 9.01
N LEU B 139 -3.44 21.94 8.22
CA LEU B 139 -3.39 22.23 6.79
C LEU B 139 -3.80 23.67 6.45
N GLY B 140 -4.09 24.50 7.46
CA GLY B 140 -4.77 25.77 7.25
C GLY B 140 -3.88 26.92 6.86
N GLY B 141 -2.60 26.84 7.17
CA GLY B 141 -1.65 27.80 6.63
C GLY B 141 -0.56 28.10 7.61
N GLY B 142 0.67 28.18 7.13
CA GLY B 142 1.68 28.73 8.00
C GLY B 142 2.75 27.77 8.47
N THR B 143 3.21 27.95 9.71
CA THR B 143 4.35 27.16 10.19
C THR B 143 4.09 25.65 10.20
N GLY B 144 2.84 25.20 10.37
CA GLY B 144 2.52 23.77 10.34
C GLY B 144 2.30 23.16 8.95
N SER B 145 1.71 23.93 8.03
CA SER B 145 1.49 23.46 6.67
C SER B 145 2.73 23.54 5.80
N GLY B 146 3.59 24.52 6.02
CA GLY B 146 4.67 24.72 5.10
C GLY B 146 5.93 24.11 5.64
N MET B 147 6.25 24.35 6.91
CA MET B 147 7.38 23.62 7.47
C MET B 147 7.03 22.13 7.61
N GLY B 148 5.78 21.86 7.99
CA GLY B 148 5.34 20.48 8.13
C GLY B 148 5.56 19.69 6.86
N THR B 149 5.08 20.22 5.73
CA THR B 149 5.35 19.51 4.50
C THR B 149 6.76 19.73 4.00
N LEU B 150 7.61 20.43 4.75
CA LEU B 150 9.02 20.38 4.44
C LEU B 150 9.74 19.34 5.30
N LEU B 151 9.35 19.24 6.57
CA LEU B 151 9.89 18.18 7.41
C LEU B 151 9.61 16.83 6.79
N ILE B 152 8.34 16.60 6.42
CA ILE B 152 7.93 15.30 5.88
C ILE B 152 8.76 14.94 4.66
N SER B 153 9.06 15.91 3.80
CA SER B 153 9.86 15.62 2.62
C SER B 153 11.31 15.31 3.00
N LYS B 154 11.89 16.14 3.87
CA LYS B 154 13.28 15.91 4.23
C LYS B 154 13.46 14.65 5.08
N ILE B 155 12.42 14.22 5.80
CA ILE B 155 12.48 12.99 6.58
C ILE B 155 12.33 11.78 5.68
N ARG B 156 11.59 11.91 4.57
CA ARG B 156 11.50 10.80 3.63
C ARG B 156 12.83 10.48 2.94
N GLU B 157 13.66 11.48 2.53
CA GLU B 157 14.86 10.97 1.85
C GLU B 157 15.82 10.38 2.86
N GLU B 158 15.69 10.73 4.15
CA GLU B 158 16.65 10.19 5.10
C GLU B 158 16.21 8.83 5.63
N TYR B 159 14.91 8.62 5.83
CA TYR B 159 14.37 7.33 6.25
C TYR B 159 13.30 6.92 5.25
N PRO B 160 13.71 6.59 4.02
CA PRO B 160 12.71 6.24 2.99
C PRO B 160 11.90 5.01 3.33
N ASP B 161 12.48 4.06 4.08
CA ASP B 161 11.88 2.76 4.36
C ASP B 161 11.11 2.74 5.70
N ARG B 162 10.75 3.91 6.22
CA ARG B 162 9.90 4.07 7.40
C ARG B 162 8.55 4.64 7.02
N ILE B 163 7.55 4.35 7.86
CA ILE B 163 6.18 4.76 7.60
C ILE B 163 6.01 6.21 8.03
N MET B 164 5.42 7.02 7.17
CA MET B 164 5.03 8.41 7.48
C MET B 164 3.52 8.47 7.70
N ASN B 165 3.06 8.86 8.89
CA ASN B 165 1.64 9.22 9.01
C ASN B 165 1.46 10.57 9.70
N THR B 166 0.32 11.18 9.41
CA THR B 166 -0.01 12.49 9.95
C THR B 166 -1.45 12.52 10.47
N PHE B 167 -1.63 13.26 11.55
CA PHE B 167 -2.91 13.88 11.90
C PHE B 167 -2.93 15.31 11.35
N SER B 168 -3.75 15.53 10.32
CA SER B 168 -3.74 16.76 9.52
C SER B 168 -5.11 17.43 9.64
N VAL B 169 -5.20 18.47 10.47
CA VAL B 169 -6.48 19.15 10.62
C VAL B 169 -6.75 20.00 9.38
N VAL B 170 -7.99 19.96 8.91
CA VAL B 170 -8.40 20.52 7.63
C VAL B 170 -9.20 21.80 7.87
N PRO B 171 -8.87 22.91 7.20
CA PRO B 171 -9.50 24.19 7.54
C PRO B 171 -10.92 24.35 7.03
N SER B 172 -11.72 25.03 7.84
CA SER B 172 -13.08 25.35 7.44
C SER B 172 -13.33 26.85 7.60
N PRO B 173 -14.13 27.43 6.70
CA PRO B 173 -14.70 28.74 7.02
C PRO B 173 -15.29 28.78 8.42
N LYS B 174 -16.18 27.83 8.73
CA LYS B 174 -17.01 27.90 9.93
C LYS B 174 -16.22 28.12 11.21
N VAL B 175 -14.91 27.90 11.19
CA VAL B 175 -14.10 28.00 12.39
C VAL B 175 -13.13 29.16 12.33
N SER B 176 -12.37 29.27 11.25
CA SER B 176 -11.54 30.44 11.04
C SER B 176 -11.89 31.00 9.68
N ASP B 177 -12.28 32.25 9.66
CA ASP B 177 -12.82 32.75 8.41
C ASP B 177 -11.70 33.47 7.66
N THR B 178 -10.49 32.85 7.71
CA THR B 178 -9.25 33.42 7.16
C THR B 178 -9.22 33.14 5.66
N VAL B 179 -9.39 34.21 4.91
CA VAL B 179 -9.49 34.23 3.45
C VAL B 179 -8.40 33.41 2.74
N VAL B 180 -7.22 33.27 3.34
CA VAL B 180 -6.05 32.77 2.62
C VAL B 180 -5.86 31.25 2.83
N GLU B 181 -6.82 30.57 3.46
CA GLU B 181 -6.72 29.18 3.93
C GLU B 181 -6.88 28.11 2.85
N PRO B 182 -7.84 28.22 1.91
CA PRO B 182 -7.88 27.22 0.81
C PRO B 182 -6.60 27.16 -0.01
N TYR B 183 -5.76 28.20 0.03
CA TYR B 183 -4.48 28.15 -0.69
C TYR B 183 -3.53 27.18 0.00
N ASN B 184 -3.38 27.29 1.31
CA ASN B 184 -2.37 26.51 2.01
C ASN B 184 -2.76 25.06 2.23
N ALA B 185 -4.04 24.71 2.10
CA ALA B 185 -4.42 23.32 2.15
C ALA B 185 -4.03 22.65 0.84
N THR B 186 -4.43 23.24 -0.29
CA THR B 186 -4.08 22.66 -1.58
C THR B 186 -2.57 22.60 -1.78
N LEU B 187 -1.81 23.42 -1.04
CA LEU B 187 -0.36 23.30 -1.09
C LEU B 187 0.15 22.16 -0.23
N SER B 188 -0.59 21.84 0.84
CA SER B 188 -0.20 20.76 1.74
C SER B 188 -0.66 19.41 1.20
N VAL B 189 -1.90 19.36 0.73
CA VAL B 189 -2.46 18.12 0.19
C VAL B 189 -1.63 17.63 -0.98
N HIS B 190 -1.05 18.54 -1.76
CA HIS B 190 -0.15 18.13 -2.83
C HIS B 190 1.02 17.35 -2.27
N GLN B 191 1.54 17.78 -1.12
CA GLN B 191 2.72 17.13 -0.56
C GLN B 191 2.35 15.86 0.20
N LEU B 192 1.21 15.87 0.89
CA LEU B 192 0.77 14.68 1.60
C LEU B 192 0.50 13.52 0.64
N VAL B 193 -0.12 13.80 -0.52
CA VAL B 193 -0.31 12.75 -1.54
C VAL B 193 1.01 12.15 -1.96
N GLU B 194 2.04 12.96 -2.14
CA GLU B 194 3.24 12.36 -2.67
C GLU B 194 3.99 11.56 -1.62
N ASN B 195 3.93 11.98 -0.36
CA ASN B 195 4.97 11.62 0.58
C ASN B 195 4.51 11.02 1.90
N THR B 196 3.22 10.84 2.12
CA THR B 196 2.77 10.16 3.33
C THR B 196 2.19 8.80 2.98
N ASP B 197 2.41 7.84 3.88
CA ASP B 197 1.87 6.51 3.73
C ASP B 197 0.47 6.37 4.30
N GLU B 198 0.08 7.28 5.20
CA GLU B 198 -1.30 7.34 5.70
C GLU B 198 -1.59 8.69 6.37
N THR B 199 -2.74 9.29 6.06
CA THR B 199 -3.12 10.56 6.67
C THR B 199 -4.49 10.41 7.29
N TYR B 200 -4.60 10.80 8.56
CA TYR B 200 -5.90 11.01 9.19
C TYR B 200 -6.38 12.44 8.90
N CYS B 201 -7.66 12.56 8.58
CA CYS B 201 -8.28 13.79 8.11
C CYS B 201 -9.19 14.29 9.21
N ILE B 202 -8.57 14.88 10.23
CA ILE B 202 -9.32 15.66 11.21
C ILE B 202 -9.79 16.97 10.58
N ASP B 203 -11.07 17.07 10.24
CA ASP B 203 -11.57 18.19 9.44
C ASP B 203 -12.31 19.20 10.31
N ASN B 204 -11.76 20.42 10.45
CA ASN B 204 -12.34 21.38 11.39
C ASN B 204 -13.79 21.68 11.09
N GLU B 205 -14.23 21.55 9.83
CA GLU B 205 -15.66 21.71 9.57
C GLU B 205 -16.49 20.68 10.32
N ALA B 206 -16.10 19.40 10.26
CA ALA B 206 -16.85 18.35 10.97
C ALA B 206 -16.82 18.58 12.48
N LEU B 207 -15.64 18.85 13.03
CA LEU B 207 -15.54 19.12 14.47
C LEU B 207 -16.43 20.28 14.88
N TYR B 208 -16.53 21.33 14.04
CA TYR B 208 -17.43 22.43 14.37
C TYR B 208 -18.87 21.94 14.48
N ASP B 209 -19.35 21.23 13.45
CA ASP B 209 -20.77 20.82 13.39
C ASP B 209 -21.13 19.82 14.48
N ILE B 210 -20.19 18.99 14.93
CA ILE B 210 -20.46 18.09 16.06
C ILE B 210 -20.58 18.89 17.35
N CYS B 211 -19.69 19.87 17.56
CA CYS B 211 -19.75 20.71 18.75
C CYS B 211 -20.93 21.66 18.78
N PHE B 212 -21.66 21.84 17.68
CA PHE B 212 -22.73 22.84 17.66
C PHE B 212 -24.11 22.24 17.48
N ARG B 213 -24.25 21.25 16.60
CA ARG B 213 -25.57 20.67 16.33
C ARG B 213 -25.77 19.29 16.98
N THR B 214 -24.68 18.63 17.41
CA THR B 214 -24.79 17.40 18.19
C THR B 214 -24.57 17.65 19.68
N LEU B 215 -23.46 18.33 20.04
CA LEU B 215 -23.23 18.60 21.45
C LEU B 215 -23.99 19.81 21.93
N LYS B 216 -24.54 20.60 21.01
CA LYS B 216 -25.29 21.81 21.35
C LYS B 216 -24.40 22.78 22.11
N LEU B 217 -23.24 23.13 21.55
CA LEU B 217 -22.37 24.06 22.28
C LEU B 217 -22.30 25.28 21.37
N THR B 218 -23.03 26.32 21.71
CA THR B 218 -23.36 27.34 20.72
C THR B 218 -22.13 28.16 20.32
N THR B 219 -21.15 28.31 21.22
CA THR B 219 -19.92 29.06 20.91
C THR B 219 -18.71 28.14 21.15
N PRO B 220 -18.23 27.47 20.10
CA PRO B 220 -17.21 26.41 20.25
C PRO B 220 -15.79 26.98 20.36
N THR B 221 -15.10 26.64 21.43
CA THR B 221 -13.70 27.00 21.65
C THR B 221 -12.75 26.02 20.94
N TYR B 222 -11.46 26.41 20.86
CA TYR B 222 -10.45 25.46 20.44
C TYR B 222 -10.31 24.30 21.42
N GLY B 223 -10.70 24.50 22.67
CA GLY B 223 -10.68 23.40 23.61
C GLY B 223 -11.72 22.33 23.28
N ASP B 224 -12.93 22.75 22.91
CA ASP B 224 -14.00 21.79 22.65
C ASP B 224 -13.81 21.08 21.32
N LEU B 225 -13.21 21.75 20.34
CA LEU B 225 -12.79 21.07 19.12
C LEU B 225 -11.67 20.07 19.40
N ASN B 226 -10.68 20.48 20.22
CA ASN B 226 -9.53 19.65 20.53
C ASN B 226 -9.91 18.44 21.37
N HIS B 227 -10.85 18.61 22.30
CA HIS B 227 -11.34 17.47 23.05
C HIS B 227 -11.75 16.35 22.11
N LEU B 228 -12.63 16.67 21.15
CA LEU B 228 -13.01 15.69 20.14
C LEU B 228 -11.80 15.14 19.38
N VAL B 229 -10.73 15.93 19.24
CA VAL B 229 -9.57 15.47 18.48
C VAL B 229 -8.78 14.47 19.29
N SER B 230 -8.52 14.79 20.56
CA SER B 230 -7.66 13.93 21.37
C SER B 230 -8.31 12.58 21.63
N ALA B 231 -9.63 12.57 21.81
CA ALA B 231 -10.34 11.29 21.89
C ALA B 231 -10.15 10.47 20.63
N THR B 232 -9.90 11.13 19.49
CA THR B 232 -9.70 10.37 18.26
C THR B 232 -8.27 9.86 18.15
N MET B 233 -7.28 10.66 18.54
CA MET B 233 -5.90 10.18 18.47
C MET B 233 -5.61 9.14 19.54
N SER B 234 -6.55 8.90 20.46
CA SER B 234 -6.43 7.75 21.36
C SER B 234 -6.95 6.48 20.72
N GLY B 235 -8.10 6.55 20.09
CA GLY B 235 -8.63 5.40 19.41
C GLY B 235 -7.71 4.95 18.30
N VAL B 236 -7.37 5.83 17.36
CA VAL B 236 -6.65 5.42 16.16
C VAL B 236 -5.21 5.00 16.43
N THR B 237 -4.70 5.21 17.64
CA THR B 237 -3.38 4.73 18.03
C THR B 237 -3.39 3.61 19.05
N THR B 238 -4.57 3.17 19.53
CA THR B 238 -4.58 2.26 20.68
C THR B 238 -3.96 0.91 20.31
N CYS B 239 -4.35 0.36 19.16
CA CYS B 239 -3.68 -0.75 18.51
C CYS B 239 -2.16 -0.71 18.51
N LEU B 240 -1.58 0.48 18.58
CA LEU B 240 -0.13 0.62 18.61
C LEU B 240 0.42 0.63 20.02
N ARG B 241 -0.43 0.87 21.02
CA ARG B 241 0.00 1.23 22.36
C ARG B 241 -0.29 0.15 23.40
N PHE B 242 -1.15 -0.80 23.06
CA PHE B 242 -1.55 -1.92 23.88
C PHE B 242 -1.31 -3.21 23.11
N PRO B 243 -1.19 -4.35 23.81
CA PRO B 243 -0.91 -5.61 23.10
C PRO B 243 -2.14 -6.08 22.37
N GLY B 244 -1.92 -6.61 21.17
CA GLY B 244 -3.04 -6.96 20.32
C GLY B 244 -2.57 -7.53 19.00
N GLN B 245 -3.53 -7.91 18.17
CA GLN B 245 -3.28 -8.68 16.97
C GLN B 245 -3.52 -7.91 15.68
N LEU B 246 -4.54 -7.05 15.66
CA LEU B 246 -4.96 -6.41 14.42
C LEU B 246 -4.23 -5.07 14.32
N ASN B 247 -3.92 -4.65 13.09
CA ASN B 247 -3.27 -3.35 12.80
C ASN B 247 -2.32 -2.94 13.91
N ALA B 248 -1.36 -3.78 14.25
CA ALA B 248 -0.59 -3.58 15.46
C ALA B 248 0.54 -2.58 15.30
N ASP B 249 1.00 -2.34 14.06
CA ASP B 249 2.08 -1.39 13.80
C ASP B 249 1.72 -0.54 12.58
N LEU B 250 2.49 0.54 12.42
CA LEU B 250 2.22 1.49 11.34
C LEU B 250 2.25 0.82 9.97
N ARG B 251 3.22 -0.09 9.73
CA ARG B 251 3.34 -0.74 8.42
C ARG B 251 2.22 -1.75 8.19
N LYS B 252 1.88 -2.52 9.22
CA LYS B 252 0.80 -3.48 9.06
C LYS B 252 -0.53 -2.76 8.85
N LEU B 253 -0.71 -1.61 9.50
CA LEU B 253 -1.97 -0.89 9.32
C LEU B 253 -2.06 -0.34 7.91
N ALA B 254 -0.96 0.25 7.42
CA ALA B 254 -0.91 0.75 6.05
C ALA B 254 -1.27 -0.34 5.05
N VAL B 255 -0.76 -1.58 5.27
CA VAL B 255 -0.97 -2.67 4.32
C VAL B 255 -2.39 -3.22 4.40
N ASN B 256 -3.05 -3.09 5.57
CA ASN B 256 -4.49 -3.34 5.64
C ASN B 256 -5.33 -2.23 5.05
N MET B 257 -4.86 -0.97 5.06
CA MET B 257 -5.76 0.15 4.78
C MET B 257 -5.62 0.76 3.39
N VAL B 258 -4.41 0.90 2.86
CA VAL B 258 -4.15 1.60 1.60
C VAL B 258 -4.19 0.65 0.41
N PRO B 259 -5.31 0.49 -0.31
CA PRO B 259 -5.30 -0.42 -1.46
C PRO B 259 -4.46 0.07 -2.61
N PHE B 260 -4.69 1.33 -2.99
CA PHE B 260 -3.93 1.91 -4.08
C PHE B 260 -2.96 2.92 -3.54
N PRO B 261 -1.77 3.05 -4.13
CA PRO B 261 -0.72 3.80 -3.45
C PRO B 261 -1.11 5.22 -3.10
N ARG B 262 -1.97 5.87 -3.89
CA ARG B 262 -2.24 7.28 -3.62
C ARG B 262 -3.41 7.52 -2.68
N LEU B 263 -4.27 6.52 -2.47
CA LEU B 263 -5.49 6.71 -1.69
C LEU B 263 -5.25 6.29 -0.25
N HIS B 264 -4.45 7.08 0.44
CA HIS B 264 -4.03 6.81 1.82
C HIS B 264 -4.58 7.87 2.78
N PHE B 265 -5.80 8.34 2.53
CA PHE B 265 -6.47 9.33 3.37
C PHE B 265 -7.67 8.70 4.04
N PHE B 266 -7.71 8.78 5.37
CA PHE B 266 -8.75 8.14 6.15
C PHE B 266 -9.58 9.19 6.87
N MET B 267 -10.87 8.92 7.03
CA MET B 267 -11.72 9.73 7.90
C MET B 267 -11.96 8.98 9.20
N PRO B 268 -11.61 9.55 10.36
CA PRO B 268 -11.93 8.89 11.63
C PRO B 268 -13.39 8.95 11.98
N GLY B 269 -13.71 8.45 13.15
CA GLY B 269 -15.08 8.32 13.59
C GLY B 269 -15.00 7.92 15.05
N PHE B 270 -15.95 8.37 15.86
CA PHE B 270 -15.83 8.08 17.29
C PHE B 270 -17.21 8.00 17.90
N ALA B 271 -17.42 6.97 18.75
CA ALA B 271 -18.61 6.78 19.59
C ALA B 271 -18.12 6.39 20.97
N PRO B 272 -18.67 6.98 22.04
CA PRO B 272 -19.80 7.91 22.05
C PRO B 272 -19.33 9.35 21.97
N LEU B 273 -20.03 10.19 21.23
CA LEU B 273 -19.65 11.60 21.19
C LEU B 273 -19.87 12.24 22.55
N THR B 274 -18.85 12.96 23.05
CA THR B 274 -18.90 13.56 24.38
C THR B 274 -18.44 15.01 24.37
N SER B 275 -18.87 15.74 25.39
CA SER B 275 -18.43 17.10 25.68
C SER B 275 -17.53 17.12 26.91
N ARG B 276 -16.82 18.23 27.12
CA ARG B 276 -16.02 18.38 28.32
C ARG B 276 -16.87 18.59 29.57
N GLY B 277 -18.15 18.89 29.40
CA GLY B 277 -19.08 19.05 30.52
C GLY B 277 -19.15 17.86 31.43
N SER B 278 -18.82 16.66 30.92
CA SER B 278 -18.64 15.46 31.73
C SER B 278 -19.96 14.88 32.24
N GLN B 279 -20.99 14.92 31.39
CA GLN B 279 -22.21 14.15 31.62
C GLN B 279 -22.07 12.86 30.80
N GLN B 280 -22.15 11.71 31.48
CA GLN B 280 -21.85 10.43 30.84
C GLN B 280 -23.10 9.58 30.72
N TYR B 281 -23.71 9.63 29.54
CA TYR B 281 -24.87 8.83 29.17
C TYR B 281 -24.30 7.56 28.59
N ARG B 282 -24.50 6.43 29.26
CA ARG B 282 -24.05 5.19 28.66
C ARG B 282 -25.11 4.13 28.92
N ALA B 283 -25.05 3.04 28.12
CA ALA B 283 -26.03 1.98 27.96
C ALA B 283 -27.32 2.49 27.29
N LEU B 284 -27.33 3.74 26.77
CA LEU B 284 -28.50 4.30 26.11
C LEU B 284 -28.71 3.68 24.73
N THR B 285 -27.69 3.01 24.18
CA THR B 285 -27.85 1.75 23.45
C THR B 285 -26.45 1.15 23.20
N VAL B 286 -26.29 -0.14 23.46
CA VAL B 286 -24.96 -0.73 23.67
C VAL B 286 -24.34 -1.43 22.46
N PRO B 287 -25.09 -2.26 21.69
CA PRO B 287 -24.43 -2.95 20.57
C PRO B 287 -24.19 -1.96 19.47
N GLU B 288 -25.09 -0.95 19.42
CA GLU B 288 -25.10 0.16 18.46
C GLU B 288 -23.93 1.13 18.68
N LEU B 289 -22.93 0.76 19.50
CA LEU B 289 -21.65 1.36 19.15
C LEU B 289 -21.24 1.07 17.71
N THR B 290 -21.93 0.14 17.03
CA THR B 290 -21.62 -0.18 15.64
C THR B 290 -22.35 0.75 14.66
N GLN B 291 -23.57 1.18 15.02
CA GLN B 291 -24.28 2.12 14.16
C GLN B 291 -23.84 3.55 14.40
N GLN B 292 -23.20 3.83 15.54
CA GLN B 292 -22.74 5.19 15.79
C GLN B 292 -21.46 5.48 15.04
N MET B 293 -20.52 4.53 15.05
CA MET B 293 -19.28 4.79 14.33
C MET B 293 -19.54 4.97 12.87
N PHE B 294 -20.40 4.12 12.31
CA PHE B 294 -20.67 4.12 10.88
C PHE B 294 -21.57 5.25 10.45
N ASP B 295 -21.86 6.20 11.33
CA ASP B 295 -22.75 7.30 11.00
C ASP B 295 -22.01 8.55 10.56
N ALA B 296 -22.60 9.25 9.58
CA ALA B 296 -22.16 10.59 9.21
C ALA B 296 -21.92 11.46 10.43
N LYS B 297 -22.89 11.52 11.32
CA LYS B 297 -22.81 12.48 12.42
C LYS B 297 -21.74 12.18 13.46
N ASN B 298 -20.94 11.14 13.27
CA ASN B 298 -19.87 10.81 14.19
C ASN B 298 -18.50 10.82 13.52
N MET B 299 -18.47 10.93 12.19
CA MET B 299 -17.24 11.16 11.44
C MET B 299 -16.47 12.38 11.92
N MET B 300 -15.16 12.43 11.63
CA MET B 300 -14.39 13.65 11.85
C MET B 300 -14.02 14.32 10.54
N ALA B 301 -14.80 14.09 9.49
CA ALA B 301 -14.60 14.68 8.18
C ALA B 301 -15.97 14.91 7.57
N ALA B 302 -16.15 16.08 6.94
CA ALA B 302 -17.45 16.58 6.48
C ALA B 302 -18.01 15.79 5.32
N CYS B 303 -18.01 14.46 5.45
N CYS B 303 -17.99 14.46 5.44
CA CYS B 303 -18.40 13.57 4.37
CA CYS B 303 -18.39 13.55 4.38
C CYS B 303 -19.49 12.63 4.85
C CYS B 303 -19.51 12.65 4.86
N ASP B 304 -20.48 12.41 3.98
CA ASP B 304 -21.56 11.48 4.28
C ASP B 304 -21.14 10.12 3.75
N PRO B 305 -20.75 9.17 4.62
CA PRO B 305 -20.21 7.90 4.13
C PRO B 305 -21.15 7.17 3.21
N ARG B 306 -22.46 7.43 3.32
CA ARG B 306 -23.47 6.88 2.41
C ARG B 306 -23.35 7.40 0.98
N HIS B 307 -22.67 8.52 0.77
CA HIS B 307 -22.45 9.05 -0.58
C HIS B 307 -21.30 8.35 -1.30
N GLY B 308 -20.83 7.22 -0.79
CA GLY B 308 -19.85 6.42 -1.49
C GLY B 308 -19.75 5.01 -0.95
N ARG B 309 -18.58 4.41 -1.17
CA ARG B 309 -18.27 3.07 -0.72
C ARG B 309 -17.03 3.05 0.16
N TYR B 310 -17.03 2.12 1.11
CA TYR B 310 -15.83 1.84 1.92
C TYR B 310 -14.86 0.93 1.15
N LEU B 311 -13.57 1.12 1.40
CA LEU B 311 -12.52 0.31 0.80
C LEU B 311 -11.81 -0.55 1.83
N THR B 312 -11.42 0.04 2.95
CA THR B 312 -10.90 -0.68 4.11
C THR B 312 -11.35 0.04 5.37
N VAL B 313 -12.06 -0.67 6.23
CA VAL B 313 -12.52 -0.15 7.51
C VAL B 313 -11.73 -0.86 8.61
N ALA B 314 -11.53 -0.15 9.72
CA ALA B 314 -10.86 -0.73 10.88
C ALA B 314 -11.59 -0.24 12.13
N ALA B 315 -12.36 -1.12 12.76
CA ALA B 315 -13.11 -0.78 13.96
C ALA B 315 -12.32 -1.24 15.17
N VAL B 316 -12.31 -0.43 16.22
CA VAL B 316 -11.58 -0.76 17.45
C VAL B 316 -12.51 -0.47 18.62
N PHE B 317 -12.98 -1.51 19.28
CA PHE B 317 -13.84 -1.34 20.44
C PHE B 317 -12.97 -1.42 21.67
N ARG B 318 -13.07 -0.43 22.54
CA ARG B 318 -12.34 -0.39 23.80
C ARG B 318 -13.32 -0.62 24.94
N GLY B 319 -12.83 -1.22 26.03
CA GLY B 319 -13.68 -1.51 27.17
C GLY B 319 -13.81 -2.98 27.54
N ARG B 320 -14.91 -3.30 28.25
CA ARG B 320 -15.17 -4.62 28.84
C ARG B 320 -16.53 -5.08 28.30
N MET B 321 -16.51 -5.98 27.33
CA MET B 321 -17.72 -6.39 26.61
C MET B 321 -17.56 -7.83 26.14
N SER B 322 -18.38 -8.20 25.15
CA SER B 322 -18.51 -9.58 24.68
C SER B 322 -17.92 -9.66 23.28
N MET B 323 -16.90 -10.53 23.08
CA MET B 323 -16.21 -10.36 21.82
C MET B 323 -17.00 -11.04 20.70
N LYS B 324 -18.25 -11.33 21.02
CA LYS B 324 -19.16 -12.29 20.47
C LYS B 324 -20.47 -11.61 20.06
N GLU B 325 -20.88 -10.53 20.73
CA GLU B 325 -21.87 -9.61 20.19
C GLU B 325 -21.20 -8.55 19.31
N VAL B 326 -19.96 -8.19 19.63
CA VAL B 326 -19.12 -7.39 18.75
C VAL B 326 -19.03 -8.01 17.37
N ASP B 327 -18.68 -9.31 17.31
CA ASP B 327 -18.58 -10.04 16.05
C ASP B 327 -19.92 -10.08 15.31
N GLU B 328 -20.98 -10.48 16.01
CA GLU B 328 -22.27 -10.65 15.34
C GLU B 328 -22.75 -9.35 14.75
N GLN B 329 -22.67 -8.28 15.53
CA GLN B 329 -23.30 -7.03 15.16
C GLN B 329 -22.42 -6.22 14.20
N MET B 330 -21.10 -6.45 14.19
CA MET B 330 -20.25 -5.95 13.10
C MET B 330 -20.46 -6.75 11.81
N LEU B 331 -20.85 -8.02 11.89
CA LEU B 331 -21.21 -8.71 10.66
C LEU B 331 -22.55 -8.26 10.13
N ASN B 332 -23.40 -7.70 11.01
CA ASN B 332 -24.71 -7.21 10.60
C ASN B 332 -24.58 -5.90 9.83
N VAL B 333 -23.76 -4.96 10.34
CA VAL B 333 -23.60 -3.69 9.64
C VAL B 333 -23.20 -3.94 8.19
N GLN B 334 -22.33 -4.93 7.94
CA GLN B 334 -21.83 -5.23 6.60
C GLN B 334 -22.90 -5.93 5.76
N ASN B 335 -23.91 -6.53 6.36
CA ASN B 335 -24.93 -7.21 5.59
C ASN B 335 -26.37 -6.70 5.69
N LYS B 336 -26.64 -5.76 6.54
CA LYS B 336 -27.65 -4.78 6.18
C LYS B 336 -27.21 -3.98 4.96
N ASN B 337 -26.06 -3.31 5.09
CA ASN B 337 -25.65 -2.24 4.18
C ASN B 337 -24.55 -2.76 3.25
N SER B 338 -24.94 -3.63 2.31
CA SER B 338 -23.93 -4.36 1.53
C SER B 338 -23.31 -3.53 0.42
N SER B 339 -24.05 -2.57 -0.14
CA SER B 339 -23.47 -1.80 -1.25
C SER B 339 -22.40 -0.83 -0.77
N TYR B 340 -22.40 -0.45 0.52
CA TYR B 340 -21.49 0.59 0.99
C TYR B 340 -20.09 0.08 1.25
N PHE B 341 -19.83 -1.19 0.95
CA PHE B 341 -18.49 -1.76 1.01
C PHE B 341 -18.19 -2.38 -0.34
N VAL B 342 -17.12 -1.92 -0.99
CA VAL B 342 -16.70 -2.45 -2.29
C VAL B 342 -16.61 -3.96 -2.20
N GLU B 343 -16.87 -4.63 -3.32
CA GLU B 343 -16.88 -6.09 -3.40
C GLU B 343 -15.56 -6.68 -3.85
N TRP B 344 -14.88 -6.05 -4.73
CA TRP B 344 -13.58 -6.52 -5.16
C TRP B 344 -12.52 -6.43 -4.05
N ILE B 345 -12.87 -6.17 -2.79
CA ILE B 345 -11.96 -6.33 -1.65
C ILE B 345 -12.69 -7.15 -0.60
N PRO B 346 -12.61 -8.49 -0.65
CA PRO B 346 -13.37 -9.31 0.28
C PRO B 346 -12.80 -9.21 1.70
N ASN B 347 -13.71 -9.31 2.68
CA ASN B 347 -13.33 -9.22 4.09
C ASN B 347 -12.60 -7.92 4.39
N ASN B 348 -13.11 -6.81 3.83
CA ASN B 348 -12.44 -5.51 3.92
C ASN B 348 -12.62 -4.81 5.25
N VAL B 349 -13.42 -5.36 6.17
CA VAL B 349 -13.65 -4.72 7.46
C VAL B 349 -13.04 -5.58 8.55
N LYS B 350 -11.99 -5.06 9.18
CA LYS B 350 -11.30 -5.71 10.26
C LYS B 350 -11.67 -5.07 11.60
N THR B 351 -11.73 -5.90 12.64
CA THR B 351 -12.28 -5.54 13.94
C THR B 351 -11.31 -5.97 15.02
N ALA B 352 -10.65 -5.02 15.66
CA ALA B 352 -9.82 -5.29 16.82
C ALA B 352 -10.63 -5.02 18.08
N VAL B 353 -9.96 -5.01 19.23
CA VAL B 353 -10.61 -4.83 20.53
C VAL B 353 -9.56 -4.54 21.60
N CYS B 354 -9.95 -3.84 22.65
CA CYS B 354 -9.03 -3.53 23.72
C CYS B 354 -9.78 -3.63 25.04
N ASP B 355 -9.04 -3.82 26.12
CA ASP B 355 -9.66 -4.09 27.39
C ASP B 355 -9.59 -2.90 28.34
N ILE B 356 -8.84 -1.86 28.01
CA ILE B 356 -8.78 -0.64 28.80
C ILE B 356 -9.44 0.47 27.98
N PRO B 357 -10.45 1.16 28.51
CA PRO B 357 -11.03 2.33 27.82
C PRO B 357 -10.38 3.60 28.31
N PRO B 358 -10.70 4.77 27.73
CA PRO B 358 -10.18 6.03 28.27
C PRO B 358 -10.94 6.43 29.53
N ARG B 359 -10.45 7.45 30.22
CA ARG B 359 -11.22 7.92 31.35
C ARG B 359 -12.42 8.70 30.86
N GLY B 360 -13.51 8.53 31.62
CA GLY B 360 -14.81 9.03 31.29
C GLY B 360 -15.76 7.91 30.90
N LEU B 361 -15.23 6.90 30.22
CA LEU B 361 -16.09 6.01 29.43
C LEU B 361 -15.97 4.55 29.86
N LYS B 362 -17.15 3.93 30.04
CA LYS B 362 -17.18 2.53 30.38
C LYS B 362 -16.90 1.68 29.13
N MET B 363 -17.25 2.21 27.95
CA MET B 363 -17.11 1.58 26.64
C MET B 363 -17.14 2.65 25.58
N SER B 364 -16.34 2.45 24.53
CA SER B 364 -16.10 3.42 23.48
C SER B 364 -15.56 2.70 22.25
N ALA B 365 -16.06 3.07 21.09
CA ALA B 365 -15.49 2.60 19.85
C ALA B 365 -14.69 3.73 19.17
N THR B 366 -14.04 3.37 18.07
CA THR B 366 -13.22 4.28 17.27
C THR B 366 -13.18 3.74 15.85
N PHE B 367 -13.18 4.62 14.85
CA PHE B 367 -13.41 4.18 13.48
C PHE B 367 -12.38 4.75 12.53
N ILE B 368 -11.82 3.90 11.67
CA ILE B 368 -10.76 4.27 10.74
C ILE B 368 -11.17 3.74 9.38
N GLY B 369 -11.71 4.59 8.54
CA GLY B 369 -12.25 4.18 7.25
C GLY B 369 -11.47 4.78 6.10
N ASN B 370 -11.32 3.99 5.04
CA ASN B 370 -10.87 4.49 3.75
C ASN B 370 -12.06 4.62 2.79
N SER B 371 -13.00 5.52 3.11
CA SER B 371 -14.17 5.65 2.25
C SER B 371 -13.87 6.61 1.11
N THR B 372 -14.57 6.40 -0.02
CA THR B 372 -14.52 7.32 -1.14
C THR B 372 -15.43 8.53 -0.95
N ALA B 373 -16.24 8.51 0.11
CA ALA B 373 -16.96 9.70 0.56
C ALA B 373 -16.02 10.86 0.83
N ILE B 374 -14.74 10.56 1.10
CA ILE B 374 -13.72 11.52 1.50
C ILE B 374 -13.62 12.65 0.46
N GLN B 375 -14.10 12.37 -0.77
CA GLN B 375 -13.95 13.35 -1.83
C GLN B 375 -14.81 14.60 -1.58
N GLU B 376 -15.87 14.49 -0.79
CA GLU B 376 -16.54 15.69 -0.34
C GLU B 376 -15.57 16.60 0.40
N LEU B 377 -14.61 16.02 1.12
CA LEU B 377 -13.63 16.88 1.78
C LEU B 377 -12.82 17.66 0.75
N PHE B 378 -12.18 16.96 -0.18
CA PHE B 378 -11.31 17.64 -1.14
C PHE B 378 -12.10 18.53 -2.10
N LYS B 379 -13.25 18.05 -2.59
CA LYS B 379 -14.05 18.91 -3.46
C LYS B 379 -14.42 20.21 -2.75
N ARG B 380 -14.66 20.15 -1.44
CA ARG B 380 -14.87 21.38 -0.70
C ARG B 380 -13.63 22.27 -0.79
N ILE B 381 -12.46 21.73 -0.45
CA ILE B 381 -11.29 22.60 -0.53
C ILE B 381 -10.93 22.91 -1.97
N SER B 382 -11.35 22.08 -2.93
CA SER B 382 -11.14 22.40 -4.33
C SER B 382 -11.93 23.66 -4.73
N GLU B 383 -13.22 23.73 -4.36
CA GLU B 383 -14.04 24.87 -4.78
C GLU B 383 -13.56 26.15 -4.13
N GLN B 384 -13.27 26.10 -2.82
CA GLN B 384 -12.78 27.28 -2.13
C GLN B 384 -11.40 27.68 -2.64
N PHE B 385 -10.57 26.71 -3.03
CA PHE B 385 -9.32 27.08 -3.69
C PHE B 385 -9.57 27.75 -5.03
N THR B 386 -10.40 27.15 -5.88
CA THR B 386 -10.54 27.66 -7.23
C THR B 386 -11.23 29.03 -7.25
N ALA B 387 -12.09 29.29 -6.27
CA ALA B 387 -12.64 30.63 -6.13
C ALA B 387 -11.54 31.66 -5.97
N MET B 388 -10.69 31.45 -4.95
CA MET B 388 -9.61 32.38 -4.67
C MET B 388 -8.58 32.43 -5.79
N PHE B 389 -8.35 31.31 -6.48
CA PHE B 389 -7.30 31.30 -7.49
C PHE B 389 -7.73 32.05 -8.75
N ARG B 390 -8.94 31.75 -9.27
CA ARG B 390 -9.41 32.30 -10.54
C ARG B 390 -9.26 33.82 -10.58
N ARG B 391 -9.48 34.48 -9.46
CA ARG B 391 -9.36 35.91 -9.27
C ARG B 391 -7.95 36.36 -8.88
N LYS B 392 -6.97 35.46 -8.86
CA LYS B 392 -5.58 35.78 -8.48
C LYS B 392 -5.51 36.47 -7.11
N ALA B 393 -6.62 36.42 -6.37
CA ALA B 393 -6.71 37.03 -5.05
C ALA B 393 -5.57 36.64 -4.13
N PHE B 394 -4.78 37.61 -3.70
CA PHE B 394 -3.77 37.48 -2.64
C PHE B 394 -2.58 36.64 -3.07
N LEU B 395 -2.46 36.35 -4.37
CA LEU B 395 -1.45 35.45 -4.89
C LEU B 395 -0.02 35.95 -4.70
N HIS B 396 0.16 37.23 -4.40
CA HIS B 396 1.51 37.78 -4.32
C HIS B 396 2.13 37.62 -2.93
N TRP B 397 1.37 37.15 -1.93
CA TRP B 397 2.05 36.75 -0.69
C TRP B 397 3.01 35.60 -0.90
N TYR B 398 2.83 34.83 -1.98
CA TYR B 398 3.56 33.58 -2.20
C TYR B 398 4.63 33.73 -3.26
N THR B 399 4.25 34.21 -4.44
CA THR B 399 5.24 34.58 -5.47
C THR B 399 6.32 35.47 -4.87
N GLY B 400 5.94 36.40 -4.00
CA GLY B 400 6.90 37.17 -3.24
C GLY B 400 7.93 36.35 -2.46
N GLU B 401 7.62 35.08 -2.16
CA GLU B 401 8.44 34.27 -1.28
C GLU B 401 9.22 33.16 -2.01
N GLY B 402 9.61 33.39 -3.25
CA GLY B 402 10.34 32.35 -3.95
C GLY B 402 9.52 31.12 -4.21
N MET B 403 8.23 31.31 -4.50
CA MET B 403 7.38 30.35 -5.19
C MET B 403 7.03 30.91 -6.56
N ASP B 404 5.96 30.37 -7.14
CA ASP B 404 5.75 30.36 -8.58
C ASP B 404 4.30 29.97 -8.79
N GLU B 405 3.69 30.45 -9.88
CA GLU B 405 2.30 30.13 -10.13
C GLU B 405 2.09 28.65 -10.47
N MET B 406 3.12 27.94 -10.94
CA MET B 406 2.89 26.56 -11.37
C MET B 406 2.68 25.62 -10.21
N GLU B 407 3.35 25.84 -9.07
CA GLU B 407 3.01 25.12 -7.86
C GLU B 407 1.51 25.20 -7.62
N PHE B 408 0.93 26.38 -7.78
CA PHE B 408 -0.50 26.51 -7.57
C PHE B 408 -1.29 25.65 -8.55
N THR B 409 -1.01 25.77 -9.84
CA THR B 409 -1.73 24.96 -10.82
C THR B 409 -1.47 23.48 -10.62
N GLU B 410 -0.22 23.10 -10.36
CA GLU B 410 0.11 21.70 -10.10
C GLU B 410 -0.67 21.18 -8.91
N ALA B 411 -0.55 21.83 -7.75
CA ALA B 411 -1.26 21.39 -6.55
C ALA B 411 -2.76 21.25 -6.78
N GLU B 412 -3.35 22.07 -7.66
CA GLU B 412 -4.77 21.84 -7.94
C GLU B 412 -5.01 20.63 -8.87
N SER B 413 -4.07 20.32 -9.78
CA SER B 413 -4.23 19.12 -10.60
C SER B 413 -4.21 17.87 -9.74
N ASN B 414 -3.26 17.80 -8.82
CA ASN B 414 -3.11 16.64 -7.96
C ASN B 414 -4.41 16.34 -7.24
N MET B 415 -4.90 17.30 -6.47
CA MET B 415 -6.05 17.02 -5.64
C MET B 415 -7.28 16.80 -6.49
N ASN B 416 -7.39 17.46 -7.64
CA ASN B 416 -8.55 17.15 -8.48
C ASN B 416 -8.47 15.76 -9.03
N ASP B 417 -7.25 15.28 -9.33
CA ASP B 417 -7.11 13.89 -9.74
C ASP B 417 -7.47 12.95 -8.58
N LEU B 418 -6.92 13.21 -7.39
CA LEU B 418 -7.34 12.48 -6.20
C LEU B 418 -8.84 12.30 -6.16
N VAL B 419 -9.57 13.38 -6.45
CA VAL B 419 -11.02 13.32 -6.41
C VAL B 419 -11.54 12.28 -7.39
N SER B 420 -11.07 12.33 -8.64
CA SER B 420 -11.64 11.40 -9.62
C SER B 420 -11.13 9.97 -9.42
N GLU B 421 -9.98 9.78 -8.77
CA GLU B 421 -9.55 8.42 -8.46
C GLU B 421 -10.45 7.82 -7.39
N TYR B 422 -10.75 8.60 -6.34
CA TYR B 422 -11.71 8.12 -5.35
C TYR B 422 -13.04 7.79 -6.00
N GLN B 423 -13.39 8.50 -7.07
CA GLN B 423 -14.69 8.39 -7.72
C GLN B 423 -14.75 7.23 -8.73
N GLN B 424 -13.59 6.77 -9.22
CA GLN B 424 -13.57 5.55 -10.02
C GLN B 424 -13.88 4.34 -9.15
N TYR B 425 -13.21 4.24 -8.00
CA TYR B 425 -13.40 3.12 -7.10
C TYR B 425 -14.69 3.21 -6.33
N GLN B 426 -15.29 4.40 -6.21
CA GLN B 426 -16.64 4.49 -5.65
C GLN B 426 -17.68 3.90 -6.59
N ASP B 427 -17.30 3.56 -7.83
CA ASP B 427 -18.30 3.10 -8.79
C ASP B 427 -17.84 1.89 -9.61
N ALA B 428 -16.91 1.07 -9.11
CA ALA B 428 -16.40 -0.05 -9.89
C ALA B 428 -17.20 -1.31 -9.59
N THR B 429 -17.01 -2.35 -10.42
CA THR B 429 -18.00 -3.42 -10.51
C THR B 429 -17.35 -4.75 -10.90
N ALA B 430 -18.19 -5.81 -10.94
CA ALA B 430 -17.82 -7.21 -11.22
C ALA B 430 -16.59 -7.64 -10.47
N ASP C 1 2.96 56.61 -15.89
CA ASP C 1 1.61 57.16 -16.00
C ASP C 1 1.01 57.19 -14.62
N LEU C 2 0.39 58.31 -14.27
CA LEU C 2 -0.18 58.47 -12.92
C LEU C 2 -1.23 57.40 -12.65
N GLY C 3 -2.03 57.06 -13.67
CA GLY C 3 -3.06 56.05 -13.49
C GLY C 3 -2.50 54.74 -12.99
N LYS C 4 -1.39 54.28 -13.56
CA LYS C 4 -0.73 53.10 -13.04
C LYS C 4 -0.40 53.25 -11.57
N LYS C 5 0.10 54.42 -11.16
CA LYS C 5 0.53 54.59 -9.78
C LYS C 5 -0.66 54.72 -8.82
N LEU C 6 -1.79 55.29 -9.26
CA LEU C 6 -2.98 55.28 -8.41
C LEU C 6 -3.50 53.86 -8.21
N LEU C 7 -3.44 53.04 -9.27
CA LEU C 7 -3.76 51.63 -9.15
C LEU C 7 -2.90 50.96 -8.10
N GLU C 8 -1.60 51.26 -8.07
CA GLU C 8 -0.77 50.62 -7.07
C GLU C 8 -0.97 51.19 -5.68
N ALA C 9 -1.51 52.42 -5.57
CA ALA C 9 -1.80 53.00 -4.26
C ALA C 9 -3.08 52.43 -3.66
N ALA C 10 -4.04 52.04 -4.51
CA ALA C 10 -5.28 51.42 -4.03
C ALA C 10 -5.06 49.99 -3.54
N ARG C 11 -4.26 49.20 -4.27
CA ARG C 11 -3.86 47.89 -3.74
C ARG C 11 -3.27 48.04 -2.36
N ALA C 12 -2.19 48.81 -2.24
CA ALA C 12 -1.67 49.10 -0.90
C ALA C 12 -2.72 49.86 -0.10
N GLN C 14 -2.32 52.92 1.03
CA GLN C 14 -1.85 54.32 1.02
C GLN C 14 -2.89 55.38 0.81
N ASP C 15 -3.79 55.54 1.77
CA ASP C 15 -4.91 56.47 1.61
C ASP C 15 -4.45 57.92 1.41
N ASP C 16 -3.40 58.37 2.09
CA ASP C 16 -2.91 59.72 1.81
C ASP C 16 -2.52 59.84 0.34
N GLU C 17 -1.60 59.00 -0.12
CA GLU C 17 -1.16 59.05 -1.52
C GLU C 17 -2.26 58.77 -2.52
N VAL C 18 -3.44 58.29 -2.11
CA VAL C 18 -4.51 58.13 -3.07
C VAL C 18 -5.06 59.49 -3.49
N ARG C 19 -5.49 60.33 -2.53
CA ARG C 19 -6.05 61.63 -2.90
C ARG C 19 -4.99 62.64 -3.36
N VAL C 20 -3.70 62.37 -3.13
CA VAL C 20 -2.66 63.26 -3.66
C VAL C 20 -2.45 62.95 -5.14
N LEU C 21 -2.58 61.68 -5.51
CA LEU C 21 -2.45 61.23 -6.89
C LEU C 21 -3.70 61.53 -7.73
N MET C 22 -4.88 61.68 -7.12
CA MET C 22 -6.08 62.02 -7.91
C MET C 22 -6.12 63.50 -8.22
N ALA C 23 -5.71 64.34 -7.26
CA ALA C 23 -5.59 65.77 -7.45
C ALA C 23 -4.48 66.16 -8.42
N ASN C 24 -3.69 65.20 -8.88
CA ASN C 24 -2.77 65.41 -10.00
C ASN C 24 -3.37 64.98 -11.33
N GLY C 25 -4.68 64.70 -11.36
CA GLY C 25 -5.36 64.32 -12.58
C GLY C 25 -5.24 62.87 -12.99
N ALA C 26 -5.12 61.94 -12.02
CA ALA C 26 -4.93 60.53 -12.33
C ALA C 26 -6.28 59.81 -12.44
N ASP C 27 -6.34 58.85 -13.34
CA ASP C 27 -7.61 58.25 -13.77
C ASP C 27 -8.20 57.36 -12.68
N VAL C 28 -9.25 57.87 -12.01
CA VAL C 28 -10.14 57.05 -11.19
C VAL C 28 -10.43 55.68 -11.79
N ASN C 29 -10.76 55.66 -13.08
CA ASN C 29 -11.19 54.43 -13.74
C ASN C 29 -10.11 53.89 -14.68
N ALA C 30 -8.86 54.12 -14.33
CA ALA C 30 -7.76 53.47 -15.03
C ALA C 30 -7.85 51.95 -14.86
N THR C 31 -7.17 51.23 -15.76
CA THR C 31 -7.14 49.78 -15.66
C THR C 31 -5.72 49.28 -15.90
N ASP C 32 -5.41 48.15 -15.25
CA ASP C 32 -4.21 47.37 -15.53
C ASP C 32 -4.48 46.40 -16.67
N ALA C 33 -3.52 45.52 -16.94
CA ALA C 33 -3.72 44.56 -18.01
C ALA C 33 -4.86 43.59 -17.64
N SER C 34 -4.98 43.21 -16.35
CA SER C 34 -6.15 42.46 -15.90
C SER C 34 -7.44 43.12 -16.41
N GLY C 35 -7.51 44.45 -16.27
CA GLY C 35 -8.74 45.20 -16.41
C GLY C 35 -9.24 45.76 -15.10
N LEU C 36 -8.49 45.56 -14.01
CA LEU C 36 -8.89 45.99 -12.69
C LEU C 36 -8.72 47.51 -12.55
N THR C 37 -9.76 48.20 -12.08
CA THR C 37 -9.74 49.61 -11.74
C THR C 37 -9.35 49.78 -10.28
N PRO C 38 -9.04 50.99 -9.83
CA PRO C 38 -8.65 51.15 -8.42
C PRO C 38 -9.73 50.79 -7.44
N LEU C 39 -11.00 50.81 -7.84
CA LEU C 39 -12.06 50.41 -6.91
C LEU C 39 -12.05 48.90 -6.70
N HIS C 40 -11.66 48.15 -7.74
CA HIS C 40 -11.36 46.72 -7.61
C HIS C 40 -10.31 46.48 -6.53
N LEU C 41 -9.07 46.87 -6.83
CA LEU C 41 -7.93 46.58 -5.97
C LEU C 41 -8.11 47.07 -4.54
N ALA C 42 -9.09 47.94 -4.27
CA ALA C 42 -9.26 48.42 -2.90
C ALA C 42 -10.33 47.66 -2.15
N ALA C 43 -11.25 47.02 -2.88
CA ALA C 43 -12.31 46.22 -2.26
C ALA C 43 -11.91 44.75 -2.03
N THR C 44 -10.97 44.20 -2.81
CA THR C 44 -10.34 42.97 -2.39
C THR C 44 -9.57 43.19 -1.10
N TYR C 45 -8.51 44.00 -1.17
CA TYR C 45 -7.50 44.02 -0.15
C TYR C 45 -7.89 44.90 1.06
N GLY C 46 -9.17 45.27 1.19
CA GLY C 46 -9.74 45.61 2.48
C GLY C 46 -9.93 47.08 2.83
N HIS C 47 -9.48 48.00 1.98
CA HIS C 47 -9.34 49.39 2.36
C HIS C 47 -10.67 50.13 2.20
N LEU C 48 -11.32 50.42 3.33
CA LEU C 48 -12.66 51.03 3.27
C LEU C 48 -12.59 52.49 2.86
N GLU C 49 -11.71 53.26 3.51
CA GLU C 49 -11.60 54.68 3.21
C GLU C 49 -11.40 54.91 1.71
N ILE C 50 -10.32 54.33 1.16
CA ILE C 50 -10.02 54.48 -0.27
C ILE C 50 -11.16 53.96 -1.15
N VAL C 51 -11.96 53.02 -0.65
CA VAL C 51 -13.09 52.54 -1.44
C VAL C 51 -14.10 53.67 -1.62
N GLU C 52 -14.41 54.39 -0.53
CA GLU C 52 -15.33 55.54 -0.61
C GLU C 52 -14.71 56.75 -1.28
N VAL C 53 -13.43 57.04 -1.01
CA VAL C 53 -12.77 58.16 -1.69
C VAL C 53 -12.98 58.06 -3.19
N LEU C 54 -12.72 56.88 -3.75
CA LEU C 54 -12.83 56.66 -5.19
C LEU C 54 -14.25 56.89 -5.70
N LEU C 55 -15.24 56.63 -4.85
CA LEU C 55 -16.64 56.67 -5.27
C LEU C 55 -17.21 58.08 -5.22
N LYS C 56 -16.63 58.98 -4.41
CA LYS C 56 -17.04 60.37 -4.35
C LYS C 56 -16.41 61.19 -5.48
N HIS C 57 -15.66 60.52 -6.36
CA HIS C 57 -14.88 61.13 -7.43
C HIS C 57 -15.00 60.32 -8.72
N GLY C 58 -16.16 59.71 -8.96
CA GLY C 58 -16.50 59.19 -10.28
C GLY C 58 -16.12 57.78 -10.67
N ALA C 59 -16.01 56.84 -9.72
CA ALA C 59 -15.69 55.45 -10.06
C ALA C 59 -16.90 54.68 -10.57
N ASP C 60 -16.69 53.84 -11.56
CA ASP C 60 -17.77 52.96 -12.05
C ASP C 60 -17.91 51.81 -11.06
N VAL C 61 -18.96 51.85 -10.23
CA VAL C 61 -19.05 50.90 -9.12
C VAL C 61 -19.26 49.48 -9.64
N SER C 62 -19.65 49.34 -10.91
CA SER C 62 -20.01 48.07 -11.54
C SER C 62 -19.11 47.76 -12.73
N ALA C 63 -17.93 48.38 -12.78
CA ALA C 63 -17.01 48.11 -13.87
C ALA C 63 -16.45 46.69 -13.74
N SER C 64 -16.51 45.93 -14.82
CA SER C 64 -15.91 44.61 -14.81
C SER C 64 -14.47 44.67 -15.34
N ASP C 65 -13.68 43.66 -14.96
CA ASP C 65 -12.35 43.47 -15.52
C ASP C 65 -12.50 42.59 -16.75
N LEU C 66 -11.39 42.08 -17.28
CA LEU C 66 -11.51 41.28 -18.50
C LEU C 66 -12.10 39.89 -18.22
N MET C 67 -12.09 39.41 -16.97
CA MET C 67 -12.88 38.23 -16.61
C MET C 67 -14.17 38.57 -15.87
N GLY C 68 -14.70 39.79 -16.04
CA GLY C 68 -16.04 40.07 -15.55
C GLY C 68 -16.20 40.32 -14.06
N SER C 69 -15.12 40.69 -13.36
CA SER C 69 -15.13 40.87 -11.91
C SER C 69 -15.62 42.27 -11.53
N THR C 70 -16.74 42.37 -10.79
CA THR C 70 -17.15 43.68 -10.29
C THR C 70 -16.48 43.94 -8.96
N PRO C 71 -16.50 45.18 -8.47
CA PRO C 71 -15.91 45.42 -7.14
C PRO C 71 -16.55 44.61 -6.03
N LEU C 72 -17.81 44.17 -6.16
CA LEU C 72 -18.37 43.46 -5.01
C LEU C 72 -18.14 41.95 -5.09
N HIS C 73 -18.16 41.35 -6.29
CA HIS C 73 -17.57 40.02 -6.48
C HIS C 73 -16.34 39.87 -5.59
N LEU C 74 -15.35 40.71 -5.85
CA LEU C 74 -14.06 40.62 -5.16
C LEU C 74 -14.22 40.89 -3.66
N ALA C 75 -15.01 41.90 -3.31
CA ALA C 75 -15.17 42.27 -1.90
C ALA C 75 -15.89 41.17 -1.12
N ALA C 76 -16.83 40.46 -1.76
CA ALA C 76 -17.48 39.33 -1.09
C ALA C 76 -16.49 38.19 -0.83
N LEU C 77 -15.65 37.87 -1.82
CA LEU C 77 -14.70 36.77 -1.71
C LEU C 77 -13.82 36.90 -0.48
N ILE C 78 -13.35 38.12 -0.18
CA ILE C 78 -12.33 38.28 0.85
C ILE C 78 -12.95 38.47 2.22
N GLY C 79 -14.27 38.61 2.32
CA GLY C 79 -14.92 39.08 3.54
C GLY C 79 -15.37 40.52 3.42
N HIS C 80 -14.89 41.42 4.29
CA HIS C 80 -15.02 42.87 4.07
C HIS C 80 -16.48 43.31 3.93
N LEU C 81 -17.28 43.04 4.96
CA LEU C 81 -18.71 43.35 4.88
C LEU C 81 -18.95 44.85 4.78
N GLU C 82 -18.19 45.64 5.54
CA GLU C 82 -18.27 47.10 5.43
C GLU C 82 -18.17 47.55 3.97
N ILE C 83 -17.08 47.18 3.30
CA ILE C 83 -16.88 47.53 1.90
C ILE C 83 -17.98 46.97 1.00
N VAL C 84 -18.71 45.97 1.45
CA VAL C 84 -19.76 45.41 0.60
C VAL C 84 -21.00 46.29 0.72
N GLU C 85 -21.22 46.85 1.91
CA GLU C 85 -22.40 47.69 2.14
C GLU C 85 -22.24 49.04 1.47
N VAL C 86 -21.16 49.75 1.80
CA VAL C 86 -20.78 50.97 1.07
C VAL C 86 -20.91 50.79 -0.44
N LEU C 87 -20.42 49.66 -0.96
CA LEU C 87 -20.50 49.44 -2.40
C LEU C 87 -21.94 49.27 -2.87
N LEU C 88 -22.81 48.70 -2.03
CA LEU C 88 -24.21 48.51 -2.35
C LEU C 88 -25.03 49.81 -2.39
N LYS C 89 -24.77 50.74 -1.48
CA LYS C 89 -25.59 51.95 -1.45
C LYS C 89 -25.31 52.86 -2.64
N HIS C 90 -24.08 52.83 -3.19
CA HIS C 90 -23.71 53.56 -4.39
C HIS C 90 -24.21 52.91 -5.69
N GLY C 91 -25.15 51.99 -5.65
CA GLY C 91 -25.70 51.43 -6.87
C GLY C 91 -25.02 50.22 -7.46
N ALA C 92 -24.47 49.32 -6.64
CA ALA C 92 -23.75 48.16 -7.16
C ALA C 92 -24.69 47.01 -7.50
N ASP C 93 -24.38 46.31 -8.58
CA ASP C 93 -25.20 45.19 -9.04
C ASP C 93 -24.89 43.92 -8.24
N VAL C 94 -25.91 43.36 -7.59
CA VAL C 94 -25.72 42.11 -6.88
C VAL C 94 -25.83 40.92 -7.84
N ASN C 95 -26.87 40.91 -8.67
CA ASN C 95 -27.17 39.80 -9.56
C ASN C 95 -26.36 39.81 -10.86
N ALA C 96 -25.09 40.22 -10.80
CA ALA C 96 -24.20 40.28 -11.95
C ALA C 96 -23.30 39.06 -12.00
N VAL C 97 -22.82 38.73 -13.21
CA VAL C 97 -22.18 37.46 -13.51
C VAL C 97 -20.83 37.69 -14.18
N ASP C 98 -19.79 37.01 -13.69
CA ASP C 98 -18.49 37.09 -14.35
C ASP C 98 -18.32 35.96 -15.38
N THR C 99 -17.13 35.91 -16.00
CA THR C 99 -16.88 34.99 -17.11
C THR C 99 -16.86 33.53 -16.69
N TRP C 100 -16.86 33.25 -15.38
CA TRP C 100 -16.84 31.89 -14.89
C TRP C 100 -18.24 31.34 -14.61
N GLY C 101 -19.26 32.20 -14.59
CA GLY C 101 -20.62 31.80 -14.35
C GLY C 101 -21.15 32.10 -12.96
N ASP C 102 -20.34 32.67 -12.08
CA ASP C 102 -20.69 32.85 -10.68
C ASP C 102 -21.26 34.25 -10.43
N THR C 103 -21.80 34.44 -9.23
CA THR C 103 -22.41 35.68 -8.75
C THR C 103 -21.82 36.04 -7.39
N PRO C 104 -21.78 37.33 -7.02
CA PRO C 104 -21.23 37.69 -5.70
C PRO C 104 -21.90 36.98 -4.54
N LEU C 105 -23.12 36.45 -4.73
CA LEU C 105 -23.73 35.56 -3.73
C LEU C 105 -22.90 34.29 -3.57
N ARG C 106 -22.74 33.52 -4.66
CA ARG C 106 -22.03 32.24 -4.55
C ARG C 106 -20.60 32.44 -4.05
N LEU C 107 -19.92 33.50 -4.50
CA LEU C 107 -18.57 33.72 -4.00
C LEU C 107 -18.58 33.89 -2.49
N ALA C 108 -19.69 34.35 -1.93
CA ALA C 108 -19.77 34.55 -0.49
C ALA C 108 -20.26 33.30 0.24
N ALA C 109 -21.07 32.47 -0.41
CA ALA C 109 -21.44 31.15 0.08
C ALA C 109 -20.19 30.27 0.19
N VAL C 110 -19.61 29.96 -0.97
CA VAL C 110 -18.45 29.09 -1.09
C VAL C 110 -17.36 29.42 -0.06
N MET C 111 -17.17 30.69 0.26
CA MET C 111 -16.08 31.06 1.15
C MET C 111 -16.52 31.14 2.60
N GLY C 112 -17.82 30.99 2.87
CA GLY C 112 -18.36 31.00 4.21
C GLY C 112 -18.53 32.35 4.90
N HIS C 113 -18.74 33.43 4.15
CA HIS C 113 -18.85 34.77 4.75
C HIS C 113 -20.30 35.09 5.13
N LEU C 114 -20.83 34.27 6.06
CA LEU C 114 -22.28 34.25 6.32
C LEU C 114 -22.83 35.64 6.55
N LYS C 115 -22.11 36.47 7.30
CA LYS C 115 -22.50 37.87 7.48
C LYS C 115 -22.83 38.56 6.15
N ILE C 116 -22.10 38.23 5.08
CA ILE C 116 -22.29 38.92 3.80
C ILE C 116 -23.41 38.28 2.97
N VAL C 117 -23.52 36.95 2.97
CA VAL C 117 -24.55 36.29 2.17
C VAL C 117 -25.93 36.79 2.57
N GLU C 118 -26.10 37.13 3.86
CA GLU C 118 -27.34 37.76 4.31
C GLU C 118 -27.56 39.09 3.59
N ALA C 119 -26.60 40.01 3.71
CA ALA C 119 -26.70 41.32 3.08
C ALA C 119 -27.00 41.20 1.59
N LEU C 120 -26.14 40.48 0.85
CA LEU C 120 -26.41 40.16 -0.56
C LEU C 120 -27.84 39.71 -0.84
N LEU C 121 -28.39 38.82 -0.01
CA LEU C 121 -29.70 38.25 -0.30
C LEU C 121 -30.82 39.27 -0.14
N LYS C 122 -30.64 40.23 0.77
CA LYS C 122 -31.57 41.35 0.95
C LYS C 122 -31.83 42.03 -0.40
N HIS C 123 -30.79 42.63 -0.97
CA HIS C 123 -30.90 43.40 -2.19
C HIS C 123 -30.96 42.54 -3.47
N GLY C 124 -31.06 41.21 -3.39
CA GLY C 124 -31.18 40.39 -4.59
C GLY C 124 -30.39 39.09 -4.61
N ALA C 125 -31.08 37.96 -4.81
CA ALA C 125 -30.50 36.63 -4.90
C ALA C 125 -30.65 36.09 -6.32
N ASP C 126 -30.31 34.82 -6.51
CA ASP C 126 -30.56 34.17 -7.78
C ASP C 126 -30.69 32.67 -7.59
N VAL C 127 -30.95 31.99 -8.72
CA VAL C 127 -31.28 30.58 -8.76
C VAL C 127 -30.21 29.76 -9.45
N ASN C 128 -29.06 30.36 -9.79
CA ASN C 128 -27.95 29.56 -10.32
C ASN C 128 -27.34 28.68 -9.23
N ALA C 129 -27.17 29.25 -8.03
CA ALA C 129 -26.42 28.66 -6.93
C ALA C 129 -27.16 27.48 -6.31
N GLN C 130 -26.48 26.81 -5.38
CA GLN C 130 -27.05 25.66 -4.68
C GLN C 130 -27.99 26.12 -3.56
N ASP C 131 -28.86 25.20 -3.14
CA ASP C 131 -29.90 25.56 -2.17
C ASP C 131 -29.33 25.88 -0.79
N LYS C 132 -28.13 25.35 -0.48
CA LYS C 132 -27.44 25.47 0.82
C LYS C 132 -27.99 24.42 1.81
N THR D 4 -6.13 7.43 -35.56
CA THR D 4 -5.96 8.13 -34.29
C THR D 4 -5.70 7.16 -33.12
N CYS D 5 -4.68 6.29 -33.21
CA CYS D 5 -4.59 5.14 -32.30
C CYS D 5 -3.19 4.53 -32.25
N VAL D 6 -2.80 4.04 -31.06
CA VAL D 6 -1.41 3.67 -30.75
C VAL D 6 -0.96 2.47 -31.58
N GLN D 7 0.23 2.59 -32.15
CA GLN D 7 0.84 1.49 -32.89
C GLN D 7 1.72 0.71 -31.93
N VAL D 8 1.61 -0.63 -31.99
CA VAL D 8 2.53 -1.53 -31.30
C VAL D 8 3.34 -2.28 -32.34
N ALA D 9 4.63 -2.39 -32.10
CA ALA D 9 5.50 -3.26 -32.87
C ALA D 9 6.30 -4.11 -31.90
N LEU D 10 6.43 -5.39 -32.22
CA LEU D 10 7.19 -6.30 -31.39
C LEU D 10 8.44 -6.76 -32.13
N ARG D 11 9.56 -6.87 -31.40
CA ARG D 11 10.86 -7.17 -32.01
C ARG D 11 11.59 -8.20 -31.17
N ILE D 12 11.81 -9.39 -31.75
CA ILE D 12 12.44 -10.52 -31.05
C ILE D 12 13.92 -10.48 -31.35
N ARG D 13 14.75 -10.65 -30.33
CA ARG D 13 16.18 -10.61 -30.56
C ARG D 13 16.70 -12.00 -30.90
N PRO D 14 17.90 -12.11 -31.47
CA PRO D 14 18.56 -13.42 -31.55
C PRO D 14 18.93 -13.90 -30.15
N GLN D 15 18.95 -15.23 -29.99
CA GLN D 15 19.40 -15.81 -28.74
C GLN D 15 20.78 -15.30 -28.36
N GLY D 16 20.97 -15.03 -27.06
CA GLY D 16 22.25 -14.55 -26.58
C GLY D 16 23.20 -15.69 -26.25
N ASN D 17 24.47 -15.33 -26.01
CA ASN D 17 25.47 -16.32 -25.62
C ASN D 17 25.12 -17.08 -24.34
N ARG D 18 24.52 -16.42 -23.35
CA ARG D 18 24.11 -17.18 -22.18
C ARG D 18 23.13 -18.27 -22.60
N GLU D 19 21.96 -17.85 -23.08
CA GLU D 19 20.92 -18.69 -23.67
C GLU D 19 21.39 -19.90 -24.49
N LYS D 20 22.31 -19.69 -25.45
CA LYS D 20 22.77 -20.82 -26.27
C LYS D 20 23.61 -21.78 -25.44
N LEU D 21 24.72 -21.29 -24.88
CA LEU D 21 25.63 -22.07 -24.07
C LEU D 21 24.95 -22.69 -22.85
N GLU D 22 23.70 -22.34 -22.55
CA GLU D 22 22.98 -22.84 -21.39
C GLU D 22 21.78 -23.70 -21.78
N GLY D 23 21.57 -23.95 -23.08
CA GLY D 23 20.59 -24.91 -23.54
C GLY D 23 19.21 -24.36 -23.83
N SER D 24 19.05 -23.03 -23.87
CA SER D 24 17.76 -22.42 -24.14
C SER D 24 17.42 -22.52 -25.62
N ARG D 25 16.11 -22.51 -25.92
CA ARG D 25 15.66 -22.94 -27.23
C ARG D 25 14.40 -22.18 -27.64
N VAL D 26 14.17 -22.07 -28.95
CA VAL D 26 13.19 -21.12 -29.48
C VAL D 26 11.77 -21.66 -29.32
N CYS D 27 10.89 -20.83 -28.75
CA CYS D 27 9.47 -21.13 -28.63
C CYS D 27 8.58 -20.15 -29.39
N THR D 28 9.15 -19.10 -29.98
CA THR D 28 8.45 -18.10 -30.77
C THR D 28 8.56 -18.39 -32.26
N SER D 29 7.58 -17.89 -33.01
CA SER D 29 7.33 -18.34 -34.38
C SER D 29 6.59 -17.24 -35.13
N VAL D 30 7.24 -16.63 -36.13
CA VAL D 30 6.55 -15.66 -36.98
C VAL D 30 6.62 -16.19 -38.41
N LEU D 31 5.65 -15.87 -39.16
CA LEU D 31 5.63 -16.36 -40.52
C LEU D 31 6.22 -15.31 -41.48
N PRO D 32 6.73 -15.71 -42.64
CA PRO D 32 7.40 -14.74 -43.52
C PRO D 32 6.47 -13.63 -43.98
N ASN D 33 6.88 -12.39 -43.71
CA ASN D 33 6.08 -11.20 -44.01
C ASN D 33 4.67 -11.33 -43.43
N ASP D 34 4.61 -11.39 -42.08
CA ASP D 34 3.38 -11.67 -41.29
C ASP D 34 3.36 -10.85 -40.00
N PRO D 35 2.30 -10.05 -39.74
CA PRO D 35 2.27 -9.22 -38.53
C PRO D 35 1.80 -9.93 -37.26
N GLN D 36 1.90 -11.25 -37.24
CA GLN D 36 1.46 -12.07 -36.11
C GLN D 36 2.64 -12.84 -35.54
N VAL D 37 2.48 -13.30 -34.30
CA VAL D 37 3.51 -14.08 -33.64
C VAL D 37 2.80 -15.23 -32.92
N THR D 38 3.56 -16.28 -32.65
CA THR D 38 3.02 -17.45 -31.99
C THR D 38 4.07 -17.78 -30.94
N ILE D 39 3.68 -18.06 -29.70
CA ILE D 39 4.67 -18.38 -28.67
C ILE D 39 4.29 -19.68 -27.98
N GLY D 40 5.32 -20.47 -27.61
CA GLY D 40 5.17 -21.75 -26.94
C GLY D 40 4.09 -22.64 -27.53
N GLY D 41 3.93 -22.58 -28.84
CA GLY D 41 2.95 -23.42 -29.52
C GLY D 41 1.53 -22.87 -29.61
N ASP D 42 0.88 -22.74 -28.45
CA ASP D 42 -0.59 -22.55 -28.40
C ASP D 42 -0.99 -21.08 -28.63
N ARG D 43 -0.48 -20.21 -27.77
CA ARG D 43 -0.95 -18.85 -27.53
C ARG D 43 -0.41 -17.82 -28.50
N SER D 44 -1.29 -17.09 -29.21
CA SER D 44 -0.91 -16.29 -30.36
C SER D 44 -1.39 -14.84 -30.26
N PHE D 45 -0.65 -13.92 -30.91
CA PHE D 45 -0.95 -12.49 -30.90
C PHE D 45 -0.60 -11.83 -32.23
N THR D 46 -1.41 -10.85 -32.65
CA THR D 46 -1.11 -10.05 -33.82
C THR D 46 -0.82 -8.59 -33.46
N TYR D 47 0.13 -7.98 -34.17
CA TYR D 47 0.52 -6.59 -33.95
C TYR D 47 0.48 -5.80 -35.24
N ASP D 48 0.96 -4.56 -35.20
CA ASP D 48 1.12 -3.82 -36.44
C ASP D 48 2.37 -4.25 -37.18
N HIS D 49 3.45 -4.49 -36.44
CA HIS D 49 4.66 -5.09 -36.98
C HIS D 49 5.17 -6.18 -36.03
N VAL D 50 5.78 -7.19 -36.61
CA VAL D 50 6.54 -8.20 -35.87
C VAL D 50 7.83 -8.40 -36.65
N PHE D 51 8.97 -7.99 -36.07
CA PHE D 51 10.27 -8.21 -36.67
C PHE D 51 10.95 -9.39 -35.99
N ASP D 52 11.26 -10.44 -36.76
CA ASP D 52 11.81 -11.64 -36.15
C ASP D 52 13.28 -11.41 -35.76
N MET D 53 13.95 -12.49 -35.35
CA MET D 53 15.27 -12.46 -34.72
C MET D 53 16.41 -11.97 -35.61
N PRO D 54 16.38 -12.15 -36.93
CA PRO D 54 17.45 -11.58 -37.76
C PRO D 54 17.16 -10.20 -38.34
N THR D 55 16.11 -9.49 -37.87
CA THR D 55 15.75 -8.19 -38.44
C THR D 55 16.78 -7.15 -38.03
N LEU D 56 17.42 -6.54 -39.03
CA LEU D 56 18.44 -5.54 -38.76
C LEU D 56 17.83 -4.18 -38.41
N GLN D 57 18.68 -3.30 -37.91
CA GLN D 57 18.23 -2.02 -37.37
C GLN D 57 17.45 -1.23 -38.43
N TYR D 58 17.94 -1.18 -39.67
CA TYR D 58 17.32 -0.25 -40.60
C TYR D 58 15.96 -0.76 -41.04
N VAL D 59 15.72 -2.07 -40.87
CA VAL D 59 14.42 -2.61 -41.23
C VAL D 59 13.39 -2.10 -40.24
N VAL D 60 13.78 -2.06 -38.97
CA VAL D 60 12.95 -1.54 -37.91
C VAL D 60 12.56 -0.10 -38.22
N TYR D 61 13.55 0.76 -38.48
CA TYR D 61 13.31 2.19 -38.61
C TYR D 61 12.28 2.46 -39.70
N GLU D 62 12.57 2.03 -40.92
CA GLU D 62 11.72 2.33 -42.07
C GLU D 62 10.26 1.97 -41.80
N SER D 63 10.04 0.75 -41.29
CA SER D 63 8.70 0.16 -41.35
C SER D 63 7.72 0.89 -40.46
N CYS D 64 8.17 1.54 -39.40
CA CYS D 64 7.25 2.12 -38.42
C CYS D 64 7.63 3.50 -37.91
N VAL D 65 8.88 3.92 -38.05
CA VAL D 65 9.34 5.16 -37.44
C VAL D 65 9.59 6.26 -38.47
N GLU D 66 9.96 5.89 -39.71
CA GLU D 66 10.12 6.88 -40.78
C GLU D 66 8.90 7.79 -40.89
N LYS D 67 7.68 7.22 -40.83
CA LYS D 67 6.49 8.06 -40.88
C LYS D 67 6.48 9.06 -39.73
N LEU D 68 6.81 8.63 -38.52
CA LEU D 68 6.65 9.52 -37.38
C LEU D 68 7.56 10.74 -37.51
N VAL D 69 8.82 10.54 -37.90
CA VAL D 69 9.76 11.65 -38.02
C VAL D 69 9.29 12.65 -39.05
N ASP D 70 8.75 12.16 -40.17
CA ASP D 70 8.13 13.04 -41.14
C ASP D 70 7.12 13.96 -40.46
N GLY D 71 6.09 13.37 -39.86
CA GLY D 71 5.03 14.12 -39.23
C GLY D 71 5.50 15.20 -38.29
N LEU D 72 6.74 15.14 -37.81
CA LEU D 72 7.27 16.27 -37.03
C LEU D 72 7.17 17.56 -37.83
N PHE D 73 7.76 17.57 -39.04
CA PHE D 73 7.69 18.74 -39.90
C PHE D 73 6.26 19.17 -40.17
N ASP D 74 5.30 18.25 -40.06
CA ASP D 74 3.89 18.60 -40.14
C ASP D 74 3.30 18.95 -38.78
N GLY D 75 4.11 19.39 -37.83
CA GLY D 75 3.61 19.82 -36.53
C GLY D 75 2.92 18.75 -35.70
N TYR D 76 3.27 17.47 -35.90
CA TYR D 76 2.64 16.34 -35.20
C TYR D 76 3.66 15.70 -34.27
N ASN D 77 3.38 15.75 -32.97
CA ASN D 77 4.25 15.08 -32.00
C ASN D 77 4.22 13.55 -32.16
N ALA D 78 5.29 12.91 -31.69
CA ALA D 78 5.40 11.46 -31.81
C ALA D 78 6.09 10.87 -30.57
N THR D 79 5.95 9.55 -30.41
CA THR D 79 6.63 8.87 -29.32
C THR D 79 7.15 7.55 -29.85
N VAL D 80 8.34 7.13 -29.40
CA VAL D 80 8.82 5.75 -29.55
C VAL D 80 9.34 5.32 -28.20
N LEU D 81 8.60 4.48 -27.49
CA LEU D 81 9.12 3.88 -26.26
C LEU D 81 9.32 2.39 -26.46
N ALA D 82 10.50 1.91 -26.06
CA ALA D 82 10.81 0.49 -25.97
C ALA D 82 10.43 -0.02 -24.59
N TYR D 83 9.82 -1.20 -24.58
CA TYR D 83 9.23 -1.75 -23.36
C TYR D 83 9.34 -3.27 -23.39
N GLY D 84 9.92 -3.83 -22.34
CA GLY D 84 10.12 -5.27 -22.28
C GLY D 84 11.02 -5.65 -21.12
N GLN D 85 11.47 -6.90 -21.16
CA GLN D 85 12.27 -7.44 -20.07
C GLN D 85 13.75 -7.02 -20.23
N THR D 86 14.45 -6.97 -19.10
CA THR D 86 15.90 -6.75 -19.11
C THR D 86 16.58 -7.70 -20.11
N GLY D 87 17.57 -7.16 -20.82
CA GLY D 87 18.31 -7.91 -21.82
C GLY D 87 17.57 -8.29 -23.07
N SER D 88 16.34 -7.82 -23.29
CA SER D 88 15.57 -8.24 -24.46
C SER D 88 15.79 -7.32 -25.66
N GLY D 89 16.65 -6.31 -25.53
CA GLY D 89 17.06 -5.48 -26.64
C GLY D 89 16.57 -4.05 -26.64
N LYS D 90 15.94 -3.57 -25.56
CA LYS D 90 15.45 -2.19 -25.49
C LYS D 90 16.54 -1.18 -25.86
N THR D 91 17.61 -1.13 -25.07
CA THR D 91 18.66 -0.12 -25.21
C THR D 91 19.37 -0.24 -26.55
N HIS D 92 19.69 -1.46 -26.99
CA HIS D 92 20.33 -1.66 -28.29
C HIS D 92 19.45 -1.16 -29.43
N THR D 93 18.15 -1.53 -29.40
CA THR D 93 17.20 -1.06 -30.40
C THR D 93 17.13 0.46 -30.45
N MET D 94 17.04 1.09 -29.28
CA MET D 94 16.83 2.53 -29.24
C MET D 94 18.07 3.28 -29.70
N GLY D 95 19.25 2.73 -29.45
CA GLY D 95 20.47 3.45 -29.77
C GLY D 95 20.91 4.40 -28.68
N THR D 96 20.41 4.24 -27.47
CA THR D 96 20.80 5.04 -26.31
C THR D 96 22.04 4.52 -25.58
N ALA D 97 22.84 3.68 -26.22
CA ALA D 97 24.05 3.20 -25.59
C ALA D 97 25.17 3.23 -26.60
N PHE D 98 26.40 3.42 -26.12
CA PHE D 98 27.54 3.50 -27.01
C PHE D 98 28.75 2.85 -26.37
N ASP D 99 29.47 2.03 -27.15
CA ASP D 99 30.56 1.28 -26.60
C ASP D 99 31.85 2.00 -27.01
N ALA D 100 32.75 2.18 -26.04
CA ALA D 100 33.97 2.95 -26.32
C ALA D 100 34.81 2.30 -27.40
N ALA D 101 35.12 1.01 -27.24
CA ALA D 101 35.78 0.23 -28.27
C ALA D 101 34.88 -0.94 -28.62
N VAL D 102 34.30 -0.91 -29.83
CA VAL D 102 33.69 -2.13 -30.40
C VAL D 102 34.76 -3.06 -30.92
N GLN D 104 33.44 1.03 -32.50
CA GLN D 104 32.91 1.42 -33.81
C GLN D 104 31.40 1.42 -33.91
N LYS D 105 30.89 2.37 -34.68
CA LYS D 105 29.46 2.38 -35.01
C LYS D 105 29.07 1.11 -35.75
N GLU D 106 29.62 0.93 -36.95
CA GLU D 106 29.42 -0.27 -37.75
C GLU D 106 27.97 -0.41 -38.21
N GLU D 107 27.34 0.70 -38.58
CA GLU D 107 25.91 0.65 -38.90
C GLU D 107 25.24 0.09 -37.65
N ASP D 108 24.25 -0.82 -37.76
CA ASP D 108 23.61 -1.43 -36.57
C ASP D 108 23.13 -0.35 -35.59
N LEU D 109 22.67 0.77 -36.14
CA LEU D 109 22.42 1.98 -35.37
C LEU D 109 20.93 2.13 -35.11
N GLY D 110 20.61 2.48 -33.88
CA GLY D 110 19.26 2.37 -33.38
C GLY D 110 18.32 3.44 -33.90
N VAL D 111 17.19 3.54 -33.20
CA VAL D 111 16.11 4.39 -33.67
C VAL D 111 16.51 5.84 -33.55
N ILE D 112 16.90 6.24 -32.33
CA ILE D 112 17.29 7.63 -32.08
C ILE D 112 18.34 8.13 -33.08
N PRO D 113 19.49 7.45 -33.27
CA PRO D 113 20.46 7.95 -34.26
C PRO D 113 19.90 8.10 -35.67
N ARG D 114 19.34 7.02 -36.23
CA ARG D 114 18.72 7.12 -37.55
C ARG D 114 17.67 8.22 -37.59
N ALA D 115 17.07 8.56 -36.44
CA ALA D 115 16.04 9.60 -36.43
C ALA D 115 16.68 10.97 -36.58
N ILE D 116 17.84 11.18 -35.95
CA ILE D 116 18.62 12.39 -36.17
C ILE D 116 18.84 12.61 -37.67
N GLN D 117 19.56 11.68 -38.32
CA GLN D 117 19.91 11.87 -39.73
C GLN D 117 18.69 12.08 -40.60
N HIS D 118 17.57 11.46 -40.27
CA HIS D 118 16.36 11.72 -41.03
C HIS D 118 15.99 13.19 -40.93
N THR D 119 15.98 13.72 -39.72
CA THR D 119 15.57 15.10 -39.50
C THR D 119 16.43 16.06 -40.31
N PHE D 120 17.75 15.95 -40.15
CA PHE D 120 18.65 16.88 -40.79
C PHE D 120 18.73 16.70 -42.31
N ARG D 121 18.10 15.66 -42.87
CA ARG D 121 18.06 15.60 -44.33
C ARG D 121 16.80 16.22 -44.90
N LYS D 122 15.64 15.97 -44.30
CA LYS D 122 14.40 16.60 -44.75
C LYS D 122 14.36 18.10 -44.42
N ILE D 123 15.29 18.62 -43.60
CA ILE D 123 15.35 20.06 -43.37
C ILE D 123 15.95 20.76 -44.58
N ALA D 124 17.16 20.36 -44.98
CA ALA D 124 17.77 20.92 -46.17
C ALA D 124 16.99 20.54 -47.43
N GLU D 125 16.47 19.30 -47.49
CA GLU D 125 15.55 18.91 -48.56
C GLU D 125 14.35 19.85 -48.68
N CYS D 126 13.88 20.43 -47.56
CA CYS D 126 12.82 21.43 -47.64
C CYS D 126 13.40 22.82 -47.97
N LYS D 127 14.58 23.14 -47.46
CA LYS D 127 15.14 24.47 -47.67
C LYS D 127 15.39 24.73 -49.14
N ALA D 128 15.62 23.69 -49.93
CA ALA D 128 15.74 23.87 -51.38
C ALA D 128 14.39 24.27 -51.96
N GLN D 129 14.36 25.44 -52.62
CA GLN D 129 13.13 25.96 -53.22
C GLN D 129 13.42 27.27 -53.95
N ALA D 130 12.42 27.73 -54.70
CA ALA D 130 12.41 29.03 -55.36
C ALA D 130 11.69 30.11 -54.55
N ILE D 131 10.73 29.73 -53.71
CA ILE D 131 9.98 30.69 -52.92
C ILE D 131 10.68 30.77 -51.57
N GLU D 132 11.07 31.98 -51.15
CA GLU D 132 11.98 32.07 -50.00
C GLU D 132 11.34 31.46 -48.76
N GLU D 137 14.08 30.30 -48.05
CA GLU D 137 14.09 29.28 -47.00
C GLU D 137 13.28 29.46 -45.71
N PRO D 138 12.63 28.35 -45.33
CA PRO D 138 12.00 28.23 -44.01
C PRO D 138 13.06 28.05 -42.95
N ALA D 139 12.90 28.74 -41.82
CA ALA D 139 13.83 28.62 -40.70
C ALA D 139 13.34 27.61 -39.67
N PHE D 140 14.27 26.77 -39.17
CA PHE D 140 13.99 25.73 -38.19
C PHE D 140 14.83 25.94 -36.92
N GLU D 141 14.26 25.60 -35.75
CA GLU D 141 15.01 25.54 -34.48
C GLU D 141 14.90 24.12 -33.89
N VAL D 142 15.96 23.34 -34.05
CA VAL D 142 16.06 21.97 -33.53
C VAL D 142 16.79 22.03 -32.18
N SER D 143 16.15 21.49 -31.14
CA SER D 143 16.78 21.39 -29.83
C SER D 143 16.50 20.01 -29.25
N VAL D 144 17.20 19.69 -28.17
CA VAL D 144 17.14 18.37 -27.55
C VAL D 144 17.26 18.54 -26.03
N GLN D 145 16.52 17.69 -25.31
CA GLN D 145 16.65 17.52 -23.87
C GLN D 145 16.76 16.03 -23.61
N PHE D 146 17.40 15.63 -22.51
CA PHE D 146 17.74 14.20 -22.38
C PHE D 146 17.90 13.80 -20.90
N VAL D 147 16.84 13.21 -20.33
CA VAL D 147 16.72 12.92 -18.90
C VAL D 147 16.67 11.40 -18.64
N GLU D 148 17.01 11.04 -17.40
CA GLU D 148 16.76 9.69 -16.89
C GLU D 148 16.03 9.83 -15.56
N LEU D 149 15.10 8.91 -15.33
CA LEU D 149 14.41 8.78 -14.05
C LEU D 149 15.05 7.61 -13.32
N TYR D 150 15.92 7.92 -12.34
CA TYR D 150 16.71 6.93 -11.60
C TYR D 150 16.27 6.96 -10.15
N ASN D 151 15.54 5.92 -9.72
CA ASN D 151 15.01 5.78 -8.38
C ASN D 151 14.19 7.02 -7.98
N ASP D 152 13.20 7.30 -8.82
CA ASP D 152 12.20 8.32 -8.55
C ASP D 152 12.79 9.74 -8.47
N ASP D 153 13.96 10.00 -9.06
CA ASP D 153 14.48 11.35 -9.25
C ASP D 153 14.66 11.61 -10.75
N VAL D 154 14.16 12.74 -11.24
CA VAL D 154 14.43 13.11 -12.63
C VAL D 154 15.81 13.73 -12.69
N LEU D 155 16.77 13.00 -13.26
CA LEU D 155 18.13 13.48 -13.43
C LEU D 155 18.33 13.96 -14.86
N ASP D 156 19.16 15.01 -15.02
CA ASP D 156 19.44 15.63 -16.31
C ASP D 156 20.76 15.05 -16.83
N LEU D 157 20.71 14.44 -18.03
CA LEU D 157 21.89 13.85 -18.62
C LEU D 157 22.72 14.83 -19.44
N LEU D 158 22.32 16.10 -19.49
CA LEU D 158 22.93 17.09 -20.38
C LEU D 158 23.81 18.06 -19.62
N SER D 159 24.16 17.74 -18.38
CA SER D 159 24.68 18.76 -17.48
C SER D 159 25.64 18.14 -16.47
N ASP D 160 26.21 19.01 -15.66
CA ASP D 160 27.03 18.67 -14.49
C ASP D 160 26.10 18.71 -13.27
N ASP D 161 25.53 17.54 -12.91
CA ASP D 161 24.44 17.49 -11.93
C ASP D 161 24.96 17.48 -10.49
N ARG D 162 24.23 18.17 -9.60
CA ARG D 162 24.59 18.35 -8.18
C ARG D 162 26.08 18.67 -7.97
N SER D 167 15.86 20.67 -6.93
CA SER D 167 16.29 19.90 -8.09
C SER D 167 15.33 20.23 -9.27
N ILE D 168 15.01 19.23 -10.09
CA ILE D 168 14.14 19.39 -11.26
C ILE D 168 12.69 19.18 -10.79
N ARG D 169 11.70 19.55 -11.62
CA ARG D 169 10.29 19.37 -11.28
C ARG D 169 9.50 18.95 -12.52
N ILE D 170 8.29 18.41 -12.31
CA ILE D 170 7.38 18.02 -13.38
C ILE D 170 6.07 18.79 -13.18
N HIS D 171 5.67 19.55 -14.20
CA HIS D 171 4.44 20.32 -14.15
C HIS D 171 3.67 20.14 -15.46
N GLU D 172 2.40 20.55 -15.45
CA GLU D 172 1.58 20.53 -16.66
C GLU D 172 1.66 21.87 -17.39
N ASP D 173 1.63 21.82 -18.72
CA ASP D 173 1.86 22.98 -19.59
C ASP D 173 0.64 23.92 -19.55
N SER D 174 0.64 24.89 -20.48
CA SER D 174 -0.49 25.79 -20.67
C SER D 174 -1.63 25.09 -21.43
N ARG D 175 -1.29 24.33 -22.47
CA ARG D 175 -2.26 23.47 -23.15
C ARG D 175 -2.58 22.20 -22.34
N GLY D 176 -1.95 22.00 -21.19
CA GLY D 176 -2.18 20.83 -20.37
C GLY D 176 -1.15 19.72 -20.50
N GLU D 177 -0.12 19.92 -21.32
CA GLU D 177 0.94 18.94 -21.58
C GLU D 177 1.96 18.92 -20.45
N ILE D 178 2.72 17.83 -20.39
CA ILE D 178 3.70 17.64 -19.32
C ILE D 178 5.00 18.29 -19.76
N VAL D 179 5.46 19.25 -18.98
CA VAL D 179 6.72 19.94 -19.21
C VAL D 179 7.65 19.65 -18.04
N LEU D 180 8.94 19.47 -18.33
CA LEU D 180 9.96 19.34 -17.30
C LEU D 180 10.59 20.70 -17.08
N HIS D 181 10.47 21.25 -15.87
CA HIS D 181 11.15 22.49 -15.56
C HIS D 181 12.51 22.24 -14.91
N GLY D 182 13.50 23.05 -15.29
CA GLY D 182 14.82 22.89 -14.73
C GLY D 182 15.71 21.88 -15.44
N VAL D 183 15.31 21.40 -16.63
CA VAL D 183 16.12 20.49 -17.43
C VAL D 183 16.77 21.28 -18.55
N GLU D 184 18.06 21.04 -18.78
CA GLU D 184 18.77 21.75 -19.82
C GLU D 184 18.16 21.43 -21.18
N GLN D 185 17.91 22.47 -21.98
CA GLN D 185 17.32 22.31 -23.31
C GLN D 185 18.18 23.04 -24.32
N ARG D 186 19.28 22.41 -24.73
CA ARG D 186 20.25 23.08 -25.57
C ARG D 186 20.02 22.73 -27.04
N SER D 187 20.41 23.66 -27.90
CA SER D 187 19.99 23.68 -29.30
C SER D 187 21.13 23.07 -30.13
N VAL D 188 20.77 22.46 -31.27
CA VAL D 188 21.72 21.69 -32.07
C VAL D 188 21.54 22.10 -33.52
N PHE D 189 22.57 21.84 -34.35
CA PHE D 189 22.58 22.43 -35.69
C PHE D 189 22.88 21.48 -36.83
N ASP D 190 23.48 20.32 -36.55
CA ASP D 190 23.80 19.37 -37.61
C ASP D 190 23.94 18.00 -36.95
N MET D 191 24.08 16.97 -37.78
CA MET D 191 24.16 15.61 -37.25
C MET D 191 25.27 15.48 -36.21
N HIS D 192 26.43 16.07 -36.50
CA HIS D 192 27.63 15.64 -35.81
C HIS D 192 27.57 16.09 -34.37
N GLY D 193 26.88 17.20 -34.12
CA GLY D 193 26.81 17.83 -32.83
C GLY D 193 25.63 17.37 -32.00
N THR D 194 24.49 17.16 -32.66
CA THR D 194 23.39 16.46 -31.99
C THR D 194 23.84 15.09 -31.54
N MET D 195 24.65 14.41 -32.38
CA MET D 195 25.18 13.11 -32.03
C MET D 195 26.10 13.19 -30.82
N ASP D 196 26.94 14.21 -30.73
CA ASP D 196 27.94 14.20 -29.66
C ASP D 196 27.31 14.49 -28.29
N ILE D 197 26.23 15.29 -28.24
CA ILE D 197 25.39 15.38 -27.05
C ILE D 197 24.67 14.07 -26.71
N LEU D 198 24.27 13.28 -27.72
CA LEU D 198 23.67 11.99 -27.40
C LEU D 198 24.68 11.04 -26.77
N LYS D 199 25.95 11.11 -27.17
CA LYS D 199 26.96 10.23 -26.58
C LYS D 199 27.30 10.64 -25.16
N ASN D 200 27.43 11.96 -24.90
CA ASN D 200 27.77 12.46 -23.57
C ASN D 200 26.61 12.39 -22.59
N GLY D 201 25.38 12.33 -23.10
CA GLY D 201 24.27 11.99 -22.24
C GLY D 201 24.28 10.53 -21.86
N ALA D 202 24.52 9.65 -22.84
CA ALA D 202 24.57 8.21 -22.54
C ALA D 202 25.75 7.89 -21.64
N LEU D 203 26.85 8.63 -21.76
CA LEU D 203 27.93 8.52 -20.79
C LEU D 203 27.47 8.77 -19.36
N ASN D 204 26.43 9.57 -19.14
CA ASN D 204 25.89 9.80 -17.79
C ASN D 204 24.74 8.90 -17.38
N ARG D 205 24.13 8.16 -18.29
CA ARG D 205 23.09 7.24 -17.83
C ARG D 205 23.66 6.27 -16.80
N THR D 206 22.95 6.15 -15.68
CA THR D 206 23.28 5.13 -14.70
C THR D 206 23.08 3.77 -15.33
N VAL D 207 24.17 3.00 -15.40
CA VAL D 207 24.14 1.62 -15.87
C VAL D 207 25.07 0.81 -14.99
N ALA D 208 24.67 -0.43 -14.69
CA ALA D 208 25.51 -1.38 -13.96
C ALA D 208 25.11 -2.80 -14.35
N ALA D 209 25.80 -3.77 -13.79
CA ALA D 209 25.66 -5.15 -14.24
C ALA D 209 24.71 -5.95 -13.35
N THR D 210 23.84 -6.73 -14.00
CA THR D 210 23.11 -7.84 -13.39
C THR D 210 23.37 -9.11 -14.20
N ASN D 211 23.15 -10.26 -13.57
CA ASN D 211 23.29 -11.57 -14.21
C ASN D 211 22.48 -11.71 -15.49
N MET D 212 21.52 -10.81 -15.73
CA MET D 212 20.68 -10.83 -16.92
C MET D 212 21.19 -9.95 -18.05
N ASN D 213 22.12 -9.04 -17.75
CA ASN D 213 22.66 -8.08 -18.71
C ASN D 213 23.90 -7.41 -18.12
N GLU D 214 25.02 -7.48 -18.83
CA GLU D 214 26.23 -6.84 -18.32
C GLU D 214 26.13 -5.32 -18.37
N GLN D 215 25.34 -4.78 -19.29
CA GLN D 215 25.05 -3.34 -19.38
C GLN D 215 23.55 -3.14 -19.16
N SER D 216 23.10 -3.37 -17.93
CA SER D 216 21.69 -3.21 -17.59
C SER D 216 21.35 -1.74 -17.31
N SER D 217 20.27 -1.27 -17.93
CA SER D 217 19.81 0.10 -17.72
C SER D 217 19.18 0.25 -16.34
N ARG D 218 19.74 1.12 -15.49
CA ARG D 218 19.22 1.30 -14.13
C ARG D 218 18.25 2.47 -14.02
N SER D 219 17.69 2.91 -15.15
CA SER D 219 16.86 4.10 -15.19
C SER D 219 16.03 4.03 -16.46
N HIS D 220 15.13 4.99 -16.62
CA HIS D 220 14.42 5.17 -17.88
C HIS D 220 14.92 6.47 -18.52
N ALA D 221 15.41 6.37 -19.75
CA ALA D 221 15.94 7.51 -20.46
C ALA D 221 14.93 7.99 -21.49
N ILE D 222 14.80 9.32 -21.60
CA ILE D 222 13.97 9.97 -22.61
C ILE D 222 14.84 10.96 -23.36
N PHE D 223 15.03 10.72 -24.67
CA PHE D 223 15.66 11.67 -25.57
C PHE D 223 14.55 12.38 -26.32
N THR D 224 14.31 13.64 -25.98
CA THR D 224 13.24 14.40 -26.60
C THR D 224 13.86 15.40 -27.57
N LEU D 225 13.39 15.35 -28.81
CA LEU D 225 13.85 16.19 -29.88
C LEU D 225 12.75 17.21 -30.18
N HIS D 226 13.11 18.49 -30.19
CA HIS D 226 12.15 19.56 -30.43
C HIS D 226 12.48 20.22 -31.76
N LEU D 227 11.45 20.46 -32.58
CA LEU D 227 11.59 21.02 -33.93
C LEU D 227 10.49 22.07 -34.18
N LYS D 228 10.80 23.33 -33.88
CA LYS D 228 9.90 24.42 -34.25
C LYS D 228 10.30 24.95 -35.63
N GLN D 229 9.35 24.92 -36.56
CA GLN D 229 9.54 25.32 -37.95
C GLN D 229 8.72 26.57 -38.23
N GLN D 230 9.25 27.45 -39.09
CA GLN D 230 8.52 28.64 -39.55
C GLN D 230 8.63 28.73 -41.05
N ARG D 231 7.47 28.72 -41.74
CA ARG D 231 7.42 28.75 -43.20
C ARG D 231 6.28 29.66 -43.65
N VAL D 232 6.10 29.75 -44.97
CA VAL D 232 5.13 30.65 -45.59
C VAL D 232 3.81 29.91 -45.78
N ALA D 233 2.71 30.65 -45.75
CA ALA D 233 1.35 30.10 -45.85
C ALA D 233 1.07 29.39 -47.18
N GLU D 251 3.22 30.66 -41.18
CA GLU D 251 2.83 29.68 -40.17
C GLU D 251 4.04 29.17 -39.37
N MET D 252 3.78 28.49 -38.26
CA MET D 252 4.82 28.05 -37.35
C MET D 252 4.42 26.70 -36.73
N LEU D 253 5.28 25.70 -36.89
CA LEU D 253 4.93 24.30 -36.62
C LEU D 253 5.91 23.67 -35.62
N CYS D 254 5.49 23.58 -34.36
CA CYS D 254 6.25 22.89 -33.33
C CYS D 254 5.73 21.47 -33.17
N ALA D 255 6.64 20.56 -32.83
CA ALA D 255 6.29 19.18 -32.58
C ALA D 255 7.42 18.59 -31.75
N LYS D 256 7.10 18.05 -30.58
CA LYS D 256 8.09 17.29 -29.83
C LYS D 256 8.08 15.83 -30.28
N PHE D 257 9.19 15.13 -29.99
CA PHE D 257 9.29 13.71 -30.29
C PHE D 257 10.11 13.06 -29.19
N HIS D 258 9.46 12.15 -28.46
CA HIS D 258 10.06 11.48 -27.31
C HIS D 258 10.62 10.11 -27.71
N PHE D 259 11.81 9.79 -27.20
CA PHE D 259 12.45 8.49 -27.39
C PHE D 259 12.71 7.90 -26.00
N VAL D 260 11.82 7.03 -25.55
CA VAL D 260 11.87 6.48 -24.20
C VAL D 260 12.53 5.11 -24.28
N ASP D 261 13.64 4.96 -23.56
CA ASP D 261 14.36 3.69 -23.44
C ASP D 261 14.14 3.23 -22.00
N LEU D 262 13.08 2.46 -21.79
CA LEU D 262 12.68 2.03 -20.47
C LEU D 262 13.69 1.02 -19.89
N ALA D 263 13.76 1.00 -18.56
CA ALA D 263 14.40 -0.11 -17.89
C ALA D 263 13.48 -1.31 -17.94
N GLY D 264 14.07 -2.49 -18.05
CA GLY D 264 13.28 -3.71 -18.12
C GLY D 264 12.87 -4.20 -16.75
N SER D 265 11.71 -4.85 -16.68
CA SER D 265 11.31 -5.53 -15.46
C SER D 265 12.30 -6.65 -15.10
N GLU D 266 12.59 -6.77 -13.80
CA GLU D 266 13.61 -7.67 -13.27
C GLU D 266 13.00 -8.54 -12.19
N ARG D 267 13.56 -9.73 -11.99
CA ARG D 267 13.18 -10.63 -10.90
C ARG D 267 14.40 -10.86 -10.03
N MET D 268 14.28 -10.65 -8.71
CA MET D 268 15.51 -10.62 -7.92
C MET D 268 16.25 -11.94 -7.96
N LYS D 269 15.53 -13.04 -8.20
CA LYS D 269 16.17 -14.35 -8.20
C LYS D 269 17.09 -14.54 -9.39
N ARG D 270 16.77 -13.94 -10.53
CA ARG D 270 17.59 -14.09 -11.73
C ARG D 270 18.66 -13.01 -11.89
N THR D 271 18.39 -11.76 -11.47
CA THR D 271 19.42 -10.72 -11.58
C THR D 271 20.55 -10.92 -10.57
N GLY D 272 20.23 -11.44 -9.38
CA GLY D 272 21.23 -11.53 -8.34
C GLY D 272 21.49 -10.24 -7.61
N ALA D 273 20.55 -9.31 -7.66
CA ALA D 273 20.81 -7.96 -7.21
C ALA D 273 20.85 -7.88 -5.69
N THR D 274 21.60 -6.91 -5.19
CA THR D 274 21.75 -6.71 -3.76
C THR D 274 22.08 -5.25 -3.52
N GLY D 275 21.56 -4.71 -2.43
CA GLY D 275 21.86 -3.35 -2.03
C GLY D 275 21.51 -2.39 -3.13
N ASP D 276 22.37 -1.38 -3.31
CA ASP D 276 22.19 -0.32 -4.30
C ASP D 276 21.68 -0.90 -5.62
N ARG D 277 22.20 -2.07 -6.03
CA ARG D 277 21.69 -2.74 -7.22
C ARG D 277 20.21 -3.07 -7.08
N ALA D 278 19.85 -3.85 -6.07
CA ALA D 278 18.49 -4.35 -5.97
C ALA D 278 17.47 -3.26 -5.67
N LYS D 279 17.88 -2.22 -4.94
CA LYS D 279 16.99 -1.08 -4.75
C LYS D 279 16.62 -0.46 -6.10
N GLU D 280 17.61 -0.32 -6.99
CA GLU D 280 17.32 0.17 -8.34
C GLU D 280 16.26 -0.69 -9.00
N GLY D 281 16.37 -2.02 -8.85
CA GLY D 281 15.47 -2.93 -9.50
C GLY D 281 14.06 -2.88 -8.95
N ILE D 282 13.92 -2.53 -7.68
CA ILE D 282 12.58 -2.38 -7.13
C ILE D 282 11.93 -1.12 -7.69
N SER D 283 12.61 0.05 -7.62
CA SER D 283 11.96 1.27 -8.10
C SER D 283 11.70 1.23 -9.61
N ILE D 284 12.48 0.44 -10.37
CA ILE D 284 12.14 0.16 -11.77
C ILE D 284 10.80 -0.59 -11.86
N ASN D 285 10.67 -1.69 -11.10
CA ASN D 285 9.46 -2.51 -11.10
C ASN D 285 8.24 -1.70 -10.65
N VAL D 286 8.41 -0.82 -9.67
CA VAL D 286 7.27 -0.03 -9.19
C VAL D 286 6.71 0.87 -10.29
N GLY D 287 7.59 1.44 -11.12
CA GLY D 287 7.14 2.29 -12.20
C GLY D 287 6.60 1.52 -13.38
N LEU D 288 7.20 0.38 -13.71
CA LEU D 288 6.59 -0.46 -14.73
C LEU D 288 5.26 -1.02 -14.28
N LEU D 289 5.06 -1.21 -12.96
CA LEU D 289 3.73 -1.49 -12.46
C LEU D 289 2.77 -0.38 -12.89
N ALA D 290 3.15 0.88 -12.60
CA ALA D 290 2.26 2.00 -12.87
C ALA D 290 2.02 2.18 -14.36
N LEU D 291 3.02 1.87 -15.19
CA LEU D 291 2.77 1.81 -16.63
C LEU D 291 1.81 0.71 -17.01
N GLY D 292 1.84 -0.43 -16.30
CA GLY D 292 0.91 -1.51 -16.56
C GLY D 292 -0.53 -1.08 -16.43
N ASN D 293 -0.90 -0.60 -15.23
CA ASN D 293 -2.26 -0.15 -15.02
C ASN D 293 -2.68 0.95 -16.01
N VAL D 294 -1.78 1.91 -16.34
CA VAL D 294 -2.12 2.96 -17.34
C VAL D 294 -2.48 2.31 -18.68
N ILE D 295 -1.69 1.33 -19.14
CA ILE D 295 -2.06 0.59 -20.35
C ILE D 295 -3.44 -0.06 -20.21
N ALA D 296 -3.73 -0.63 -19.03
CA ALA D 296 -4.98 -1.36 -18.86
C ALA D 296 -6.19 -0.42 -18.85
N ALA D 297 -6.08 0.71 -18.13
CA ALA D 297 -7.21 1.65 -18.05
C ALA D 297 -7.59 2.23 -19.40
N LEU D 298 -6.62 2.37 -20.31
CA LEU D 298 -6.85 2.89 -21.66
C LEU D 298 -7.13 1.71 -22.59
N GLY D 299 -8.37 1.24 -22.56
CA GLY D 299 -8.71 -0.01 -23.25
C GLY D 299 -9.17 -1.10 -22.30
N GLY D 300 -8.50 -2.26 -22.34
CA GLY D 300 -8.71 -3.34 -21.39
C GLY D 300 -10.13 -3.65 -20.95
N VAL D 305 -11.70 2.87 -16.64
CA VAL D 305 -12.04 3.63 -17.84
C VAL D 305 -12.22 5.11 -17.52
N SER D 306 -12.82 5.41 -16.36
CA SER D 306 -13.10 6.80 -15.99
C SER D 306 -11.85 7.56 -15.55
N HIS D 307 -10.91 6.87 -14.90
CA HIS D 307 -9.65 7.44 -14.42
C HIS D 307 -8.52 6.61 -14.98
N VAL D 308 -7.33 7.20 -15.01
CA VAL D 308 -6.13 6.58 -15.58
C VAL D 308 -4.99 6.96 -14.66
N PRO D 309 -4.33 6.01 -14.04
CA PRO D 309 -3.50 6.32 -12.86
C PRO D 309 -2.14 6.94 -13.16
N TYR D 310 -2.12 8.05 -13.90
CA TYR D 310 -0.84 8.61 -14.36
C TYR D 310 0.07 9.00 -13.19
N ARG D 311 -0.51 9.42 -12.06
CA ARG D 311 0.29 9.98 -10.96
C ARG D 311 0.79 8.91 -10.01
N ASP D 312 0.73 7.64 -10.40
CA ASP D 312 1.28 6.60 -9.52
C ASP D 312 2.80 6.62 -9.54
N SER D 313 3.40 7.03 -10.66
CA SER D 313 4.85 7.06 -10.88
C SER D 313 5.22 8.33 -11.64
N LYS D 314 6.43 8.84 -11.39
CA LYS D 314 6.90 9.93 -12.24
C LYS D 314 7.06 9.45 -13.67
N LEU D 315 7.37 8.17 -13.87
CA LEU D 315 7.47 7.63 -15.22
C LEU D 315 6.18 7.82 -16.00
N THR D 316 5.07 7.40 -15.41
CA THR D 316 3.76 7.58 -16.03
C THR D 316 3.28 9.03 -16.08
N ARG D 317 3.84 9.96 -15.29
CA ARG D 317 3.55 11.37 -15.58
C ARG D 317 4.28 11.81 -16.85
N LEU D 318 5.58 11.49 -16.94
CA LEU D 318 6.35 11.85 -18.12
C LEU D 318 5.79 11.26 -19.41
N LEU D 319 4.93 10.23 -19.33
CA LEU D 319 4.38 9.58 -20.53
C LEU D 319 2.92 9.93 -20.75
N GLN D 320 2.42 10.97 -20.05
CA GLN D 320 0.98 11.23 -19.94
C GLN D 320 0.37 11.72 -21.24
N ASP D 321 1.18 12.33 -22.12
CA ASP D 321 0.70 12.68 -23.44
C ASP D 321 1.02 11.62 -24.48
N SER D 322 2.09 10.85 -24.25
CA SER D 322 2.40 9.72 -25.13
C SER D 322 1.25 8.73 -25.21
N LEU D 323 0.62 8.40 -24.08
CA LEU D 323 -0.46 7.42 -24.02
C LEU D 323 -1.86 8.03 -23.95
N GLY D 324 -2.09 8.99 -23.06
CA GLY D 324 -3.26 9.87 -23.16
C GLY D 324 -3.61 10.38 -24.55
N GLY D 325 -2.79 11.27 -25.11
CA GLY D 325 -3.03 11.80 -26.45
C GLY D 325 -2.21 13.05 -26.75
N ASN D 326 -2.29 13.47 -28.02
CA ASN D 326 -1.42 14.50 -28.59
C ASN D 326 0.02 14.01 -28.72
N SER D 327 0.17 12.72 -28.97
CA SER D 327 1.36 12.19 -29.58
C SER D 327 0.89 11.17 -30.59
N ARG D 328 1.77 10.81 -31.50
CA ARG D 328 1.59 9.61 -32.29
C ARG D 328 2.59 8.61 -31.74
N THR D 329 2.09 7.50 -31.20
CA THR D 329 2.91 6.63 -30.39
C THR D 329 3.06 5.25 -31.00
N LEU D 330 4.31 4.83 -31.12
CA LEU D 330 4.67 3.46 -31.42
C LEU D 330 5.18 2.87 -30.11
N MET D 331 4.71 1.67 -29.75
CA MET D 331 5.36 0.87 -28.72
C MET D 331 6.17 -0.21 -29.42
N ILE D 332 7.46 -0.21 -29.19
CA ILE D 332 8.36 -1.27 -29.64
C ILE D 332 8.57 -2.20 -28.45
N ALA D 333 7.97 -3.38 -28.48
CA ALA D 333 7.98 -4.28 -27.34
C ALA D 333 9.02 -5.35 -27.58
N CYS D 334 9.98 -5.48 -26.66
CA CYS D 334 11.18 -6.29 -26.88
C CYS D 334 11.14 -7.62 -26.12
N CYS D 335 11.55 -8.70 -26.79
CA CYS D 335 11.31 -10.08 -26.38
C CYS D 335 12.51 -10.96 -26.61
N SER D 336 12.94 -11.64 -25.55
CA SER D 336 13.81 -12.79 -25.73
C SER D 336 13.05 -13.87 -26.50
N PRO D 337 13.73 -14.62 -27.36
CA PRO D 337 13.05 -15.70 -28.09
C PRO D 337 13.06 -17.00 -27.30
N SER D 338 14.02 -17.11 -26.38
CA SER D 338 14.30 -18.34 -25.66
C SER D 338 13.13 -18.72 -24.74
N ASP D 339 13.10 -19.98 -24.32
CA ASP D 339 12.10 -20.40 -23.36
C ASP D 339 12.53 -20.19 -21.91
N SER D 340 13.82 -19.95 -21.66
CA SER D 340 14.26 -19.52 -20.33
C SER D 340 13.71 -18.15 -19.93
N ASP D 341 13.12 -17.41 -20.89
CA ASP D 341 12.48 -16.13 -20.66
C ASP D 341 11.01 -16.21 -21.09
N PHE D 342 10.29 -17.26 -20.69
CA PHE D 342 8.97 -17.50 -21.27
C PHE D 342 7.91 -16.63 -20.64
N VAL D 343 7.56 -16.93 -19.38
CA VAL D 343 6.47 -16.22 -18.71
C VAL D 343 6.68 -14.71 -18.80
N GLU D 344 7.93 -14.26 -18.81
CA GLU D 344 8.24 -12.84 -18.97
C GLU D 344 7.77 -12.33 -20.32
N THR D 345 8.21 -12.96 -21.40
CA THR D 345 7.73 -12.58 -22.72
C THR D 345 6.21 -12.67 -22.82
N LEU D 346 5.59 -13.57 -22.06
CA LEU D 346 4.13 -13.64 -22.04
C LEU D 346 3.55 -12.34 -21.51
N ASN D 347 4.06 -11.88 -20.37
CA ASN D 347 3.57 -10.64 -19.79
C ASN D 347 3.74 -9.48 -20.77
N THR D 348 4.97 -9.26 -21.26
CA THR D 348 5.28 -8.20 -22.22
C THR D 348 4.28 -8.20 -23.37
N MET D 349 4.15 -9.36 -24.03
CA MET D 349 3.14 -9.58 -25.06
C MET D 349 1.73 -9.24 -24.62
N LYS D 350 1.34 -9.61 -23.38
CA LYS D 350 -0.06 -9.43 -22.95
C LYS D 350 -0.41 -7.95 -22.80
N TYR D 351 0.49 -7.15 -22.20
CA TYR D 351 0.32 -5.70 -22.19
C TYR D 351 0.46 -5.09 -23.59
N ALA D 352 1.54 -5.40 -24.32
CA ALA D 352 1.69 -4.93 -25.69
C ALA D 352 0.42 -5.09 -26.51
N ASN D 353 -0.26 -6.23 -26.36
CA ASN D 353 -1.45 -6.51 -27.15
C ASN D 353 -2.58 -5.52 -26.85
N ARG D 354 -2.83 -5.26 -25.56
CA ARG D 354 -3.91 -4.37 -25.15
C ARG D 354 -3.55 -2.92 -25.47
N ALA D 355 -2.26 -2.56 -25.37
CA ALA D 355 -1.79 -1.22 -25.72
C ALA D 355 -2.19 -0.81 -27.12
N LYS D 356 -2.43 -1.76 -28.02
CA LYS D 356 -2.89 -1.38 -29.36
C LYS D 356 -4.21 -0.67 -29.32
N GLU D 357 -4.91 -0.71 -28.19
CA GLU D 357 -6.32 -0.39 -28.24
C GLU D 357 -6.47 1.06 -27.86
N ILE D 358 -5.34 1.73 -27.64
CA ILE D 358 -5.26 2.98 -26.88
C ILE D 358 -5.39 4.14 -27.85
N LYS D 359 -6.26 5.09 -27.51
CA LYS D 359 -6.62 6.16 -28.42
C LYS D 359 -5.77 7.38 -28.14
N ASN D 360 -4.81 7.66 -29.02
CA ASN D 360 -4.14 8.94 -29.01
C ASN D 360 -4.94 9.96 -29.80
N LYS D 361 -5.05 11.17 -29.26
CA LYS D 361 -5.85 12.22 -29.88
C LYS D 361 -4.91 13.35 -30.28
N VAL D 362 -4.72 13.50 -31.59
CA VAL D 362 -3.61 14.25 -32.15
C VAL D 362 -4.11 15.55 -32.78
N VAL D 363 -3.39 16.64 -32.52
CA VAL D 363 -3.60 17.94 -33.17
C VAL D 363 -2.26 18.52 -33.55
N ALA D 364 -2.24 19.28 -34.64
CA ALA D 364 -1.00 19.91 -35.08
C ALA D 364 -0.79 21.21 -34.33
N ASN D 365 0.46 21.46 -33.94
CA ASN D 365 0.80 22.59 -33.10
C ASN D 365 1.43 23.71 -33.95
PG GTP E . 4.06 -11.61 9.71
O1G GTP E . 2.94 -11.18 8.79
O2G GTP E . 3.78 -11.16 11.15
O3G GTP E . 5.43 -11.18 9.26
O3B GTP E . 4.19 -13.20 9.52
PB GTP E . 3.38 -14.23 10.43
O1B GTP E . 3.79 -15.58 9.91
O2B GTP E . 3.77 -13.96 11.87
O3A GTP E . 1.81 -14.05 10.18
PA GTP E . 0.73 -15.00 10.92
O1A GTP E . 0.09 -14.24 12.08
O2A GTP E . 1.35 -16.28 11.41
O5' GTP E . -0.41 -15.30 9.79
C5' GTP E . -1.73 -14.84 9.90
C4' GTP E . -2.69 -16.02 9.73
O4' GTP E . -2.36 -16.94 10.72
C3' GTP E . -4.16 -15.66 9.94
O3' GTP E . -4.97 -16.28 8.95
C2' GTP E . -4.53 -16.29 11.27
O2' GTP E . -5.83 -16.80 11.11
C1' GTP E . -3.49 -17.40 11.44
N9 GTP E . -2.92 -17.62 12.78
C8 GTP E . -2.02 -16.81 13.42
N7 GTP E . -1.66 -17.37 14.60
C5 GTP E . -2.30 -18.58 14.72
C6 GTP E . -2.30 -19.55 15.74
O6 GTP E . -1.63 -19.46 16.76
N1 GTP E . -3.08 -20.68 15.56
C2 GTP E . -3.84 -20.85 14.43
N2 GTP E . -4.57 -21.95 14.31
N3 GTP E . -3.85 -19.90 13.44
C4 GTP E . -3.09 -18.76 13.57
MG MG F . 4.20 -12.50 13.15
PB GDP G . 0.50 27.76 12.01
O1B GDP G . 0.90 26.31 11.93
O2B GDP G . 1.33 28.51 10.99
O3B GDP G . 0.75 28.29 13.41
O3A GDP G . -1.02 27.76 11.55
PA GDP G . -2.22 27.31 12.50
O1A GDP G . -1.89 26.01 13.24
O2A GDP G . -2.63 28.35 13.50
O5' GDP G . -3.33 27.11 11.35
C5' GDP G . -4.58 27.77 11.33
C4' GDP G . -5.59 26.72 10.98
O4' GDP G . -5.48 25.76 12.04
C3' GDP G . -7.00 27.28 11.01
O3' GDP G . -7.89 26.61 10.10
C2' GDP G . -7.45 27.05 12.44
O2' GDP G . -8.88 26.90 12.38
C1' GDP G . -6.65 25.81 12.87
N9 GDP G . -6.21 25.73 14.30
C8 GDP G . -5.27 26.44 14.93
N7 GDP G . -5.13 26.07 16.23
C5 GDP G . -5.99 25.06 16.44
C6 GDP G . -6.37 24.16 17.55
O6 GDP G . -5.85 24.24 18.69
N1 GDP G . -7.32 23.23 17.31
C2 GDP G . -7.92 23.08 16.11
N2 GDP G . -8.87 22.13 15.93
N3 GDP G . -7.63 23.86 15.06
C4 GDP G . -6.69 24.84 15.16
PG ANP H . 17.95 -3.58 -19.90
O1G ANP H . 18.55 -2.24 -20.23
O2G ANP H . 18.60 -4.01 -18.53
O3G ANP H . 16.37 -3.58 -19.80
PB ANP H . 17.72 -4.07 -22.61
O1B ANP H . 17.87 -2.58 -22.76
O2B ANP H . 16.21 -4.44 -22.60
N3B ANP H . 18.39 -4.58 -21.18
PA ANP H . 19.82 -4.42 -24.41
O1A ANP H . 20.75 -3.78 -23.42
O2A ANP H . 19.55 -3.44 -25.54
O3A ANP H . 18.39 -4.82 -23.81
O5' ANP H . 20.38 -5.83 -24.96
C5' ANP H . 21.25 -6.76 -24.25
C4' ANP H . 22.30 -7.38 -25.16
O4' ANP H . 21.68 -7.97 -26.32
C3' ANP H . 23.37 -6.43 -25.70
O3' ANP H . 24.62 -7.11 -25.78
C2' ANP H . 22.83 -6.07 -27.09
O2' ANP H . 23.91 -5.77 -27.96
C1' ANP H . 22.19 -7.39 -27.50
N9 ANP H . 21.12 -7.33 -28.45
C8 ANP H . 19.79 -7.06 -28.20
N7 ANP H . 19.00 -7.16 -29.22
C5 ANP H . 19.84 -7.60 -30.24
C6 ANP H . 19.62 -7.92 -31.60
N6 ANP H . 18.41 -7.85 -32.18
N1 ANP H . 20.68 -8.29 -32.35
C2 ANP H . 21.88 -8.35 -31.76
N3 ANP H . 22.21 -8.09 -30.49
C4 ANP H . 21.12 -7.71 -29.79
MG MG I . 17.49 -0.55 -21.44
#